data_4CQ1
#
_entry.id   4CQ1
#
_cell.length_a   61.000
_cell.length_b   65.810
_cell.length_c   99.580
_cell.angle_alpha   89.99
_cell.angle_beta   90.00
_cell.angle_gamma   89.99
#
_symmetry.space_group_name_H-M   'P 1'
#
loop_
_entity.id
_entity.type
_entity.pdbx_description
1 polymer 'POLYPYRIMIDINE TRACT-BINDING PROTEIN 2'
2 non-polymer 'ZINC ION'
3 non-polymer 'CHLORIDE ION'
4 water water
#
_entity_poly.entity_id   1
_entity_poly.type   'polypeptide(L)'
_entity_poly.pdbx_seq_one_letter_code
;GNTVLLVSNLNEEMVTPQSLFTLFGVYGDVQRVKILYNKKDSALIQMADGNQSQLAMNHLNGQKMYGKIIRVTLSKHQTV
QLPREGLDDQGLTKDFGNSPLHRFKKPGSKNFQNIFPPSATLHLSNIPPSVAEEDLRTLFANTGGTVKAFKFFQDHKMAL
LQMATVEEAIQALIDLHNYNLGENHHLRVSFSKSTI
;
_entity_poly.pdbx_strand_id   A,B,C,D,E,F,G,H
#
loop_
_chem_comp.id
_chem_comp.type
_chem_comp.name
_chem_comp.formula
CL non-polymer 'CHLORIDE ION' 'Cl -1'
ZN non-polymer 'ZINC ION' 'Zn 2'
#
# COMPACT_ATOMS: atom_id res chain seq x y z
N ASN A 2 -9.27 23.69 12.26
CA ASN A 2 -10.64 23.49 11.71
C ASN A 2 -10.66 23.55 10.17
N THR A 3 -9.89 22.67 9.53
CA THR A 3 -9.83 22.67 8.07
C THR A 3 -10.50 21.45 7.45
N VAL A 4 -11.00 20.54 8.27
CA VAL A 4 -11.59 19.29 7.78
C VAL A 4 -13.11 19.24 7.95
N LEU A 5 -13.81 19.17 6.82
CA LEU A 5 -15.25 19.00 6.80
C LEU A 5 -15.71 17.53 6.78
N LEU A 6 -16.79 17.23 7.50
CA LEU A 6 -17.47 15.94 7.39
C LEU A 6 -18.73 16.11 6.56
N VAL A 7 -18.83 15.36 5.47
CA VAL A 7 -20.00 15.48 4.60
C VAL A 7 -20.72 14.15 4.53
N SER A 8 -21.98 14.15 4.97
CA SER A 8 -22.74 12.91 5.09
C SER A 8 -24.05 12.92 4.29
N ASN A 9 -24.75 11.80 4.33
CA ASN A 9 -25.86 11.56 3.44
C ASN A 9 -25.50 11.75 1.97
N LEU A 10 -24.26 11.42 1.60
CA LEU A 10 -23.88 11.36 0.20
C LEU A 10 -24.54 10.20 -0.55
N ASN A 11 -24.56 10.33 -1.86
CA ASN A 11 -25.03 9.26 -2.71
C ASN A 11 -23.93 8.22 -2.88
N GLU A 12 -24.07 7.11 -2.16
CA GLU A 12 -22.98 6.14 -1.99
C GLU A 12 -22.53 5.60 -3.35
N GLU A 13 -23.49 5.41 -4.25
CA GLU A 13 -23.24 4.78 -5.54
C GLU A 13 -22.66 5.75 -6.56
N MET A 14 -22.98 7.04 -6.43
CA MET A 14 -22.64 8.04 -7.46
C MET A 14 -21.43 8.91 -7.10
N VAL A 15 -21.26 9.25 -5.83
CA VAL A 15 -20.20 10.19 -5.45
C VAL A 15 -18.81 9.65 -5.73
N THR A 16 -17.94 10.52 -6.24
CA THR A 16 -16.49 10.29 -6.26
C THR A 16 -15.76 11.38 -5.50
N PRO A 17 -14.48 11.13 -5.18
CA PRO A 17 -13.57 12.16 -4.72
C PRO A 17 -13.51 13.35 -5.69
N GLN A 18 -13.54 13.10 -7.00
CA GLN A 18 -13.38 14.18 -7.96
C GLN A 18 -14.62 15.07 -7.96
N SER A 19 -15.79 14.48 -7.79
CA SER A 19 -16.99 15.30 -7.73
C SER A 19 -17.00 16.11 -6.43
N LEU A 20 -16.50 15.52 -5.36
CA LEU A 20 -16.41 16.29 -4.12
C LEU A 20 -15.38 17.40 -4.19
N PHE A 21 -14.24 17.12 -4.82
CA PHE A 21 -13.24 18.13 -5.17
C PHE A 21 -13.86 19.32 -5.90
N THR A 22 -14.54 19.01 -6.99
CA THR A 22 -15.15 20.02 -7.83
C THR A 22 -16.16 20.88 -7.07
N LEU A 23 -17.05 20.23 -6.35
CA LEU A 23 -18.15 20.98 -5.71
C LEU A 23 -17.64 21.84 -4.56
N PHE A 24 -16.81 21.27 -3.69
CA PHE A 24 -16.28 22.03 -2.57
C PHE A 24 -15.19 23.02 -2.99
N GLY A 25 -14.59 22.77 -4.15
CA GLY A 25 -13.63 23.68 -4.74
C GLY A 25 -14.18 25.00 -5.23
N VAL A 26 -15.52 25.11 -5.22
CA VAL A 26 -16.20 26.37 -5.50
C VAL A 26 -15.89 27.39 -4.40
N TYR A 27 -15.69 26.92 -3.17
CA TYR A 27 -15.60 27.78 -1.97
C TYR A 27 -14.23 27.81 -1.32
N GLY A 28 -13.35 26.92 -1.75
CA GLY A 28 -11.97 26.92 -1.26
C GLY A 28 -11.14 25.97 -2.10
N ASP A 29 -9.89 25.78 -1.70
CA ASP A 29 -9.05 24.82 -2.38
C ASP A 29 -9.07 23.53 -1.59
N VAL A 30 -9.63 22.48 -2.20
CA VAL A 30 -9.71 21.17 -1.59
C VAL A 30 -8.34 20.47 -1.67
N GLN A 31 -7.78 20.10 -0.51
CA GLN A 31 -6.42 19.57 -0.47
C GLN A 31 -6.42 18.04 -0.59
N ARG A 32 -7.42 17.43 0.04
CA ARG A 32 -7.54 15.99 0.13
C ARG A 32 -9.02 15.63 0.31
N VAL A 33 -9.44 14.52 -0.29
CA VAL A 33 -10.75 13.91 -0.02
C VAL A 33 -10.60 12.44 0.39
N LYS A 34 -11.35 12.05 1.41
CA LYS A 34 -11.49 10.63 1.76
C LYS A 34 -12.94 10.25 1.98
N ILE A 35 -13.48 9.41 1.09
CA ILE A 35 -14.74 8.70 1.35
C ILE A 35 -14.50 7.55 2.32
N LEU A 36 -15.39 7.42 3.31
CA LEU A 36 -15.14 6.52 4.43
C LEU A 36 -15.53 5.08 4.13
N TYR A 37 -14.60 4.16 4.42
CA TYR A 37 -14.72 2.76 4.02
C TYR A 37 -15.91 2.09 4.69
N ASN A 38 -16.12 2.39 5.97
CA ASN A 38 -17.22 1.80 6.73
C ASN A 38 -18.52 2.60 6.68
N LYS A 39 -18.52 3.71 5.94
CA LYS A 39 -19.74 4.51 5.75
C LYS A 39 -19.68 5.34 4.46
N LYS A 40 -19.96 4.69 3.34
CA LYS A 40 -19.55 5.19 2.03
C LYS A 40 -20.43 6.35 1.58
N ASP A 41 -21.50 6.61 2.33
CA ASP A 41 -22.30 7.85 2.23
C ASP A 41 -21.68 9.04 2.98
N SER A 42 -20.49 8.86 3.55
CA SER A 42 -19.83 9.96 4.24
C SER A 42 -18.41 10.14 3.73
N ALA A 43 -17.90 11.36 3.81
CA ALA A 43 -16.57 11.65 3.34
C ALA A 43 -15.93 12.81 4.13
N LEU A 44 -14.62 12.79 4.19
CA LEU A 44 -13.85 13.85 4.79
C LEU A 44 -13.26 14.71 3.70
N ILE A 45 -13.31 16.02 3.91
CA ILE A 45 -12.77 16.99 2.96
C ILE A 45 -11.89 18.01 3.67
N GLN A 46 -10.63 18.10 3.27
CA GLN A 46 -9.69 19.02 3.88
C GLN A 46 -9.54 20.25 2.99
N MET A 47 -9.87 21.42 3.54
CA MET A 47 -9.66 22.67 2.82
C MET A 47 -8.28 23.24 3.14
N ALA A 48 -7.88 24.26 2.38
CA ALA A 48 -6.60 24.91 2.62
C ALA A 48 -6.57 25.60 3.99
N ASP A 49 -7.68 26.21 4.40
CA ASP A 49 -7.76 26.84 5.72
C ASP A 49 -9.17 26.86 6.32
N GLY A 50 -9.29 27.46 7.50
CA GLY A 50 -10.54 27.43 8.28
C GLY A 50 -11.64 28.32 7.74
N ASN A 51 -11.27 29.41 7.08
CA ASN A 51 -12.26 30.29 6.46
C ASN A 51 -12.91 29.58 5.29
N GLN A 52 -12.09 28.88 4.52
CA GLN A 52 -12.58 28.10 3.42
C GLN A 52 -13.54 27.02 3.90
N SER A 53 -13.19 26.34 4.99
CA SER A 53 -14.05 25.29 5.53
C SER A 53 -15.41 25.82 5.98
N GLN A 54 -15.43 26.94 6.70
CA GLN A 54 -16.68 27.51 7.20
C GLN A 54 -17.53 28.08 6.06
N LEU A 55 -16.89 28.52 4.98
CA LEU A 55 -17.60 29.01 3.82
C LEU A 55 -18.26 27.88 3.07
N ALA A 56 -17.52 26.81 2.86
CA ALA A 56 -18.05 25.66 2.13
C ALA A 56 -19.21 25.04 2.92
N MET A 57 -19.03 24.95 4.23
CA MET A 57 -20.03 24.36 5.10
C MET A 57 -21.31 25.19 5.01
N ASN A 58 -21.17 26.50 5.15
CA ASN A 58 -22.32 27.41 5.14
C ASN A 58 -23.15 27.36 3.86
N HIS A 59 -22.48 27.25 2.71
CA HIS A 59 -23.17 27.33 1.43
C HIS A 59 -23.62 25.96 0.88
N LEU A 60 -23.00 24.88 1.33
CA LEU A 60 -23.32 23.57 0.76
C LEU A 60 -24.17 22.69 1.68
N ASN A 61 -24.17 22.99 2.97
CA ASN A 61 -24.98 22.23 3.89
C ASN A 61 -26.43 22.34 3.48
N GLY A 62 -27.10 21.22 3.30
CA GLY A 62 -28.52 21.23 2.90
C GLY A 62 -28.79 21.29 1.40
N GLN A 63 -27.72 21.28 0.60
CA GLN A 63 -27.86 21.29 -0.85
C GLN A 63 -28.01 19.87 -1.42
N LYS A 64 -28.58 19.78 -2.61
CA LYS A 64 -28.89 18.51 -3.24
C LYS A 64 -27.77 18.10 -4.21
N MET A 65 -27.11 16.97 -3.90
CA MET A 65 -25.98 16.47 -4.70
C MET A 65 -26.19 14.99 -5.03
N TYR A 66 -26.14 14.67 -6.32
CA TYR A 66 -26.63 13.38 -6.84
C TYR A 66 -27.93 12.91 -6.18
N GLY A 67 -28.91 13.81 -6.10
CA GLY A 67 -30.25 13.42 -5.68
C GLY A 67 -30.49 13.48 -4.17
N LYS A 68 -29.43 13.65 -3.38
CA LYS A 68 -29.54 13.56 -1.92
C LYS A 68 -29.16 14.89 -1.23
N ILE A 69 -29.85 15.18 -0.13
CA ILE A 69 -29.59 16.38 0.65
C ILE A 69 -28.39 16.17 1.57
N ILE A 70 -27.28 16.81 1.27
CA ILE A 70 -26.06 16.50 2.00
C ILE A 70 -26.04 17.26 3.34
N ARG A 71 -25.33 16.70 4.31
CA ARG A 71 -25.07 17.40 5.56
C ARG A 71 -23.57 17.68 5.68
N VAL A 72 -23.22 18.94 5.89
CA VAL A 72 -21.82 19.35 6.00
C VAL A 72 -21.59 19.97 7.39
N THR A 73 -20.72 19.33 8.18
CA THR A 73 -20.29 19.83 9.48
C THR A 73 -18.77 19.85 9.59
N LEU A 74 -18.25 20.46 10.66
CA LEU A 74 -16.82 20.43 10.93
C LEU A 74 -16.46 19.09 11.54
N SER A 75 -15.46 18.42 10.95
CA SER A 75 -14.96 17.12 11.43
C SER A 75 -14.28 17.25 12.78
N LYS A 76 -14.22 16.14 13.48
CA LYS A 76 -13.35 16.00 14.64
C LYS A 76 -11.89 15.83 14.23
N HIS A 77 -11.66 15.48 12.97
CA HIS A 77 -10.29 15.24 12.47
C HIS A 77 -9.52 16.55 12.27
N GLN A 78 -8.21 16.50 12.49
CA GLN A 78 -7.35 17.66 12.27
C GLN A 78 -6.82 17.71 10.84
N THR A 79 -6.47 16.55 10.30
CA THR A 79 -6.13 16.42 8.88
C THR A 79 -6.75 15.16 8.32
N VAL A 80 -6.56 14.96 7.03
CA VAL A 80 -7.08 13.80 6.35
C VAL A 80 -5.91 12.92 5.93
N GLN A 81 -5.75 11.79 6.60
CA GLN A 81 -4.55 10.98 6.42
C GLN A 81 -4.62 10.22 5.10
N LEU A 82 -3.53 10.24 4.35
CA LEU A 82 -3.40 9.42 3.15
C LEU A 82 -3.02 7.98 3.51
N PRO A 83 -3.39 7.02 2.65
CA PRO A 83 -3.05 5.62 2.92
C PRO A 83 -1.62 5.27 2.51
N ARG A 84 -1.14 4.12 2.94
CA ARG A 84 0.23 3.68 2.65
C ARG A 84 0.58 3.95 1.19
N ASP A 89 -6.58 2.76 -3.15
CA ASP A 89 -6.87 1.33 -3.24
C ASP A 89 -8.04 1.09 -4.17
N GLN A 90 -9.26 1.26 -3.63
CA GLN A 90 -10.43 1.45 -4.47
C GLN A 90 -10.59 2.94 -4.77
N GLY A 91 -9.54 3.70 -4.48
CA GLY A 91 -9.49 5.12 -4.87
C GLY A 91 -10.49 5.96 -4.09
N LEU A 92 -10.78 5.55 -2.86
CA LEU A 92 -11.68 6.31 -1.99
C LEU A 92 -10.98 7.58 -1.47
N THR A 93 -9.66 7.55 -1.47
CA THR A 93 -8.88 8.71 -1.08
C THR A 93 -8.27 9.36 -2.31
N LYS A 94 -8.01 10.66 -2.20
CA LYS A 94 -7.36 11.36 -3.29
C LYS A 94 -6.60 12.59 -2.78
N ASP A 95 -5.36 12.70 -3.22
CA ASP A 95 -4.52 13.84 -2.86
C ASP A 95 -4.64 14.87 -3.97
N PHE A 96 -5.00 16.09 -3.61
CA PHE A 96 -5.19 17.16 -4.60
C PHE A 96 -4.23 18.31 -4.34
N GLY A 97 -3.11 17.99 -3.70
CA GLY A 97 -2.10 18.99 -3.39
C GLY A 97 -1.63 19.72 -4.62
N ASN A 98 -1.48 21.04 -4.47
CA ASN A 98 -1.11 21.92 -5.58
C ASN A 98 -1.82 21.59 -6.90
N SER A 99 -3.12 21.28 -6.82
CA SER A 99 -3.87 21.02 -8.05
C SER A 99 -3.88 22.24 -8.98
N PRO A 100 -3.70 21.99 -10.28
CA PRO A 100 -3.84 23.09 -11.24
C PRO A 100 -5.27 23.62 -11.31
N LEU A 101 -6.23 22.87 -10.76
CA LEU A 101 -7.64 23.23 -10.80
C LEU A 101 -8.13 24.01 -9.56
N HIS A 102 -7.21 24.34 -8.65
CA HIS A 102 -7.55 25.15 -7.48
C HIS A 102 -7.88 26.58 -7.87
N ARG A 103 -9.09 27.02 -7.55
CA ARG A 103 -9.53 28.33 -7.95
C ARG A 103 -8.87 29.47 -7.20
N PHE A 104 -8.43 29.21 -5.96
CA PHE A 104 -8.01 30.27 -5.07
C PHE A 104 -6.49 30.32 -4.90
N LYS A 105 -5.78 29.89 -5.94
CA LYS A 105 -4.33 29.99 -5.99
C LYS A 105 -3.84 31.43 -5.86
N LYS A 106 -4.49 32.37 -6.55
CA LYS A 106 -3.96 33.71 -6.70
C LYS A 106 -4.34 34.58 -5.52
N PRO A 107 -3.38 35.35 -4.99
CA PRO A 107 -3.69 36.38 -3.99
C PRO A 107 -4.96 37.13 -4.34
N GLY A 108 -5.86 37.26 -3.38
CA GLY A 108 -7.05 38.11 -3.52
C GLY A 108 -8.19 37.47 -4.30
N SER A 109 -8.10 36.17 -4.53
CA SER A 109 -8.98 35.48 -5.48
C SER A 109 -10.39 35.30 -4.92
N LYS A 110 -10.53 35.52 -3.61
CA LYS A 110 -11.82 35.37 -2.95
C LYS A 110 -12.89 36.26 -3.61
N ASN A 111 -12.44 37.32 -4.26
CA ASN A 111 -13.38 38.32 -4.81
C ASN A 111 -13.62 38.17 -6.31
N PHE A 112 -12.88 37.26 -6.94
CA PHE A 112 -12.90 37.16 -8.40
C PHE A 112 -13.29 35.76 -8.86
N GLN A 113 -13.81 34.95 -7.94
CA GLN A 113 -14.24 33.60 -8.30
C GLN A 113 -15.77 33.44 -8.15
N ASN A 114 -16.49 34.55 -8.15
CA ASN A 114 -17.95 34.48 -8.15
C ASN A 114 -18.48 33.74 -6.93
N ILE A 115 -17.78 33.85 -5.80
CA ILE A 115 -18.24 33.25 -4.55
C ILE A 115 -19.68 33.63 -4.20
N PHE A 116 -20.61 32.73 -4.48
CA PHE A 116 -22.04 32.94 -4.24
C PHE A 116 -22.67 31.62 -3.78
N PRO A 117 -23.87 31.71 -3.16
CA PRO A 117 -24.56 30.45 -2.87
C PRO A 117 -24.97 29.72 -4.15
N PRO A 118 -25.18 28.39 -4.07
CA PRO A 118 -25.70 27.59 -5.17
C PRO A 118 -26.95 28.19 -5.83
N SER A 119 -26.87 28.36 -7.14
CA SER A 119 -27.75 29.25 -7.88
C SER A 119 -28.11 28.60 -9.21
N ALA A 120 -29.36 28.75 -9.66
CA ALA A 120 -29.82 28.03 -10.86
C ALA A 120 -29.15 28.59 -12.11
N THR A 121 -28.81 29.88 -12.02
CA THR A 121 -28.01 30.53 -13.03
C THR A 121 -26.53 30.28 -12.76
N LEU A 122 -25.85 29.81 -13.80
CA LEU A 122 -24.41 29.59 -13.76
C LEU A 122 -23.73 30.67 -14.58
N HIS A 123 -22.52 31.02 -14.16
CA HIS A 123 -21.65 31.90 -14.90
C HIS A 123 -20.57 31.08 -15.61
N LEU A 124 -20.49 31.22 -16.94
CA LEU A 124 -19.51 30.51 -17.77
C LEU A 124 -18.42 31.47 -18.19
N SER A 125 -17.17 31.00 -18.17
CA SER A 125 -16.07 31.80 -18.67
C SER A 125 -15.04 30.97 -19.43
N ASN A 126 -14.10 31.66 -20.06
CA ASN A 126 -13.14 31.04 -20.97
C ASN A 126 -13.78 30.30 -22.14
N ILE A 127 -14.85 30.87 -22.71
CA ILE A 127 -15.46 30.29 -23.89
C ILE A 127 -14.65 30.72 -25.11
N PRO A 128 -14.32 29.78 -26.00
CA PRO A 128 -13.61 30.10 -27.25
C PRO A 128 -14.57 30.44 -28.39
N PRO A 129 -14.11 31.22 -29.38
CA PRO A 129 -14.98 31.62 -30.49
C PRO A 129 -15.50 30.43 -31.27
N SER A 130 -16.58 30.63 -32.01
CA SER A 130 -17.20 29.53 -32.72
C SER A 130 -17.51 28.37 -31.76
N VAL A 131 -17.73 28.70 -30.49
CA VAL A 131 -18.68 27.93 -29.70
C VAL A 131 -20.01 28.66 -29.73
N ALA A 132 -21.02 28.00 -30.26
CA ALA A 132 -22.34 28.64 -30.37
C ALA A 132 -23.09 28.53 -29.07
N GLU A 133 -24.16 29.31 -29.00
CA GLU A 133 -25.18 29.11 -27.98
C GLU A 133 -25.78 27.71 -28.02
N GLU A 134 -26.26 27.26 -29.18
CA GLU A 134 -26.89 25.96 -29.26
C GLU A 134 -25.94 24.88 -28.73
N ASP A 135 -24.63 25.08 -28.93
CA ASP A 135 -23.61 24.13 -28.48
C ASP A 135 -23.57 24.04 -26.94
N LEU A 136 -23.57 25.19 -26.27
CA LEU A 136 -23.55 25.23 -24.80
C LEU A 136 -24.88 24.83 -24.18
N ARG A 137 -25.99 25.20 -24.82
CA ARG A 137 -27.31 24.74 -24.39
C ARG A 137 -27.40 23.22 -24.40
N THR A 138 -26.97 22.62 -25.51
CA THR A 138 -27.04 21.18 -25.66
C THR A 138 -26.11 20.49 -24.67
N LEU A 139 -24.91 21.04 -24.47
CA LEU A 139 -23.93 20.44 -23.55
C LEU A 139 -24.51 20.42 -22.12
N PHE A 140 -25.05 21.56 -21.70
CA PHE A 140 -25.68 21.64 -20.40
C PHE A 140 -26.97 20.82 -20.28
N ALA A 141 -27.81 20.84 -21.31
CA ALA A 141 -29.01 20.01 -21.28
C ALA A 141 -28.65 18.52 -21.12
N ASN A 142 -27.49 18.14 -21.64
CA ASN A 142 -27.06 16.75 -21.66
C ASN A 142 -26.53 16.25 -20.30
N THR A 143 -26.35 17.17 -19.35
CA THR A 143 -26.13 16.76 -17.94
C THR A 143 -27.44 16.36 -17.26
N GLY A 144 -28.52 16.34 -18.01
CA GLY A 144 -29.77 15.74 -17.56
C GLY A 144 -30.80 16.79 -17.16
N GLY A 145 -30.38 18.06 -17.21
CA GLY A 145 -31.26 19.15 -16.84
C GLY A 145 -31.94 19.80 -18.03
N THR A 146 -32.67 20.87 -17.79
CA THR A 146 -33.22 21.68 -18.85
C THR A 146 -32.69 23.10 -18.72
N VAL A 147 -32.33 23.67 -19.85
CA VAL A 147 -31.73 24.98 -19.86
C VAL A 147 -32.84 25.99 -20.14
N LYS A 148 -33.10 26.87 -19.17
CA LYS A 148 -34.23 27.79 -19.27
C LYS A 148 -33.88 29.09 -19.99
N ALA A 149 -32.67 29.57 -19.75
CA ALA A 149 -32.24 30.85 -20.26
C ALA A 149 -30.75 30.80 -20.57
N PHE A 150 -30.31 31.77 -21.37
CA PHE A 150 -28.93 31.83 -21.79
C PHE A 150 -28.62 33.25 -22.25
N LYS A 151 -27.42 33.71 -21.95
CA LYS A 151 -26.97 35.04 -22.38
C LYS A 151 -25.46 35.12 -22.50
N PHE A 152 -24.96 35.45 -23.70
CA PHE A 152 -23.56 35.83 -23.89
C PHE A 152 -23.30 37.23 -23.33
N PHE A 153 -22.11 37.40 -22.76
CA PHE A 153 -21.57 38.73 -22.53
C PHE A 153 -20.86 39.24 -23.80
N GLN A 154 -20.43 40.49 -23.77
CA GLN A 154 -20.18 41.26 -25.00
C GLN A 154 -19.14 40.64 -25.92
N ASP A 155 -18.25 39.81 -25.36
CA ASP A 155 -17.15 39.24 -26.14
C ASP A 155 -17.36 37.77 -26.47
N HIS A 156 -18.34 37.15 -25.80
CA HIS A 156 -18.63 35.74 -25.97
C HIS A 156 -17.57 34.86 -25.34
N LYS A 157 -16.67 35.47 -24.59
CA LYS A 157 -15.74 34.71 -23.76
C LYS A 157 -16.50 34.20 -22.54
N MET A 158 -17.56 34.91 -22.15
CA MET A 158 -18.35 34.53 -20.98
C MET A 158 -19.84 34.45 -21.31
N ALA A 159 -20.61 33.84 -20.41
CA ALA A 159 -22.05 33.70 -20.58
C ALA A 159 -22.74 33.40 -19.24
N LEU A 160 -24.02 33.76 -19.16
CA LEU A 160 -24.87 33.21 -18.13
C LEU A 160 -25.75 32.11 -18.70
N LEU A 161 -26.01 31.08 -17.90
CA LEU A 161 -26.87 29.99 -18.31
C LEU A 161 -27.70 29.45 -17.16
N GLN A 162 -29.02 29.51 -17.31
CA GLN A 162 -29.92 29.22 -16.21
C GLN A 162 -30.53 27.85 -16.40
N MET A 163 -30.22 26.94 -15.50
CA MET A 163 -30.89 25.66 -15.45
C MET A 163 -32.23 25.80 -14.72
N ALA A 164 -33.02 24.74 -14.75
CA ALA A 164 -34.38 24.75 -14.21
C ALA A 164 -34.37 24.98 -12.71
N THR A 165 -33.35 24.45 -12.04
CA THR A 165 -33.26 24.48 -10.59
C THR A 165 -31.81 24.59 -10.12
N VAL A 166 -31.66 24.88 -8.83
CA VAL A 166 -30.35 24.87 -8.18
C VAL A 166 -29.75 23.46 -8.23
N GLU A 167 -30.60 22.44 -8.10
CA GLU A 167 -30.13 21.06 -8.12
C GLU A 167 -29.44 20.78 -9.46
N GLU A 168 -30.09 21.20 -10.53
CA GLU A 168 -29.60 20.96 -11.87
C GLU A 168 -28.36 21.78 -12.19
N ALA A 169 -28.21 22.93 -11.52
CA ALA A 169 -27.02 23.73 -11.72
C ALA A 169 -25.83 23.09 -11.03
N ILE A 170 -26.05 22.52 -9.85
CA ILE A 170 -24.99 21.83 -9.13
C ILE A 170 -24.48 20.64 -9.95
N GLN A 171 -25.41 19.88 -10.51
CA GLN A 171 -25.06 18.74 -11.35
C GLN A 171 -24.24 19.20 -12.55
N ALA A 172 -24.73 20.19 -13.26
CA ALA A 172 -24.00 20.76 -14.39
C ALA A 172 -22.60 21.27 -14.04
N LEU A 173 -22.49 22.02 -12.94
CA LEU A 173 -21.21 22.55 -12.53
C LEU A 173 -20.23 21.40 -12.28
N ILE A 174 -20.70 20.35 -11.61
CA ILE A 174 -19.86 19.20 -11.26
C ILE A 174 -19.37 18.53 -12.55
N ASP A 175 -20.27 18.42 -13.52
CA ASP A 175 -19.96 17.74 -14.76
C ASP A 175 -19.07 18.55 -15.71
N LEU A 176 -19.27 19.86 -15.76
CA LEU A 176 -18.75 20.65 -16.89
C LEU A 176 -17.66 21.68 -16.53
N HIS A 177 -17.42 21.93 -15.25
CA HIS A 177 -16.28 22.75 -14.90
C HIS A 177 -15.04 22.08 -15.47
N ASN A 178 -14.19 22.87 -16.11
CA ASN A 178 -13.01 22.36 -16.80
C ASN A 178 -13.30 21.48 -18.02
N TYR A 179 -14.51 21.55 -18.57
CA TYR A 179 -14.81 20.82 -19.80
C TYR A 179 -13.99 21.40 -20.96
N ASN A 180 -13.45 20.52 -21.79
CA ASN A 180 -12.66 20.98 -22.93
C ASN A 180 -13.56 21.37 -24.10
N LEU A 181 -13.64 22.66 -24.38
CA LEU A 181 -14.51 23.20 -25.42
C LEU A 181 -13.79 23.26 -26.78
N GLY A 182 -12.51 22.94 -26.78
CA GLY A 182 -11.73 22.98 -28.01
C GLY A 182 -10.85 24.21 -28.08
N GLU A 183 -10.19 24.40 -29.21
CA GLU A 183 -8.91 25.07 -29.20
C GLU A 183 -8.12 24.46 -28.05
N ASN A 184 -7.64 25.29 -27.15
CA ASN A 184 -7.11 24.79 -25.88
C ASN A 184 -7.86 25.40 -24.71
N HIS A 185 -9.18 25.49 -24.84
CA HIS A 185 -10.01 26.24 -23.91
C HIS A 185 -10.78 25.28 -23.01
N HIS A 186 -10.55 25.39 -21.71
CA HIS A 186 -11.33 24.63 -20.76
C HIS A 186 -12.33 25.55 -20.09
N LEU A 187 -13.59 25.13 -20.06
CA LEU A 187 -14.70 25.93 -19.51
C LEU A 187 -14.57 26.08 -17.99
N ARG A 188 -14.86 27.27 -17.49
CA ARG A 188 -15.00 27.47 -16.06
C ARG A 188 -16.46 27.78 -15.74
N VAL A 189 -17.03 27.02 -14.82
CA VAL A 189 -18.40 27.18 -14.38
C VAL A 189 -18.39 27.61 -12.92
N SER A 190 -19.14 28.67 -12.63
CA SER A 190 -19.31 29.17 -11.26
C SER A 190 -20.78 29.45 -11.01
N PHE A 191 -21.14 29.70 -9.74
CA PHE A 191 -22.46 30.18 -9.43
C PHE A 191 -22.52 31.69 -9.71
N SER A 192 -23.72 32.24 -9.61
CA SER A 192 -23.97 33.64 -9.96
C SER A 192 -25.08 34.18 -9.04
N LYS A 193 -25.03 35.47 -8.72
CA LYS A 193 -26.17 36.12 -8.07
C LYS A 193 -27.00 36.86 -9.11
N SER A 194 -26.45 36.99 -10.31
CA SER A 194 -27.13 37.68 -11.40
C SER A 194 -28.24 36.85 -12.01
N THR A 195 -29.05 37.49 -12.85
CA THR A 195 -30.22 36.87 -13.44
C THR A 195 -30.39 37.39 -14.85
N ILE A 196 -30.83 36.51 -15.75
CA ILE A 196 -30.81 36.81 -17.18
C ILE A 196 -32.02 37.66 -17.58
N GLY B 1 39.74 3.12 40.61
CA GLY B 1 39.42 4.51 40.20
C GLY B 1 38.11 4.61 39.43
N ASN B 2 37.28 3.58 39.57
CA ASN B 2 36.01 3.52 38.85
C ASN B 2 36.16 3.57 37.34
N THR B 3 37.14 2.85 36.79
CA THR B 3 37.25 2.71 35.33
C THR B 3 36.46 1.53 34.78
N VAL B 4 36.06 0.60 35.65
CA VAL B 4 35.38 -0.62 35.20
C VAL B 4 33.88 -0.62 35.44
N LEU B 5 33.16 -0.68 34.33
CA LEU B 5 31.74 -0.91 34.29
C LEU B 5 31.38 -2.40 34.24
N LEU B 6 30.28 -2.75 34.89
CA LEU B 6 29.59 -4.02 34.75
C LEU B 6 28.31 -3.85 33.93
N VAL B 7 28.26 -4.56 32.81
CA VAL B 7 27.16 -4.47 31.85
C VAL B 7 26.43 -5.80 31.79
N SER B 8 25.13 -5.78 32.05
CA SER B 8 24.38 -7.02 32.21
C SER B 8 23.05 -6.94 31.44
N ASN B 9 22.33 -8.05 31.42
CA ASN B 9 21.20 -8.26 30.52
C ASN B 9 21.58 -8.10 29.05
N LEU B 10 22.82 -8.46 28.74
CA LEU B 10 23.22 -8.61 27.34
C LEU B 10 22.58 -9.80 26.66
N ASN B 11 22.51 -9.69 25.34
CA ASN B 11 22.01 -10.74 24.46
C ASN B 11 23.15 -11.73 24.29
N GLU B 12 23.05 -12.86 25.01
CA GLU B 12 24.14 -13.80 25.18
C GLU B 12 24.70 -14.27 23.85
N GLU B 13 23.80 -14.54 22.92
CA GLU B 13 24.14 -15.22 21.69
C GLU B 13 24.68 -14.24 20.64
N MET B 14 24.30 -12.96 20.74
CA MET B 14 24.63 -11.98 19.71
C MET B 14 25.84 -11.11 20.08
N VAL B 15 25.95 -10.73 21.35
CA VAL B 15 26.97 -9.77 21.75
C VAL B 15 28.42 -10.25 21.56
N THR B 16 29.31 -9.32 21.24
CA THR B 16 30.74 -9.59 21.22
C THR B 16 31.54 -8.47 21.87
N PRO B 17 32.80 -8.78 22.25
CA PRO B 17 33.71 -7.72 22.71
C PRO B 17 33.78 -6.56 21.73
N GLN B 18 33.64 -6.86 20.45
CA GLN B 18 33.76 -5.85 19.41
C GLN B 18 32.58 -4.88 19.46
N SER B 19 31.37 -5.41 19.64
CA SER B 19 30.20 -4.54 19.61
C SER B 19 30.13 -3.72 20.91
N LEU B 20 30.58 -4.32 22.01
CA LEU B 20 30.64 -3.58 23.26
C LEU B 20 31.65 -2.44 23.18
N PHE B 21 32.74 -2.75 22.51
CA PHE B 21 33.79 -1.80 22.27
C PHE B 21 33.27 -0.60 21.48
N THR B 22 32.56 -0.91 20.40
CA THR B 22 31.97 0.13 19.57
C THR B 22 30.95 0.97 20.32
N LEU B 23 30.01 0.33 21.00
CA LEU B 23 28.89 1.06 21.62
C LEU B 23 29.40 1.91 22.78
N PHE B 24 30.22 1.33 23.65
CA PHE B 24 30.74 2.12 24.76
C PHE B 24 31.78 3.13 24.30
N GLY B 25 32.44 2.82 23.19
CA GLY B 25 33.38 3.74 22.59
C GLY B 25 32.79 5.06 22.13
N VAL B 26 31.46 5.14 22.06
CA VAL B 26 30.79 6.43 21.80
C VAL B 26 31.16 7.47 22.87
N TYR B 27 31.34 7.01 24.11
CA TYR B 27 31.42 7.90 25.29
C TYR B 27 32.80 8.00 25.93
N GLY B 28 33.71 7.12 25.52
CA GLY B 28 35.05 7.05 26.10
C GLY B 28 35.88 6.04 25.36
N ASP B 29 37.12 5.87 25.76
CA ASP B 29 38.00 4.95 25.07
C ASP B 29 38.05 3.64 25.83
N VAL B 30 37.47 2.60 25.25
CA VAL B 30 37.38 1.30 25.89
C VAL B 30 38.73 0.59 25.75
N GLN B 31 39.32 0.22 26.89
CA GLN B 31 40.67 -0.34 26.92
C GLN B 31 40.63 -1.85 26.80
N ARG B 32 39.69 -2.48 27.51
CA ARG B 32 39.59 -3.93 27.52
C ARG B 32 38.13 -4.30 27.72
N VAL B 33 37.73 -5.44 27.17
CA VAL B 33 36.39 -5.98 27.38
C VAL B 33 36.49 -7.45 27.73
N LYS B 34 35.68 -7.88 28.70
CA LYS B 34 35.61 -9.28 29.09
C LYS B 34 34.16 -9.69 29.30
N ILE B 35 33.67 -10.60 28.46
CA ILE B 35 32.37 -11.21 28.71
C ILE B 35 32.58 -12.34 29.71
N LEU B 36 31.66 -12.47 30.66
CA LEU B 36 31.94 -13.32 31.82
C LEU B 36 31.64 -14.78 31.50
N TYR B 37 32.60 -15.66 31.79
CA TYR B 37 32.49 -17.07 31.41
C TYR B 37 31.23 -17.73 31.97
N ASN B 38 30.96 -17.49 33.25
CA ASN B 38 29.84 -18.15 33.93
C ASN B 38 28.61 -17.26 34.00
N LYS B 39 28.62 -16.19 33.20
CA LYS B 39 27.42 -15.39 32.98
C LYS B 39 27.57 -14.60 31.68
N LYS B 40 27.19 -15.23 30.57
CA LYS B 40 27.47 -14.70 29.26
C LYS B 40 26.49 -13.57 28.90
N ASP B 41 25.56 -13.28 29.80
CA ASP B 41 24.71 -12.09 29.68
C ASP B 41 25.37 -10.86 30.31
N SER B 42 26.58 -11.02 30.84
CA SER B 42 27.26 -9.91 31.50
C SER B 42 28.70 -9.75 31.02
N ALA B 43 29.23 -8.54 31.17
CA ALA B 43 30.53 -8.20 30.63
C ALA B 43 31.12 -7.09 31.48
N LEU B 44 32.43 -7.13 31.67
CA LEU B 44 33.17 -6.03 32.26
C LEU B 44 33.79 -5.17 31.18
N ILE B 45 33.69 -3.85 31.35
CA ILE B 45 34.21 -2.89 30.39
C ILE B 45 35.07 -1.84 31.10
N GLN B 46 36.35 -1.77 30.73
CA GLN B 46 37.27 -0.85 31.37
C GLN B 46 37.46 0.35 30.48
N MET B 47 37.12 1.52 31.00
CA MET B 47 37.34 2.77 30.28
C MET B 47 38.72 3.39 30.58
N ALA B 48 39.05 4.47 29.88
CA ALA B 48 40.35 5.12 30.10
C ALA B 48 40.39 5.82 31.46
N ASP B 49 39.25 6.35 31.88
CA ASP B 49 39.18 7.03 33.17
C ASP B 49 37.77 6.98 33.74
N GLY B 50 37.57 7.65 34.87
CA GLY B 50 36.33 7.54 35.63
C GLY B 50 35.24 8.45 35.11
N ASN B 51 35.60 9.57 34.49
CA ASN B 51 34.57 10.39 33.87
C ASN B 51 33.94 9.67 32.67
N GLN B 52 34.78 9.05 31.85
CA GLN B 52 34.31 8.21 30.76
C GLN B 52 33.35 7.10 31.22
N SER B 53 33.65 6.47 32.34
CA SER B 53 32.81 5.38 32.83
C SER B 53 31.46 5.91 33.31
N GLN B 54 31.47 7.03 34.03
CA GLN B 54 30.23 7.71 34.44
C GLN B 54 29.41 8.18 33.24
N LEU B 55 30.06 8.81 32.26
CA LEU B 55 29.37 9.27 31.05
C LEU B 55 28.70 8.09 30.34
N ALA B 56 29.44 7.01 30.19
CA ALA B 56 28.90 5.83 29.50
C ALA B 56 27.74 5.20 30.28
N MET B 57 27.90 5.08 31.60
CA MET B 57 26.83 4.55 32.43
C MET B 57 25.56 5.37 32.23
N ASN B 58 25.68 6.69 32.39
CA ASN B 58 24.52 7.56 32.36
C ASN B 58 23.77 7.52 31.01
N HIS B 59 24.51 7.52 29.92
CA HIS B 59 23.89 7.48 28.59
C HIS B 59 23.41 6.09 28.15
N LEU B 60 24.07 5.02 28.57
CA LEU B 60 23.73 3.69 28.04
C LEU B 60 22.91 2.76 28.93
N ASN B 61 22.90 2.97 30.24
CA ASN B 61 21.99 2.24 31.10
C ASN B 61 20.57 2.46 30.63
N GLY B 62 19.85 1.38 30.36
CA GLY B 62 18.45 1.45 29.89
C GLY B 62 18.28 1.55 28.38
N GLN B 63 19.38 1.52 27.64
CA GLN B 63 19.29 1.51 26.19
C GLN B 63 19.17 0.07 25.66
N LYS B 64 18.70 -0.08 24.42
CA LYS B 64 18.54 -1.40 23.83
C LYS B 64 19.75 -1.80 22.99
N MET B 65 20.30 -2.98 23.28
CA MET B 65 21.36 -3.56 22.47
C MET B 65 20.97 -5.00 22.14
N TYR B 66 20.97 -5.33 20.84
CA TYR B 66 20.56 -6.64 20.32
C TYR B 66 19.25 -7.10 20.98
N GLY B 67 18.31 -6.17 21.07
CA GLY B 67 16.93 -6.49 21.47
C GLY B 67 16.63 -6.51 22.95
N LYS B 68 17.62 -6.30 23.79
CA LYS B 68 17.42 -6.30 25.24
C LYS B 68 17.87 -4.98 25.85
N ILE B 69 17.13 -4.56 26.87
CA ILE B 69 17.54 -3.42 27.69
C ILE B 69 18.74 -3.74 28.58
N ILE B 70 19.88 -3.09 28.31
CA ILE B 70 21.09 -3.31 29.10
C ILE B 70 21.08 -2.52 30.38
N ARG B 71 21.76 -3.08 31.37
CA ARG B 71 21.97 -2.41 32.63
C ARG B 71 23.46 -2.15 32.76
N VAL B 72 23.80 -0.94 33.13
CA VAL B 72 25.18 -0.55 33.30
C VAL B 72 25.35 0.05 34.69
N THR B 73 26.28 -0.51 35.45
CA THR B 73 26.64 -0.01 36.77
C THR B 73 28.16 0.00 36.93
N LEU B 74 28.64 0.59 38.01
CA LEU B 74 30.08 0.59 38.30
C LEU B 74 30.43 -0.74 38.94
N SER B 75 31.37 -1.47 38.34
CA SER B 75 31.79 -2.78 38.86
C SER B 75 32.70 -2.63 40.08
N LYS B 76 32.76 -3.68 40.90
CA LYS B 76 33.67 -3.72 42.06
C LYS B 76 35.11 -4.10 41.69
N HIS B 77 35.38 -4.26 40.39
CA HIS B 77 36.72 -4.52 39.86
C HIS B 77 37.49 -3.23 39.59
N GLN B 78 38.77 -3.23 39.92
CA GLN B 78 39.64 -2.11 39.61
C GLN B 78 40.14 -2.14 38.18
N THR B 79 40.34 -3.35 37.65
CA THR B 79 40.79 -3.51 36.29
C THR B 79 40.18 -4.78 35.71
N VAL B 80 40.32 -4.94 34.40
CA VAL B 80 39.87 -6.13 33.71
C VAL B 80 41.10 -6.95 33.32
N GLN B 81 41.17 -8.15 33.88
CA GLN B 81 42.36 -8.98 33.78
C GLN B 81 42.41 -9.68 32.42
N LEU B 82 43.54 -9.53 31.73
CA LEU B 82 43.80 -10.32 30.53
C LEU B 82 44.23 -11.74 30.91
N PRO B 83 43.87 -12.73 30.07
CA PRO B 83 44.27 -14.12 30.32
C PRO B 83 45.76 -14.34 30.10
N ARG B 84 46.27 -15.52 30.44
CA ARG B 84 47.67 -15.86 30.21
C ARG B 84 48.06 -15.53 28.76
N ASP B 89 41.31 -17.94 24.17
CA ASP B 89 41.01 -19.15 23.39
C ASP B 89 39.60 -19.12 22.82
N GLN B 90 38.68 -18.50 23.56
CA GLN B 90 37.29 -18.40 23.12
C GLN B 90 36.93 -16.96 22.75
N GLY B 91 37.93 -16.08 22.80
CA GLY B 91 37.74 -14.68 22.45
C GLY B 91 36.59 -14.02 23.20
N LEU B 92 36.39 -14.40 24.46
CA LEU B 92 35.42 -13.71 25.31
C LEU B 92 36.03 -12.41 25.82
N THR B 93 37.35 -12.32 25.72
CA THR B 93 38.10 -11.20 26.24
C THR B 93 38.77 -10.48 25.08
N LYS B 94 39.07 -9.20 25.25
CA LYS B 94 39.81 -8.46 24.26
C LYS B 94 40.49 -7.23 24.83
N ASP B 95 41.79 -7.11 24.54
CA ASP B 95 42.54 -5.89 24.79
C ASP B 95 42.38 -4.98 23.59
N PHE B 96 42.03 -3.73 23.85
CA PHE B 96 41.92 -2.70 22.83
C PHE B 96 42.86 -1.53 23.14
N GLY B 97 43.92 -1.81 23.91
CA GLY B 97 44.89 -0.77 24.24
C GLY B 97 45.46 -0.16 22.96
N ASN B 98 45.49 1.16 22.90
CA ASN B 98 46.07 1.88 21.75
C ASN B 98 45.34 1.63 20.42
N SER B 99 44.06 1.29 20.49
CA SER B 99 43.26 1.10 19.27
C SER B 99 43.24 2.38 18.42
N PRO B 100 43.42 2.26 17.09
CA PRO B 100 43.24 3.44 16.25
C PRO B 100 41.79 3.94 16.21
N LEU B 101 40.86 3.14 16.74
CA LEU B 101 39.42 3.44 16.73
C LEU B 101 38.96 4.11 18.04
N HIS B 102 39.91 4.52 18.87
CA HIS B 102 39.64 5.32 20.06
C HIS B 102 39.25 6.75 19.69
N ARG B 103 37.97 7.09 19.86
CA ARG B 103 37.47 8.40 19.47
C ARG B 103 38.11 9.54 20.26
N PHE B 104 38.64 9.24 21.44
CA PHE B 104 38.97 10.29 22.40
C PHE B 104 40.48 10.44 22.59
N LYS B 105 41.24 9.93 21.62
CA LYS B 105 42.70 9.97 21.66
C LYS B 105 43.26 11.39 21.67
N LYS B 106 42.59 12.31 20.96
CA LYS B 106 43.11 13.67 20.80
C LYS B 106 42.71 14.57 21.97
N PRO B 107 43.63 15.44 22.41
CA PRO B 107 43.31 16.39 23.48
C PRO B 107 42.09 17.25 23.14
N GLY B 108 41.17 17.39 24.09
CA GLY B 108 39.98 18.22 23.91
C GLY B 108 38.96 17.62 22.96
N SER B 109 39.12 16.32 22.67
CA SER B 109 38.25 15.64 21.72
C SER B 109 36.86 15.36 22.28
N LYS B 110 36.66 15.63 23.57
CA LYS B 110 35.35 15.47 24.21
C LYS B 110 34.27 16.34 23.55
N ASN B 111 34.70 17.40 22.86
CA ASN B 111 33.77 18.37 22.29
C ASN B 111 33.57 18.22 20.78
N PHE B 112 34.35 17.34 20.16
CA PHE B 112 34.31 17.20 18.71
C PHE B 112 33.94 15.78 18.29
N GLN B 113 33.28 15.05 19.18
CA GLN B 113 32.90 13.68 18.86
C GLN B 113 31.38 13.46 18.99
N ASN B 114 30.62 14.56 18.96
CA ASN B 114 29.17 14.46 19.02
C ASN B 114 28.70 13.59 20.19
N ILE B 115 29.26 13.83 21.37
CA ILE B 115 28.76 13.19 22.58
C ILE B 115 27.34 13.69 22.88
N PHE B 116 26.41 12.76 22.84
CA PHE B 116 24.98 13.03 22.96
C PHE B 116 24.30 11.74 23.41
N PRO B 117 23.12 11.87 24.03
CA PRO B 117 22.40 10.63 24.30
C PRO B 117 22.05 9.90 23.02
N PRO B 118 21.92 8.58 23.09
CA PRO B 118 21.55 7.86 21.87
C PRO B 118 20.31 8.45 21.21
N SER B 119 20.32 8.48 19.88
CA SER B 119 19.44 9.35 19.10
C SER B 119 19.05 8.66 17.79
N ALA B 120 17.83 8.91 17.34
CA ALA B 120 17.30 8.25 16.15
C ALA B 120 18.11 8.72 14.95
N THR B 121 18.60 9.95 15.04
CA THR B 121 19.41 10.55 13.99
C THR B 121 20.90 10.36 14.24
N LEU B 122 21.55 9.83 13.22
CA LEU B 122 22.97 9.61 13.24
C LEU B 122 23.69 10.66 12.43
N HIS B 123 24.91 10.95 12.84
CA HIS B 123 25.76 11.86 12.12
C HIS B 123 26.90 11.07 11.50
N LEU B 124 27.02 11.18 10.18
CA LEU B 124 27.96 10.40 9.42
C LEU B 124 29.09 11.29 8.89
N SER B 125 30.33 10.85 9.09
CA SER B 125 31.44 11.62 8.61
C SER B 125 32.51 10.75 7.97
N ASN B 126 33.56 11.43 7.50
CA ASN B 126 34.58 10.84 6.63
C ASN B 126 33.93 10.13 5.46
N ILE B 127 32.90 10.74 4.89
CA ILE B 127 32.33 10.21 3.67
C ILE B 127 33.25 10.59 2.51
N PRO B 128 33.68 9.58 1.74
CA PRO B 128 34.56 9.86 0.62
C PRO B 128 33.80 10.37 -0.60
N PRO B 129 34.52 10.98 -1.56
CA PRO B 129 33.92 11.56 -2.76
C PRO B 129 32.97 10.62 -3.51
N SER B 130 31.89 11.19 -4.03
CA SER B 130 31.04 10.53 -5.02
C SER B 130 30.10 9.46 -4.47
N VAL B 131 30.05 9.29 -3.14
CA VAL B 131 29.09 8.39 -2.52
C VAL B 131 27.67 8.90 -2.74
N ALA B 132 26.77 8.01 -3.14
CA ALA B 132 25.39 8.38 -3.44
C ALA B 132 24.54 8.22 -2.19
N GLU B 133 23.67 9.20 -1.97
CA GLU B 133 22.61 9.07 -0.97
C GLU B 133 22.02 7.68 -0.96
N GLU B 134 21.58 7.20 -2.13
CA GLU B 134 20.86 5.93 -2.21
C GLU B 134 21.71 4.79 -1.65
N ASP B 135 23.03 4.89 -1.83
CA ASP B 135 23.93 3.85 -1.36
C ASP B 135 24.15 3.87 0.16
N LEU B 136 24.06 5.06 0.75
CA LEU B 136 24.13 5.18 2.20
C LEU B 136 22.83 4.71 2.83
N ARG B 137 21.70 5.13 2.27
CA ARG B 137 20.41 4.68 2.76
C ARG B 137 20.33 3.17 2.75
N THR B 138 20.66 2.57 1.62
CA THR B 138 20.52 1.13 1.46
C THR B 138 21.43 0.40 2.44
N LEU B 139 22.64 0.92 2.62
CA LEU B 139 23.59 0.39 3.60
C LEU B 139 23.01 0.38 5.01
N PHE B 140 22.44 1.51 5.43
CA PHE B 140 21.88 1.60 6.78
C PHE B 140 20.59 0.78 6.91
N ALA B 141 19.75 0.79 5.89
CA ALA B 141 18.49 0.03 5.95
C ALA B 141 18.78 -1.47 6.08
N ASN B 142 19.93 -1.91 5.58
CA ASN B 142 20.30 -3.32 5.58
C ASN B 142 20.80 -3.80 6.95
N THR B 143 21.07 -2.87 7.86
CA THR B 143 21.16 -3.21 9.26
C THR B 143 19.80 -3.69 9.79
N GLY B 144 18.76 -3.49 9.01
CA GLY B 144 17.46 -4.05 9.33
C GLY B 144 16.51 -3.06 10.00
N GLY B 145 16.87 -1.78 9.99
CA GLY B 145 15.95 -0.71 10.38
C GLY B 145 15.36 0.05 9.19
N THR B 146 14.43 0.95 9.48
CA THR B 146 13.82 1.77 8.42
C THR B 146 14.49 3.14 8.41
N VAL B 147 14.94 3.58 7.24
CA VAL B 147 15.63 4.83 7.13
C VAL B 147 14.62 5.91 6.74
N LYS B 148 14.37 6.84 7.66
CA LYS B 148 13.25 7.76 7.56
C LYS B 148 13.64 9.05 6.83
N ALA B 149 14.88 9.50 7.00
CA ALA B 149 15.29 10.73 6.36
C ALA B 149 16.81 10.80 6.23
N PHE B 150 17.27 11.64 5.32
CA PHE B 150 18.69 11.76 4.98
C PHE B 150 18.99 13.22 4.64
N LYS B 151 20.14 13.72 5.09
CA LYS B 151 20.64 15.01 4.60
C LYS B 151 22.16 15.03 4.48
N PHE B 152 22.66 15.41 3.30
CA PHE B 152 24.06 15.75 3.12
C PHE B 152 24.31 17.16 3.66
N PHE B 153 25.44 17.38 4.30
CA PHE B 153 25.97 18.72 4.46
C PHE B 153 26.75 19.11 3.19
N GLN B 154 27.09 20.40 3.08
CA GLN B 154 27.37 21.01 1.78
C GLN B 154 28.48 20.29 1.01
N ASP B 155 29.46 19.73 1.71
CA ASP B 155 30.61 19.10 1.06
C ASP B 155 30.33 17.65 0.65
N HIS B 156 29.30 17.06 1.26
CA HIS B 156 29.00 15.64 1.12
C HIS B 156 30.03 14.75 1.82
N LYS B 157 30.88 15.36 2.64
CA LYS B 157 31.83 14.63 3.48
C LYS B 157 31.14 14.18 4.76
N MET B 158 30.02 14.82 5.08
CA MET B 158 29.20 14.45 6.22
C MET B 158 27.74 14.41 5.85
N ALA B 159 26.94 13.78 6.72
CA ALA B 159 25.51 13.63 6.49
C ALA B 159 24.76 13.33 7.79
N LEU B 160 23.45 13.56 7.77
CA LEU B 160 22.60 13.11 8.85
C LEU B 160 21.69 12.04 8.29
N LEU B 161 21.65 10.89 8.96
CA LEU B 161 20.76 9.81 8.56
C LEU B 161 19.90 9.44 9.76
N GLN B 162 18.57 9.47 9.57
CA GLN B 162 17.61 9.22 10.66
C GLN B 162 16.96 7.86 10.51
N MET B 163 17.12 7.01 11.50
CA MET B 163 16.43 5.71 11.53
C MET B 163 15.03 5.85 12.13
N ALA B 164 14.25 4.79 12.11
CA ALA B 164 12.90 4.82 12.67
C ALA B 164 12.92 5.06 14.17
N THR B 165 13.93 4.55 14.85
CA THR B 165 13.98 4.62 16.31
C THR B 165 15.40 4.72 16.82
N VAL B 166 15.52 5.10 18.08
CA VAL B 166 16.82 5.11 18.74
C VAL B 166 17.39 3.69 18.72
N GLU B 167 16.56 2.70 18.98
CA GLU B 167 17.06 1.33 19.01
C GLU B 167 17.68 0.92 17.66
N GLU B 168 17.03 1.31 16.56
CA GLU B 168 17.56 1.06 15.21
C GLU B 168 18.84 1.83 14.93
N ALA B 169 18.97 2.99 15.55
CA ALA B 169 20.14 3.82 15.37
C ALA B 169 21.33 3.19 16.07
N ILE B 170 21.07 2.64 17.26
CA ILE B 170 22.15 2.02 18.03
C ILE B 170 22.66 0.81 17.24
N GLN B 171 21.72 0.03 16.76
CA GLN B 171 22.05 -1.12 15.90
C GLN B 171 22.91 -0.70 14.72
N ALA B 172 22.50 0.35 13.98
CA ALA B 172 23.27 0.81 12.82
C ALA B 172 24.68 1.30 13.17
N LEU B 173 24.83 2.01 14.29
CA LEU B 173 26.10 2.58 14.65
C LEU B 173 27.06 1.44 14.99
N ILE B 174 26.53 0.45 15.68
CA ILE B 174 27.32 -0.73 16.07
C ILE B 174 27.84 -1.42 14.80
N ASP B 175 26.94 -1.57 13.82
CA ASP B 175 27.24 -2.28 12.56
C ASP B 175 28.17 -1.49 11.65
N LEU B 176 27.97 -0.17 11.54
CA LEU B 176 28.53 0.58 10.41
C LEU B 176 29.58 1.62 10.75
N HIS B 177 29.80 1.86 12.04
CA HIS B 177 30.96 2.64 12.41
C HIS B 177 32.22 1.94 11.90
N ASN B 178 33.07 2.72 11.24
CA ASN B 178 34.31 2.23 10.63
C ASN B 178 34.09 1.32 9.43
N TYR B 179 32.89 1.36 8.87
CA TYR B 179 32.60 0.56 7.69
C TYR B 179 33.49 1.04 6.53
N ASN B 180 34.06 0.09 5.79
CA ASN B 180 34.93 0.43 4.66
C ASN B 180 34.10 0.71 3.43
N LEU B 181 34.07 1.98 3.01
CA LEU B 181 33.31 2.38 1.84
C LEU B 181 34.18 2.25 0.59
N GLY B 182 34.97 1.18 0.54
CA GLY B 182 35.83 0.91 -0.59
C GLY B 182 36.97 1.89 -0.67
N GLU B 183 38.09 1.45 -1.23
CA GLU B 183 39.39 2.07 -0.98
C GLU B 183 39.63 2.12 0.53
N ASN B 184 40.50 3.02 0.99
CA ASN B 184 40.81 3.08 2.42
C ASN B 184 39.89 4.07 3.15
N HIS B 185 38.60 4.04 2.83
CA HIS B 185 37.69 5.09 3.31
C HIS B 185 36.70 4.52 4.30
N HIS B 186 36.92 4.84 5.58
CA HIS B 186 36.08 4.28 6.65
C HIS B 186 35.06 5.28 7.16
N LEU B 187 33.80 4.85 7.22
CA LEU B 187 32.69 5.67 7.67
C LEU B 187 32.74 5.87 9.20
N ARG B 188 32.49 7.09 9.65
CA ARG B 188 32.35 7.36 11.07
C ARG B 188 30.90 7.68 11.40
N VAL B 189 30.39 7.03 12.45
CA VAL B 189 28.99 7.09 12.82
C VAL B 189 28.91 7.49 14.29
N SER B 190 28.28 8.65 14.52
CA SER B 190 28.06 9.22 15.86
C SER B 190 26.57 9.48 16.07
N PHE B 191 26.19 9.75 17.33
CA PHE B 191 24.89 10.33 17.62
C PHE B 191 24.91 11.81 17.31
N SER B 192 23.72 12.42 17.40
CA SER B 192 23.55 13.80 16.99
C SER B 192 22.37 14.35 17.75
N LYS B 193 22.43 15.62 18.13
CA LYS B 193 21.29 16.24 18.79
C LYS B 193 20.44 16.99 17.78
N SER B 194 20.89 16.97 16.52
CA SER B 194 20.17 17.67 15.45
C SER B 194 19.07 16.82 14.83
N THR B 195 18.18 17.48 14.10
CA THR B 195 17.09 16.81 13.43
C THR B 195 17.06 17.29 11.98
N ILE B 196 16.62 16.43 11.07
CA ILE B 196 16.62 16.76 9.66
C ILE B 196 15.36 17.56 9.34
N ASN C 2 5.13 -15.92 44.41
CA ASN C 2 5.89 -14.72 44.83
C ASN C 2 5.28 -13.46 44.23
N THR C 3 4.47 -12.77 45.02
CA THR C 3 3.59 -11.71 44.51
C THR C 3 4.15 -10.31 44.69
N VAL C 4 5.21 -10.16 45.48
CA VAL C 4 5.73 -8.83 45.81
C VAL C 4 7.00 -8.49 45.01
N LEU C 5 6.94 -7.39 44.28
CA LEU C 5 8.08 -6.84 43.57
C LEU C 5 8.81 -5.76 44.39
N LEU C 6 10.13 -5.68 44.24
CA LEU C 6 10.88 -4.51 44.66
C LEU C 6 11.26 -3.66 43.45
N VAL C 7 11.03 -2.35 43.58
CA VAL C 7 11.31 -1.41 42.52
C VAL C 7 12.20 -0.31 43.07
N SER C 8 13.33 -0.08 42.42
CA SER C 8 14.30 0.85 42.95
C SER C 8 14.78 1.82 41.87
N ASN C 9 15.61 2.77 42.29
CA ASN C 9 16.06 3.88 41.44
C ASN C 9 14.88 4.69 40.91
N LEU C 10 13.81 4.75 41.70
CA LEU C 10 12.70 5.65 41.40
C LEU C 10 13.12 7.08 41.65
N ASN C 11 12.42 8.00 41.00
CA ASN C 11 12.55 9.42 41.29
C ASN C 11 11.80 9.79 42.57
N GLU C 12 12.57 9.89 43.65
CA GLU C 12 12.02 10.09 44.99
C GLU C 12 11.08 11.30 45.05
N GLU C 13 11.33 12.30 44.22
CA GLU C 13 10.61 13.56 44.31
C GLU C 13 9.30 13.55 43.52
N MET C 14 9.11 12.53 42.68
CA MET C 14 7.98 12.49 41.76
C MET C 14 7.03 11.32 42.03
N VAL C 15 7.58 10.21 42.52
CA VAL C 15 6.82 8.99 42.68
C VAL C 15 5.73 9.08 43.75
N THR C 16 4.57 8.50 43.44
CA THR C 16 3.50 8.28 44.43
C THR C 16 3.03 6.85 44.33
N PRO C 17 2.42 6.34 45.41
CA PRO C 17 1.73 5.06 45.29
C PRO C 17 0.72 5.03 44.10
N GLN C 18 0.05 6.13 43.82
CA GLN C 18 -0.90 6.14 42.72
C GLN C 18 -0.18 5.96 41.38
N SER C 19 0.97 6.60 41.21
CA SER C 19 1.70 6.49 39.95
C SER C 19 2.23 5.08 39.74
N LEU C 20 2.72 4.47 40.81
CA LEU C 20 3.14 3.06 40.77
C LEU C 20 1.98 2.09 40.52
N PHE C 21 0.87 2.29 41.21
CA PHE C 21 -0.35 1.53 40.94
C PHE C 21 -0.75 1.54 39.46
N THR C 22 -0.77 2.72 38.86
CA THR C 22 -1.20 2.83 37.48
C THR C 22 -0.26 2.12 36.52
N LEU C 23 1.03 2.36 36.70
CA LEU C 23 2.02 1.85 35.76
C LEU C 23 2.14 0.33 35.84
N PHE C 24 2.33 -0.19 37.05
CA PHE C 24 2.39 -1.63 37.25
C PHE C 24 1.03 -2.30 37.03
N GLY C 25 -0.04 -1.49 37.00
CA GLY C 25 -1.39 -2.03 36.79
C GLY C 25 -1.70 -2.26 35.32
N VAL C 26 -0.78 -1.87 34.46
CA VAL C 26 -0.85 -2.24 33.06
C VAL C 26 -0.70 -3.77 32.94
N TYR C 27 0.08 -4.37 33.82
CA TYR C 27 0.46 -5.78 33.69
C TYR C 27 -0.19 -6.72 34.70
N GLY C 28 -0.82 -6.17 35.73
CA GLY C 28 -1.64 -6.95 36.63
C GLY C 28 -2.44 -6.06 37.57
N ASP C 29 -3.06 -6.66 38.57
CA ASP C 29 -3.87 -5.90 39.51
C ASP C 29 -3.09 -5.66 40.80
N VAL C 30 -2.67 -4.41 40.99
CA VAL C 30 -1.85 -4.01 42.12
C VAL C 30 -2.69 -3.96 43.39
N GLN C 31 -2.39 -4.82 44.36
CA GLN C 31 -3.17 -4.86 45.60
C GLN C 31 -2.71 -3.83 46.62
N ARG C 32 -1.41 -3.53 46.64
CA ARG C 32 -0.82 -2.75 47.71
C ARG C 32 0.47 -2.15 47.21
N VAL C 33 0.81 -0.96 47.69
CA VAL C 33 2.06 -0.33 47.33
C VAL C 33 2.65 0.26 48.60
N LYS C 34 3.95 0.10 48.80
CA LYS C 34 4.63 0.78 49.89
C LYS C 34 5.95 1.33 49.39
N ILE C 35 6.01 2.66 49.37
CA ILE C 35 7.26 3.36 49.24
C ILE C 35 7.99 3.34 50.57
N LEU C 36 9.27 2.96 50.52
CA LEU C 36 10.01 2.67 51.73
C LEU C 36 10.46 3.94 52.44
N TYR C 37 10.13 4.05 53.73
CA TYR C 37 10.41 5.25 54.50
C TYR C 37 11.90 5.62 54.46
N ASN C 38 12.76 4.62 54.61
CA ASN C 38 14.20 4.87 54.77
C ASN C 38 14.95 4.83 53.45
N LYS C 39 14.27 4.32 52.41
CA LYS C 39 14.83 4.33 51.06
C LYS C 39 13.78 4.79 50.04
N LYS C 40 13.62 6.10 49.90
CA LYS C 40 12.45 6.69 49.24
C LYS C 40 12.50 6.54 47.72
N ASP C 41 13.59 5.98 47.19
CA ASP C 41 13.68 5.66 45.77
C ASP C 41 13.35 4.19 45.52
N SER C 42 12.77 3.54 46.52
CA SER C 42 12.37 2.13 46.42
C SER C 42 10.92 1.96 46.88
N ALA C 43 10.26 0.94 46.34
CA ALA C 43 8.93 0.63 46.75
C ALA C 43 8.61 -0.85 46.55
N LEU C 44 7.87 -1.41 47.49
CA LEU C 44 7.23 -2.71 47.33
C LEU C 44 5.89 -2.54 46.65
N ILE C 45 5.54 -3.53 45.83
CA ILE C 45 4.33 -3.51 45.02
C ILE C 45 3.79 -4.93 44.98
N GLN C 46 2.60 -5.13 45.53
CA GLN C 46 2.03 -6.46 45.64
C GLN C 46 1.01 -6.73 44.54
N MET C 47 1.30 -7.70 43.68
CA MET C 47 0.35 -8.10 42.65
C MET C 47 -0.63 -9.18 43.13
N ALA C 48 -1.64 -9.48 42.31
CA ALA C 48 -2.67 -10.46 42.67
C ALA C 48 -2.12 -11.88 42.75
N ASP C 49 -1.17 -12.18 41.87
CA ASP C 49 -0.56 -13.50 41.85
C ASP C 49 0.81 -13.44 41.19
N GLY C 50 1.41 -14.60 40.98
CA GLY C 50 2.83 -14.68 40.66
C GLY C 50 3.08 -14.50 39.18
N ASN C 51 2.13 -14.91 38.37
CA ASN C 51 2.18 -14.66 36.94
C ASN C 51 2.15 -13.17 36.62
N GLN C 52 1.38 -12.41 37.40
CA GLN C 52 1.32 -10.96 37.24
C GLN C 52 2.63 -10.30 37.64
N SER C 53 3.23 -10.76 38.74
CA SER C 53 4.48 -10.23 39.20
C SER C 53 5.59 -10.51 38.19
N GLN C 54 5.54 -11.68 37.58
CA GLN C 54 6.55 -12.06 36.61
C GLN C 54 6.41 -11.14 35.39
N LEU C 55 5.16 -10.90 35.00
CA LEU C 55 4.84 -10.16 33.80
C LEU C 55 5.20 -8.69 33.95
N ALA C 56 4.81 -8.10 35.07
CA ALA C 56 5.20 -6.71 35.36
C ALA C 56 6.71 -6.56 35.40
N MET C 57 7.39 -7.51 36.03
CA MET C 57 8.82 -7.42 36.18
C MET C 57 9.53 -7.50 34.82
N ASN C 58 9.05 -8.39 33.95
CA ASN C 58 9.67 -8.56 32.64
C ASN C 58 9.53 -7.32 31.76
N HIS C 59 8.35 -6.70 31.79
CA HIS C 59 8.04 -5.60 30.88
C HIS C 59 8.48 -4.23 31.41
N LEU C 60 8.66 -4.14 32.71
CA LEU C 60 8.91 -2.83 33.32
C LEU C 60 10.35 -2.65 33.82
N ASN C 61 11.05 -3.74 34.09
CA ASN C 61 12.45 -3.64 34.45
C ASN C 61 13.25 -2.98 33.32
N GLY C 62 14.04 -1.98 33.68
CA GLY C 62 14.86 -1.24 32.73
C GLY C 62 14.13 -0.12 32.02
N GLN C 63 12.83 0.07 32.28
CA GLN C 63 12.08 1.15 31.64
C GLN C 63 12.30 2.47 32.38
N LYS C 64 11.97 3.57 31.71
CA LYS C 64 12.23 4.88 32.24
C LYS C 64 10.95 5.46 32.79
N MET C 65 10.99 5.83 34.07
CA MET C 65 9.85 6.47 34.76
C MET C 65 10.33 7.70 35.55
N TYR C 66 9.77 8.86 35.24
CA TYR C 66 10.16 10.11 35.88
C TYR C 66 11.66 10.37 35.74
N GLY C 67 12.21 10.05 34.57
CA GLY C 67 13.57 10.40 34.20
C GLY C 67 14.57 9.44 34.83
N LYS C 68 14.10 8.31 35.33
CA LYS C 68 15.01 7.32 35.89
C LYS C 68 14.81 5.95 35.28
N ILE C 69 15.90 5.20 35.10
CA ILE C 69 15.79 3.81 34.71
C ILE C 69 15.52 2.96 35.92
N ILE C 70 14.29 2.48 36.05
CA ILE C 70 13.89 1.74 37.25
C ILE C 70 14.34 0.28 37.15
N ARG C 71 14.49 -0.34 38.32
CA ARG C 71 14.94 -1.72 38.46
C ARG C 71 13.86 -2.52 39.19
N VAL C 72 13.37 -3.57 38.53
CA VAL C 72 12.36 -4.42 39.13
C VAL C 72 12.89 -5.84 39.38
N THR C 73 12.67 -6.34 40.59
CA THR C 73 13.11 -7.68 41.00
C THR C 73 12.00 -8.29 41.85
N LEU C 74 12.04 -9.61 42.07
CA LEU C 74 11.19 -10.25 43.09
C LEU C 74 11.66 -9.91 44.50
N SER C 75 10.71 -9.50 45.34
CA SER C 75 11.00 -9.12 46.72
C SER C 75 11.08 -10.35 47.60
N LYS C 76 11.96 -10.30 48.59
CA LYS C 76 12.01 -11.29 49.67
C LYS C 76 10.80 -11.21 50.61
N HIS C 77 10.04 -10.13 50.51
CA HIS C 77 8.80 -9.99 51.26
C HIS C 77 7.73 -10.92 50.70
N GLN C 78 6.90 -11.48 51.58
CA GLN C 78 5.83 -12.35 51.12
C GLN C 78 4.56 -11.57 50.76
N THR C 79 4.24 -10.57 51.60
CA THR C 79 3.29 -9.54 51.22
C THR C 79 3.78 -8.17 51.67
N VAL C 80 3.02 -7.13 51.31
CA VAL C 80 3.24 -5.80 51.81
C VAL C 80 2.33 -5.52 53.02
N GLN C 81 2.97 -5.26 54.16
CA GLN C 81 2.25 -5.02 55.40
C GLN C 81 1.74 -3.59 55.48
N LEU C 82 0.43 -3.46 55.67
CA LEU C 82 -0.21 -2.16 55.86
C LEU C 82 0.01 -1.66 57.29
N PRO C 83 0.48 -0.42 57.43
CA PRO C 83 0.76 0.14 58.75
C PRO C 83 -0.49 0.45 59.55
N GLY C 91 1.54 8.87 53.81
CA GLY C 91 1.02 8.50 52.49
C GLY C 91 2.03 7.75 51.63
N LEU C 92 2.92 6.99 52.28
CA LEU C 92 3.87 6.16 51.53
C LEU C 92 3.23 4.84 51.14
N THR C 93 2.23 4.42 51.93
CA THR C 93 1.57 3.13 51.75
C THR C 93 0.10 3.29 51.34
N LYS C 94 -0.35 2.47 50.40
CA LYS C 94 -1.69 2.57 49.85
C LYS C 94 -2.24 1.17 49.57
N ASP C 95 -3.46 0.93 50.06
CA ASP C 95 -4.14 -0.34 49.86
C ASP C 95 -5.15 -0.20 48.73
N PHE C 96 -4.87 -0.81 47.59
CA PHE C 96 -5.76 -0.74 46.43
C PHE C 96 -6.68 -1.96 46.32
N GLY C 97 -6.88 -2.67 47.43
CA GLY C 97 -7.81 -3.79 47.43
C GLY C 97 -9.11 -3.45 46.73
N ASN C 98 -9.51 -4.28 45.78
CA ASN C 98 -10.84 -4.17 45.17
C ASN C 98 -11.00 -2.91 44.31
N SER C 99 -9.90 -2.36 43.84
CA SER C 99 -9.94 -1.11 43.08
C SER C 99 -10.81 -1.28 41.83
N PRO C 100 -11.72 -0.32 41.61
CA PRO C 100 -12.46 -0.27 40.36
C PRO C 100 -11.57 -0.10 39.14
N LEU C 101 -10.33 0.32 39.37
CA LEU C 101 -9.39 0.58 38.27
C LEU C 101 -8.51 -0.64 37.94
N HIS C 102 -8.70 -1.75 38.65
CA HIS C 102 -8.07 -3.02 38.27
C HIS C 102 -8.52 -3.43 36.88
N ARG C 103 -7.55 -3.62 36.00
CA ARG C 103 -7.83 -4.00 34.63
C ARG C 103 -8.21 -5.48 34.53
N PHE C 104 -7.68 -6.28 35.44
CA PHE C 104 -7.71 -7.72 35.27
C PHE C 104 -8.69 -8.36 36.26
N LYS C 105 -9.66 -7.56 36.72
CA LYS C 105 -10.64 -8.03 37.69
C LYS C 105 -11.51 -9.15 37.13
N LYS C 106 -11.85 -9.05 35.84
CA LYS C 106 -12.80 -9.99 35.23
C LYS C 106 -12.08 -11.10 34.49
N PRO C 107 -12.09 -12.32 35.06
CA PRO C 107 -11.46 -13.46 34.38
C PRO C 107 -12.01 -13.63 32.98
N GLY C 108 -11.15 -13.93 32.02
CA GLY C 108 -11.55 -13.98 30.62
C GLY C 108 -11.64 -12.60 30.02
N SER C 109 -11.27 -11.59 30.80
CA SER C 109 -11.19 -10.23 30.30
C SER C 109 -10.30 -10.17 29.07
N LYS C 110 -10.74 -9.40 28.07
CA LYS C 110 -9.95 -9.12 26.87
C LYS C 110 -8.54 -8.62 27.22
N ASN C 111 -8.40 -7.90 28.33
CA ASN C 111 -7.11 -7.40 28.75
C ASN C 111 -6.06 -8.48 28.92
N PHE C 112 -6.50 -9.68 29.27
CA PHE C 112 -5.59 -10.82 29.34
C PHE C 112 -5.05 -11.18 27.94
N GLN C 113 -5.77 -10.74 26.90
CA GLN C 113 -5.41 -11.10 25.54
C GLN C 113 -4.48 -10.06 24.91
N ASN C 114 -4.33 -8.92 25.57
CA ASN C 114 -3.60 -7.79 25.01
C ASN C 114 -2.46 -7.31 25.90
N ILE C 115 -1.61 -8.22 26.35
CA ILE C 115 -0.44 -7.84 27.11
C ILE C 115 0.69 -7.45 26.18
N PHE C 116 0.97 -6.15 26.10
CA PHE C 116 2.05 -5.66 25.25
C PHE C 116 3.10 -4.90 26.06
N PRO C 117 4.34 -4.81 25.53
CA PRO C 117 5.45 -4.11 26.19
C PRO C 117 5.31 -2.60 26.09
N PRO C 118 6.01 -1.85 26.97
CA PRO C 118 5.96 -0.40 26.76
C PRO C 118 6.29 0.02 25.34
N SER C 119 5.41 0.83 24.76
CA SER C 119 5.51 1.24 23.36
C SER C 119 5.24 2.74 23.24
N ALA C 120 5.89 3.39 22.27
CA ALA C 120 5.68 4.82 22.05
C ALA C 120 4.26 5.05 21.51
N THR C 121 3.63 3.97 21.08
CA THR C 121 2.30 4.05 20.51
C THR C 121 1.29 3.56 21.54
N LEU C 122 0.35 4.44 21.88
CA LEU C 122 -0.67 4.14 22.87
C LEU C 122 -2.00 3.84 22.19
N HIS C 123 -2.79 2.97 22.82
CA HIS C 123 -4.15 2.71 22.42
C HIS C 123 -5.07 3.40 23.43
N LEU C 124 -5.94 4.27 22.91
CA LEU C 124 -6.90 5.02 23.70
C LEU C 124 -8.30 4.45 23.47
N SER C 125 -9.05 4.24 24.54
CA SER C 125 -10.41 3.71 24.43
C SER C 125 -11.40 4.51 25.28
N ASN C 126 -12.68 4.32 24.99
CA ASN C 126 -13.75 4.96 25.74
C ASN C 126 -13.74 6.47 25.56
N ILE C 127 -13.39 6.91 24.35
CA ILE C 127 -13.49 8.30 23.95
C ILE C 127 -14.92 8.67 23.59
N PRO C 128 -15.50 9.61 24.33
CA PRO C 128 -16.85 10.09 24.05
C PRO C 128 -16.88 10.94 22.79
N PRO C 129 -18.04 10.96 22.11
CA PRO C 129 -18.18 11.66 20.83
C PRO C 129 -17.91 13.14 20.96
N SER C 130 -17.44 13.75 19.88
CA SER C 130 -17.22 15.18 19.86
C SER C 130 -16.11 15.60 20.82
N VAL C 131 -15.27 14.64 21.23
CA VAL C 131 -13.84 14.91 21.44
C VAL C 131 -13.08 14.98 20.11
N ALA C 132 -12.36 16.07 19.90
CA ALA C 132 -11.66 16.31 18.65
C ALA C 132 -10.23 15.77 18.73
N GLU C 133 -9.64 15.51 17.57
CA GLU C 133 -8.24 15.11 17.51
C GLU C 133 -7.34 16.11 18.23
N GLU C 134 -7.50 17.39 17.89
CA GLU C 134 -6.78 18.48 18.54
C GLU C 134 -6.88 18.42 20.06
N ASP C 135 -8.06 18.13 20.59
CA ASP C 135 -8.26 18.09 22.04
C ASP C 135 -7.28 17.06 22.63
N LEU C 136 -7.27 15.87 22.04
CA LEU C 136 -6.51 14.74 22.59
C LEU C 136 -5.02 15.00 22.39
N ARG C 137 -4.67 15.58 21.24
CA ARG C 137 -3.27 15.90 20.98
C ARG C 137 -2.68 16.85 22.03
N THR C 138 -3.39 17.95 22.29
CA THR C 138 -3.02 18.90 23.32
C THR C 138 -2.84 18.21 24.67
N LEU C 139 -3.81 17.37 25.04
CA LEU C 139 -3.84 16.83 26.38
C LEU C 139 -2.62 15.95 26.58
N PHE C 140 -2.32 15.14 25.57
CA PHE C 140 -1.12 14.28 25.60
C PHE C 140 0.20 15.09 25.44
N ALA C 141 0.17 16.20 24.71
CA ALA C 141 1.34 17.09 24.63
C ALA C 141 1.64 17.71 26.00
N ASN C 142 0.60 18.01 26.75
CA ASN C 142 0.75 18.64 28.06
C ASN C 142 1.27 17.69 29.15
N THR C 143 1.51 16.42 28.81
CA THR C 143 2.13 15.51 29.78
C THR C 143 3.66 15.64 29.71
N GLY C 144 4.12 16.46 28.78
CA GLY C 144 5.50 16.86 28.69
C GLY C 144 6.18 16.37 27.42
N GLY C 145 5.44 15.64 26.60
CA GLY C 145 6.02 15.03 25.40
C GLY C 145 5.45 15.55 24.09
N THR C 146 5.99 15.02 22.99
CA THR C 146 5.59 15.42 21.65
C THR C 146 4.77 14.32 21.00
N VAL C 147 3.61 14.69 20.49
CA VAL C 147 2.76 13.74 19.80
C VAL C 147 3.19 13.68 18.34
N LYS C 148 3.70 12.53 17.92
CA LYS C 148 4.21 12.41 16.56
C LYS C 148 3.16 11.94 15.56
N ALA C 149 2.10 11.30 16.04
CA ALA C 149 1.10 10.66 15.16
C ALA C 149 -0.17 10.34 15.91
N PHE C 150 -1.30 10.42 15.22
CA PHE C 150 -2.62 10.15 15.81
C PHE C 150 -3.54 9.59 14.72
N LYS C 151 -4.44 8.70 15.11
CA LYS C 151 -5.47 8.20 14.20
C LYS C 151 -6.67 7.63 14.96
N PHE C 152 -7.85 8.16 14.64
CA PHE C 152 -9.11 7.62 15.16
C PHE C 152 -9.37 6.28 14.48
N PHE C 153 -10.26 5.51 15.09
CA PHE C 153 -10.89 4.38 14.42
C PHE C 153 -12.29 4.77 14.01
N GLN C 154 -12.98 3.87 13.31
CA GLN C 154 -14.25 4.18 12.68
C GLN C 154 -15.17 5.00 13.60
N ASP C 155 -15.45 4.48 14.79
CA ASP C 155 -16.49 5.06 15.65
C ASP C 155 -15.98 6.27 16.45
N HIS C 156 -14.67 6.52 16.36
CA HIS C 156 -14.02 7.55 17.18
C HIS C 156 -14.10 7.19 18.68
N LYS C 157 -14.36 5.92 18.96
CA LYS C 157 -14.42 5.48 20.35
C LYS C 157 -13.03 5.09 20.82
N MET C 158 -12.16 4.75 19.88
CA MET C 158 -10.76 4.46 20.20
C MET C 158 -9.83 5.17 19.23
N ALA C 159 -8.56 5.29 19.61
CA ALA C 159 -7.57 5.85 18.72
C ALA C 159 -6.20 5.35 19.12
N LEU C 160 -5.29 5.37 18.15
CA LEU C 160 -3.88 5.21 18.45
C LEU C 160 -3.29 6.60 18.53
N LEU C 161 -2.33 6.76 19.42
CA LEU C 161 -1.63 8.02 19.57
C LEU C 161 -0.18 7.71 19.90
N GLN C 162 0.74 8.27 19.11
CA GLN C 162 2.13 7.88 19.12
C GLN C 162 2.92 9.03 19.71
N MET C 163 3.56 8.79 20.85
CA MET C 163 4.47 9.78 21.42
C MET C 163 5.87 9.64 20.82
N ALA C 164 6.78 10.51 21.23
CA ALA C 164 8.09 10.63 20.59
C ALA C 164 8.96 9.42 20.96
N THR C 165 8.70 8.85 22.14
CA THR C 165 9.48 7.74 22.68
C THR C 165 8.64 6.86 23.60
N VAL C 166 9.16 5.68 23.93
CA VAL C 166 8.54 4.84 24.94
C VAL C 166 8.46 5.58 26.27
N GLU C 167 9.54 6.30 26.61
CA GLU C 167 9.55 7.10 27.83
C GLU C 167 8.33 8.02 27.93
N GLU C 168 8.10 8.79 26.87
CA GLU C 168 7.00 9.74 26.88
C GLU C 168 5.65 9.02 26.92
N ALA C 169 5.57 7.86 26.28
CA ALA C 169 4.31 7.12 26.32
C ALA C 169 4.00 6.64 27.74
N ILE C 170 5.03 6.25 28.48
CA ILE C 170 4.83 5.83 29.86
C ILE C 170 4.33 6.98 30.73
N GLN C 171 5.00 8.11 30.70
CA GLN C 171 4.57 9.32 31.40
C GLN C 171 3.13 9.68 31.00
N ALA C 172 2.85 9.65 29.71
CA ALA C 172 1.48 9.96 29.24
C ALA C 172 0.45 8.99 29.80
N LEU C 173 0.81 7.71 29.89
CA LEU C 173 -0.12 6.71 30.36
C LEU C 173 -0.35 6.87 31.86
N ILE C 174 0.73 7.05 32.61
CA ILE C 174 0.64 7.37 34.02
C ILE C 174 -0.30 8.56 34.29
N ASP C 175 -0.16 9.60 33.49
CA ASP C 175 -0.91 10.82 33.74
C ASP C 175 -2.37 10.72 33.31
N LEU C 176 -2.63 10.04 32.20
CA LEU C 176 -3.89 10.20 31.49
C LEU C 176 -4.82 8.98 31.47
N HIS C 177 -4.34 7.85 31.96
CA HIS C 177 -5.24 6.75 32.21
C HIS C 177 -6.33 7.19 33.20
N ASN C 178 -7.57 6.81 32.91
CA ASN C 178 -8.76 7.18 33.69
C ASN C 178 -9.11 8.66 33.65
N TYR C 179 -8.45 9.42 32.78
CA TYR C 179 -8.73 10.85 32.64
C TYR C 179 -10.19 11.08 32.24
N ASN C 180 -10.86 12.01 32.92
CA ASN C 180 -12.26 12.30 32.64
C ASN C 180 -12.39 13.21 31.42
N LEU C 181 -12.90 12.66 30.33
CA LEU C 181 -12.97 13.36 29.04
C LEU C 181 -14.28 14.13 28.85
N GLY C 182 -15.26 13.88 29.72
CA GLY C 182 -16.59 14.47 29.56
C GLY C 182 -17.63 13.45 29.14
N GLU C 183 -18.89 13.76 29.44
CA GLU C 183 -19.98 12.81 29.20
C GLU C 183 -19.78 11.55 30.05
N ASN C 184 -19.25 11.75 31.24
CA ASN C 184 -19.00 10.66 32.18
C ASN C 184 -18.01 9.63 31.62
N HIS C 185 -17.30 9.99 30.54
CA HIS C 185 -16.35 9.08 29.91
C HIS C 185 -14.94 9.23 30.50
N HIS C 186 -14.45 8.18 31.14
CA HIS C 186 -13.05 8.15 31.56
C HIS C 186 -12.23 7.41 30.50
N LEU C 187 -11.16 8.06 30.08
CA LEU C 187 -10.26 7.52 29.05
C LEU C 187 -9.54 6.28 29.59
N ARG C 188 -9.36 5.28 28.73
CA ARG C 188 -8.44 4.16 29.00
C ARG C 188 -7.23 4.27 28.08
N VAL C 189 -6.04 4.11 28.67
CA VAL C 189 -4.81 4.17 27.93
C VAL C 189 -4.13 2.81 28.13
N SER C 190 -3.82 2.13 27.01
CA SER C 190 -2.98 0.92 27.01
C SER C 190 -1.81 1.07 26.01
N PHE C 191 -0.81 0.21 26.13
CA PHE C 191 0.21 0.12 25.11
C PHE C 191 -0.32 -0.61 23.88
N SER C 192 0.13 -0.19 22.71
CA SER C 192 -0.36 -0.77 21.47
C SER C 192 0.68 -1.74 20.93
N LYS C 193 0.18 -2.78 20.25
CA LYS C 193 0.97 -3.60 19.31
C LYS C 193 1.07 -2.96 17.93
N SER C 194 0.19 -2.02 17.64
CA SER C 194 0.07 -1.46 16.30
C SER C 194 0.97 -0.24 16.13
N THR C 195 1.25 0.08 14.87
CA THR C 195 1.88 1.34 14.53
C THR C 195 0.98 2.13 13.59
N ILE C 196 1.10 3.45 13.65
CA ILE C 196 0.28 4.34 12.85
C ILE C 196 0.88 4.45 11.45
N ASN D 2 18.25 8.41 -9.27
CA ASN D 2 18.76 8.78 -10.62
C ASN D 2 18.00 9.97 -11.21
N THR D 3 17.09 10.55 -10.42
CA THR D 3 16.13 11.54 -10.94
C THR D 3 16.64 12.96 -10.82
N VAL D 4 17.64 13.17 -9.98
CA VAL D 4 18.06 14.51 -9.64
C VAL D 4 19.31 14.90 -10.40
N LEU D 5 19.22 16.01 -11.12
CA LEU D 5 20.32 16.53 -11.90
C LEU D 5 21.05 17.63 -11.13
N LEU D 6 22.35 17.71 -11.36
CA LEU D 6 23.16 18.78 -10.81
C LEU D 6 23.64 19.68 -11.92
N VAL D 7 23.39 20.98 -11.79
CA VAL D 7 23.66 21.91 -12.86
C VAL D 7 24.52 23.05 -12.34
N SER D 8 25.63 23.31 -13.02
CA SER D 8 26.61 24.25 -12.51
C SER D 8 27.03 25.24 -13.60
N ASN D 9 27.84 26.21 -13.21
CA ASN D 9 28.21 27.32 -14.06
C ASN D 9 27.02 28.15 -14.54
N LEU D 10 25.93 28.12 -13.75
CA LEU D 10 24.83 29.05 -13.94
C LEU D 10 25.30 30.49 -13.80
N ASN D 11 24.52 31.40 -14.35
CA ASN D 11 24.67 32.84 -14.12
C ASN D 11 24.02 33.23 -12.79
N GLU D 12 24.86 33.44 -11.77
CA GLU D 12 24.38 33.73 -10.41
C GLU D 12 23.42 34.92 -10.38
N GLU D 13 23.66 35.88 -11.25
CA GLU D 13 22.94 37.16 -11.25
C GLU D 13 21.52 36.99 -11.81
N MET D 14 21.35 36.07 -12.75
CA MET D 14 20.14 36.03 -13.59
C MET D 14 19.27 34.81 -13.29
N VAL D 15 19.90 33.71 -12.90
CA VAL D 15 19.21 32.45 -12.78
C VAL D 15 18.17 32.47 -11.66
N THR D 16 17.02 31.89 -11.95
CA THR D 16 15.93 31.69 -10.98
C THR D 16 15.42 30.27 -11.04
N PRO D 17 14.82 29.79 -9.94
CA PRO D 17 14.12 28.49 -10.05
C PRO D 17 13.15 28.39 -11.23
N GLN D 18 12.32 29.41 -11.43
CA GLN D 18 11.38 29.44 -12.56
C GLN D 18 12.12 29.21 -13.89
N SER D 19 13.23 29.91 -14.10
CA SER D 19 13.96 29.82 -15.37
C SER D 19 14.46 28.40 -15.61
N LEU D 20 14.94 27.76 -14.55
CA LEU D 20 15.42 26.40 -14.63
C LEU D 20 14.29 25.39 -14.88
N PHE D 21 13.16 25.57 -14.18
CA PHE D 21 11.97 24.80 -14.47
C PHE D 21 11.59 24.84 -15.96
N THR D 22 11.67 26.02 -16.54
CA THR D 22 11.23 26.22 -17.91
C THR D 22 12.16 25.53 -18.90
N LEU D 23 13.47 25.70 -18.72
CA LEU D 23 14.48 25.18 -19.66
C LEU D 23 14.58 23.66 -19.58
N PHE D 24 14.82 23.12 -18.39
CA PHE D 24 14.73 21.68 -18.19
C PHE D 24 13.33 21.07 -18.38
N GLY D 25 12.29 21.90 -18.27
CA GLY D 25 10.92 21.50 -18.61
C GLY D 25 10.69 21.10 -20.07
N VAL D 26 11.62 21.49 -20.94
CA VAL D 26 11.55 21.13 -22.35
C VAL D 26 11.67 19.60 -22.52
N TYR D 27 12.44 18.99 -21.62
CA TYR D 27 12.89 17.61 -21.80
C TYR D 27 12.29 16.62 -20.81
N GLY D 28 11.66 17.13 -19.75
CA GLY D 28 10.78 16.32 -18.91
C GLY D 28 10.10 17.22 -17.92
N ASP D 29 9.41 16.61 -16.95
CA ASP D 29 8.67 17.38 -15.96
C ASP D 29 9.50 17.61 -14.71
N VAL D 30 9.73 18.88 -14.43
CA VAL D 30 10.61 19.30 -13.35
C VAL D 30 9.80 19.32 -12.07
N GLN D 31 10.11 18.46 -11.12
CA GLN D 31 9.28 18.37 -9.89
C GLN D 31 9.67 19.44 -8.89
N ARG D 32 10.97 19.74 -8.83
CA ARG D 32 11.52 20.61 -7.80
C ARG D 32 12.83 21.19 -8.31
N VAL D 33 13.20 22.35 -7.78
CA VAL D 33 14.46 23.00 -8.09
C VAL D 33 15.00 23.60 -6.80
N LYS D 34 16.30 23.44 -6.57
CA LYS D 34 16.98 24.14 -5.48
C LYS D 34 18.26 24.77 -6.00
N ILE D 35 18.29 26.09 -6.02
CA ILE D 35 19.54 26.81 -6.16
C ILE D 35 20.27 26.75 -4.83
N LEU D 36 21.55 26.43 -4.88
CA LEU D 36 22.29 26.11 -3.66
C LEU D 36 22.81 27.39 -3.01
N TYR D 37 22.38 27.64 -1.77
CA TYR D 37 22.71 28.87 -1.05
C TYR D 37 24.21 29.11 -0.98
N ASN D 38 24.97 28.05 -0.73
CA ASN D 38 26.41 28.13 -0.52
C ASN D 38 27.19 28.17 -1.83
N LYS D 39 26.51 27.80 -2.92
CA LYS D 39 27.13 27.71 -4.24
C LYS D 39 26.15 28.19 -5.31
N LYS D 40 26.10 29.50 -5.50
CA LYS D 40 24.96 30.15 -6.10
C LYS D 40 24.92 29.99 -7.62
N ASP D 41 25.99 29.42 -8.18
CA ASP D 41 26.06 29.14 -9.60
C ASP D 41 25.71 27.68 -9.89
N SER D 42 25.21 26.99 -8.86
CA SER D 42 24.82 25.59 -9.01
C SER D 42 23.38 25.37 -8.55
N ALA D 43 22.72 24.37 -9.12
CA ALA D 43 21.38 24.00 -8.68
C ALA D 43 21.06 22.51 -8.84
N LEU D 44 20.21 21.99 -7.95
CA LEU D 44 19.64 20.67 -8.13
C LEU D 44 18.29 20.75 -8.82
N ILE D 45 18.03 19.80 -9.71
CA ILE D 45 16.78 19.75 -10.46
C ILE D 45 16.23 18.32 -10.42
N GLN D 46 15.05 18.14 -9.82
CA GLN D 46 14.41 16.83 -9.76
C GLN D 46 13.42 16.63 -10.90
N MET D 47 13.74 15.67 -11.76
CA MET D 47 12.89 15.28 -12.85
C MET D 47 11.95 14.13 -12.41
N ALA D 48 10.98 13.79 -13.26
CA ALA D 48 9.91 12.88 -12.85
C ALA D 48 10.46 11.46 -12.74
N ASP D 49 11.29 11.11 -13.72
CA ASP D 49 11.95 9.81 -13.73
C ASP D 49 13.36 9.92 -14.29
N GLY D 50 14.03 8.78 -14.39
CA GLY D 50 15.42 8.74 -14.79
C GLY D 50 15.64 8.87 -16.28
N ASN D 51 14.65 8.45 -17.07
CA ASN D 51 14.70 8.69 -18.50
C ASN D 51 14.72 10.18 -18.81
N GLN D 52 13.87 10.92 -18.10
CA GLN D 52 13.79 12.37 -18.24
C GLN D 52 15.09 13.07 -17.82
N SER D 53 15.71 12.60 -16.75
CA SER D 53 16.94 13.19 -16.27
C SER D 53 18.08 12.96 -17.25
N GLN D 54 18.18 11.73 -17.78
CA GLN D 54 19.12 11.44 -18.86
C GLN D 54 18.89 12.36 -20.05
N LEU D 55 17.64 12.46 -20.49
CA LEU D 55 17.30 13.22 -21.70
C LEU D 55 17.61 14.71 -21.56
N ALA D 56 17.29 15.27 -20.40
CA ALA D 56 17.62 16.66 -20.13
C ALA D 56 19.13 16.85 -20.10
N MET D 57 19.85 15.95 -19.43
CA MET D 57 21.29 16.07 -19.33
C MET D 57 21.92 16.02 -20.71
N ASN D 58 21.48 15.08 -21.54
CA ASN D 58 22.08 14.89 -22.84
C ASN D 58 21.87 16.10 -23.77
N HIS D 59 20.69 16.71 -23.70
CA HIS D 59 20.38 17.82 -24.60
C HIS D 59 20.88 19.17 -24.07
N LEU D 60 21.01 19.28 -22.77
CA LEU D 60 21.30 20.59 -22.17
C LEU D 60 22.76 20.80 -21.73
N ASN D 61 23.46 19.74 -21.31
CA ASN D 61 24.89 19.86 -21.07
C ASN D 61 25.58 20.52 -22.25
N GLY D 62 26.42 21.49 -21.96
CA GLY D 62 27.10 22.33 -22.96
C GLY D 62 26.28 23.42 -23.67
N GLN D 63 25.01 23.59 -23.34
CA GLN D 63 24.23 24.67 -23.95
C GLN D 63 24.49 25.95 -23.16
N LYS D 64 24.27 27.09 -23.79
CA LYS D 64 24.40 28.36 -23.08
C LYS D 64 23.10 28.83 -22.42
N MET D 65 23.26 29.42 -21.23
CA MET D 65 22.13 29.90 -20.44
C MET D 65 22.55 31.14 -19.69
N TYR D 66 21.91 32.26 -20.05
CA TYR D 66 22.34 33.57 -19.54
C TYR D 66 23.84 33.80 -19.75
N GLY D 67 24.28 33.46 -20.95
CA GLY D 67 25.62 33.81 -21.41
C GLY D 67 26.69 32.83 -20.94
N LYS D 68 26.28 31.77 -20.26
CA LYS D 68 27.24 30.82 -19.66
C LYS D 68 26.98 29.40 -20.16
N ILE D 69 28.05 28.69 -20.49
CA ILE D 69 27.94 27.29 -20.86
C ILE D 69 27.75 26.42 -19.61
N ILE D 70 26.55 25.87 -19.48
CA ILE D 70 26.18 25.13 -18.27
C ILE D 70 26.69 23.72 -18.34
N ARG D 71 26.96 23.17 -17.17
CA ARG D 71 27.31 21.76 -16.99
C ARG D 71 26.20 21.00 -16.27
N VAL D 72 25.81 19.88 -16.86
CA VAL D 72 24.77 19.05 -16.28
C VAL D 72 25.27 17.62 -16.08
N THR D 73 25.09 17.12 -14.86
CA THR D 73 25.49 15.78 -14.47
C THR D 73 24.39 15.16 -13.61
N LEU D 74 24.47 13.84 -13.41
CA LEU D 74 23.70 13.19 -12.35
C LEU D 74 24.18 13.55 -10.96
N SER D 75 23.23 13.97 -10.13
CA SER D 75 23.51 14.31 -8.74
C SER D 75 23.62 13.05 -7.91
N LYS D 76 24.38 13.12 -6.81
CA LYS D 76 24.38 12.07 -5.80
C LYS D 76 23.21 12.16 -4.81
N HIS D 77 22.46 13.27 -4.86
CA HIS D 77 21.18 13.38 -4.13
C HIS D 77 20.11 12.50 -4.75
N GLN D 78 19.22 11.95 -3.92
CA GLN D 78 18.18 11.03 -4.38
C GLN D 78 16.85 11.74 -4.66
N THR D 79 16.62 12.83 -3.95
CA THR D 79 15.58 13.81 -4.28
C THR D 79 16.11 15.18 -3.88
N VAL D 80 15.41 16.22 -4.35
CA VAL D 80 15.58 17.57 -3.82
C VAL D 80 14.58 17.79 -2.68
N GLN D 81 15.10 18.12 -1.51
CA GLN D 81 14.27 18.22 -0.31
C GLN D 81 13.91 19.68 -0.04
N LEU D 82 12.63 19.91 0.23
CA LEU D 82 12.09 21.25 0.46
C LEU D 82 12.11 21.60 1.95
N PRO D 83 12.70 22.75 2.30
CA PRO D 83 12.64 23.26 3.67
C PRO D 83 11.25 23.82 4.02
N ARG D 84 11.19 24.65 5.05
CA ARG D 84 10.03 25.52 5.26
C ARG D 84 10.48 26.94 5.57
N GLY D 91 14.31 33.39 -2.37
CA GLY D 91 13.70 32.08 -2.16
C GLY D 91 14.15 31.08 -3.22
N LEU D 92 15.05 30.18 -2.84
CA LEU D 92 15.91 29.49 -3.80
C LEU D 92 15.34 28.12 -4.21
N THR D 93 14.32 27.66 -3.49
CA THR D 93 13.75 26.32 -3.67
C THR D 93 12.26 26.39 -3.99
N LYS D 94 11.87 25.84 -5.13
CA LYS D 94 10.48 25.82 -5.54
C LYS D 94 10.02 24.40 -5.81
N ASP D 95 8.86 24.05 -5.26
CA ASP D 95 8.19 22.81 -5.58
C ASP D 95 7.26 23.07 -6.74
N PHE D 96 7.50 22.39 -7.86
CA PHE D 96 6.66 22.53 -9.05
C PHE D 96 5.75 21.31 -9.20
N GLY D 97 5.57 20.57 -8.12
CA GLY D 97 4.67 19.41 -8.14
C GLY D 97 3.32 19.76 -8.75
N ASN D 98 2.91 19.00 -9.76
CA ASN D 98 1.53 19.06 -10.25
C ASN D 98 1.29 20.32 -11.08
N SER D 99 2.37 21.02 -11.43
CA SER D 99 2.25 22.23 -12.24
C SER D 99 1.55 21.96 -13.56
N PRO D 100 0.67 22.87 -13.96
CA PRO D 100 -0.01 22.73 -15.26
C PRO D 100 0.94 22.90 -16.45
N LEU D 101 2.14 23.43 -16.18
CA LEU D 101 3.11 23.70 -17.25
C LEU D 101 4.01 22.50 -17.53
N HIS D 102 3.78 21.39 -16.84
CA HIS D 102 4.44 20.13 -17.17
C HIS D 102 3.99 19.69 -18.55
N ARG D 103 4.91 19.76 -19.51
CA ARG D 103 4.62 19.33 -20.88
C ARG D 103 4.24 17.86 -20.97
N PHE D 104 4.69 17.05 -20.00
CA PHE D 104 4.57 15.60 -20.13
C PHE D 104 3.63 15.00 -19.09
N LYS D 105 2.66 15.80 -18.66
CA LYS D 105 1.70 15.39 -17.64
C LYS D 105 0.76 14.29 -18.16
N LYS D 106 0.39 14.38 -19.42
CA LYS D 106 -0.55 13.43 -20.02
C LYS D 106 0.20 12.24 -20.61
N PRO D 107 0.01 11.06 -20.00
CA PRO D 107 0.56 9.85 -20.63
C PRO D 107 0.12 9.75 -22.08
N GLY D 108 1.04 9.40 -22.95
CA GLY D 108 0.75 9.33 -24.37
C GLY D 108 0.76 10.71 -25.00
N SER D 109 0.93 11.74 -24.18
CA SER D 109 1.08 13.11 -24.67
C SER D 109 1.93 13.13 -25.92
N LYS D 110 1.54 13.94 -26.90
CA LYS D 110 2.27 14.03 -28.17
C LYS D 110 3.65 14.67 -28.00
N ASN D 111 3.90 15.30 -26.85
CA ASN D 111 5.21 15.88 -26.58
C ASN D 111 6.28 14.82 -26.43
N PHE D 112 5.84 13.61 -26.10
CA PHE D 112 6.73 12.46 -26.10
C PHE D 112 7.22 12.15 -27.51
N GLN D 113 6.48 12.60 -28.51
CA GLN D 113 6.89 12.45 -29.92
C GLN D 113 8.02 13.41 -30.30
N ASN D 114 7.93 14.63 -29.78
CA ASN D 114 8.60 15.79 -30.37
C ASN D 114 9.75 16.29 -29.52
N ILE D 115 10.54 15.37 -28.99
CA ILE D 115 11.68 15.77 -28.16
C ILE D 115 12.89 16.02 -29.05
N PHE D 116 13.18 17.31 -29.29
CA PHE D 116 14.29 17.69 -30.18
C PHE D 116 15.39 18.43 -29.44
N PRO D 117 16.59 18.46 -30.03
CA PRO D 117 17.69 19.22 -29.44
C PRO D 117 17.44 20.72 -29.50
N PRO D 118 18.12 21.49 -28.64
CA PRO D 118 17.94 22.93 -28.81
C PRO D 118 18.28 23.42 -30.22
N SER D 119 17.39 24.22 -30.81
CA SER D 119 17.54 24.70 -32.17
C SER D 119 17.34 26.21 -32.24
N ALA D 120 17.77 26.80 -33.34
CA ALA D 120 17.63 28.23 -33.50
C ALA D 120 16.18 28.51 -33.94
N THR D 121 15.57 27.51 -34.56
CA THR D 121 14.18 27.58 -35.00
C THR D 121 13.29 27.11 -33.87
N LEU D 122 12.34 27.96 -33.51
CA LEU D 122 11.34 27.63 -32.51
C LEU D 122 9.97 27.42 -33.15
N HIS D 123 9.19 26.57 -32.49
CA HIS D 123 7.81 26.31 -32.85
C HIS D 123 6.90 26.95 -31.81
N LEU D 124 6.14 27.94 -32.24
CA LEU D 124 5.15 28.58 -31.40
C LEU D 124 3.81 27.90 -31.61
N SER D 125 3.03 27.74 -30.54
CA SER D 125 1.68 27.21 -30.62
C SER D 125 0.75 27.93 -29.65
N ASN D 126 -0.54 27.62 -29.74
CA ASN D 126 -1.60 28.27 -28.95
C ASN D 126 -1.63 29.78 -29.23
N ILE D 127 -1.32 30.13 -30.47
CA ILE D 127 -1.42 31.50 -30.87
C ILE D 127 -2.90 31.83 -31.05
N PRO D 128 -3.39 32.82 -30.29
CA PRO D 128 -4.79 33.19 -30.46
C PRO D 128 -5.02 33.95 -31.76
N PRO D 129 -6.31 34.15 -32.11
CA PRO D 129 -6.68 34.83 -33.34
C PRO D 129 -6.19 36.27 -33.50
N SER D 130 -5.86 36.64 -34.72
CA SER D 130 -5.64 38.03 -35.09
C SER D 130 -4.32 38.57 -34.55
N VAL D 131 -3.48 37.69 -34.03
CA VAL D 131 -2.12 38.07 -33.65
C VAL D 131 -1.29 38.35 -34.91
N ALA D 132 -0.59 39.48 -34.89
CA ALA D 132 0.12 39.96 -36.05
C ALA D 132 1.57 39.46 -36.05
N GLU D 133 2.06 39.06 -37.23
CA GLU D 133 3.45 38.64 -37.37
C GLU D 133 4.47 39.61 -36.77
N GLU D 134 4.25 40.91 -36.99
CA GLU D 134 5.20 41.91 -36.51
C GLU D 134 5.16 42.00 -35.00
N ASP D 135 4.03 41.63 -34.41
CA ASP D 135 3.83 41.67 -32.97
C ASP D 135 4.69 40.58 -32.33
N LEU D 136 4.69 39.41 -32.95
CA LEU D 136 5.46 38.26 -32.49
C LEU D 136 6.96 38.48 -32.70
N ARG D 137 7.33 39.02 -33.87
CA ARG D 137 8.72 39.41 -34.11
C ARG D 137 9.28 40.38 -33.08
N THR D 138 8.52 41.45 -32.79
CA THR D 138 8.92 42.42 -31.77
C THR D 138 9.14 41.74 -30.42
N LEU D 139 8.17 40.94 -29.99
CA LEU D 139 8.24 40.20 -28.74
C LEU D 139 9.52 39.35 -28.62
N PHE D 140 9.81 38.58 -29.68
CA PHE D 140 10.98 37.73 -29.63
C PHE D 140 12.28 38.54 -29.70
N ALA D 141 12.27 39.62 -30.48
CA ALA D 141 13.37 40.57 -30.56
C ALA D 141 13.69 41.20 -29.21
N ASN D 142 12.65 41.43 -28.42
CA ASN D 142 12.82 42.07 -27.14
C ASN D 142 13.46 41.14 -26.11
N THR D 143 13.65 39.87 -26.48
CA THR D 143 14.42 38.95 -25.64
C THR D 143 15.94 39.15 -25.75
N GLY D 144 16.35 39.96 -26.71
CA GLY D 144 17.76 40.33 -26.85
C GLY D 144 18.37 39.79 -28.13
N GLY D 145 17.64 38.91 -28.79
CA GLY D 145 18.13 38.27 -30.01
C GLY D 145 17.58 38.91 -31.27
N THR D 146 18.01 38.42 -32.42
CA THR D 146 17.52 38.87 -33.71
C THR D 146 16.66 37.79 -34.35
N VAL D 147 15.51 38.19 -34.86
CA VAL D 147 14.64 37.26 -35.55
C VAL D 147 15.03 37.20 -37.01
N LYS D 148 15.46 36.04 -37.47
CA LYS D 148 15.96 35.90 -38.83
C LYS D 148 14.88 35.51 -39.84
N ALA D 149 13.91 34.72 -39.41
CA ALA D 149 12.77 34.40 -40.26
C ALA D 149 11.56 34.06 -39.39
N PHE D 150 10.39 34.09 -40.02
CA PHE D 150 9.14 33.74 -39.36
C PHE D 150 8.20 33.15 -40.40
N LYS D 151 7.36 32.20 -40.00
CA LYS D 151 6.30 31.68 -40.86
C LYS D 151 5.08 31.23 -40.03
N PHE D 152 3.90 31.77 -40.35
CA PHE D 152 2.64 31.21 -39.89
C PHE D 152 2.38 29.86 -40.56
N PHE D 153 1.75 28.95 -39.85
CA PHE D 153 1.09 27.84 -40.50
C PHE D 153 -0.34 28.23 -40.84
N GLN D 154 -1.00 27.40 -41.63
CA GLN D 154 -2.17 27.82 -42.39
C GLN D 154 -3.18 28.64 -41.57
N ASP D 155 -3.54 28.16 -40.38
CA ASP D 155 -4.60 28.81 -39.61
C ASP D 155 -4.08 29.82 -38.59
N HIS D 156 -2.78 30.08 -38.62
CA HIS D 156 -2.13 31.05 -37.72
C HIS D 156 -2.24 30.70 -36.23
N LYS D 157 -2.54 29.44 -35.91
CA LYS D 157 -2.51 28.96 -34.52
C LYS D 157 -1.09 28.55 -34.13
N MET D 158 -0.26 28.30 -35.12
CA MET D 158 1.13 27.99 -34.89
C MET D 158 2.01 28.82 -35.82
N ALA D 159 3.32 28.80 -35.57
CA ALA D 159 4.28 29.49 -36.43
C ALA D 159 5.63 28.87 -36.20
N LEU D 160 6.54 29.06 -37.14
CA LEU D 160 7.96 28.87 -36.89
C LEU D 160 8.61 30.23 -36.72
N LEU D 161 9.58 30.30 -35.83
CA LEU D 161 10.33 31.53 -35.68
C LEU D 161 11.78 31.21 -35.43
N GLN D 162 12.63 31.74 -36.30
CA GLN D 162 14.05 31.43 -36.28
C GLN D 162 14.78 32.58 -35.62
N MET D 163 15.51 32.29 -34.55
CA MET D 163 16.43 33.25 -33.97
C MET D 163 17.80 33.13 -34.67
N ALA D 164 18.71 34.02 -34.32
CA ALA D 164 20.01 34.08 -35.03
C ALA D 164 20.84 32.86 -34.68
N THR D 165 20.66 32.37 -33.46
CA THR D 165 21.46 31.26 -32.96
C THR D 165 20.63 30.38 -32.04
N VAL D 166 21.13 29.17 -31.81
CA VAL D 166 20.59 28.29 -30.79
C VAL D 166 20.58 29.00 -29.45
N GLU D 167 21.67 29.68 -29.13
CA GLU D 167 21.77 30.38 -27.85
C GLU D 167 20.65 31.40 -27.67
N GLU D 168 20.32 32.14 -28.72
CA GLU D 168 19.20 33.09 -28.67
C GLU D 168 17.85 32.37 -28.53
N ALA D 169 17.67 31.25 -29.22
CA ALA D 169 16.43 30.54 -29.15
C ALA D 169 16.14 30.08 -27.72
N ILE D 170 17.17 29.59 -27.04
CA ILE D 170 17.03 29.17 -25.68
C ILE D 170 16.58 30.32 -24.81
N GLN D 171 17.20 31.48 -24.98
CA GLN D 171 16.89 32.67 -24.20
C GLN D 171 15.42 33.06 -24.44
N ALA D 172 15.02 32.99 -25.69
CA ALA D 172 13.65 33.33 -26.09
C ALA D 172 12.63 32.33 -25.54
N LEU D 173 12.95 31.04 -25.59
CA LEU D 173 12.10 30.03 -25.02
C LEU D 173 11.94 30.23 -23.50
N ILE D 174 13.03 30.49 -22.80
CA ILE D 174 12.97 30.80 -21.37
C ILE D 174 12.07 31.99 -21.01
N ASP D 175 12.12 33.03 -21.84
CA ASP D 175 11.42 34.29 -21.60
C ASP D 175 9.93 34.18 -21.94
N LEU D 176 9.62 33.54 -23.07
CA LEU D 176 8.30 33.64 -23.72
C LEU D 176 7.45 32.37 -23.67
N HIS D 177 8.00 31.26 -23.20
CA HIS D 177 7.15 30.11 -23.04
C HIS D 177 6.10 30.48 -22.00
N ASN D 178 4.83 30.21 -22.31
CA ASN D 178 3.68 30.54 -21.45
C ASN D 178 3.36 32.05 -21.37
N TYR D 179 3.87 32.82 -22.32
CA TYR D 179 3.68 34.28 -22.33
C TYR D 179 2.21 34.58 -22.52
N ASN D 180 1.67 35.46 -21.68
CA ASN D 180 0.25 35.78 -21.80
C ASN D 180 0.07 36.81 -22.90
N LEU D 181 -0.43 36.36 -24.04
CA LEU D 181 -0.60 37.23 -25.20
C LEU D 181 -1.86 38.08 -25.06
N GLY D 182 -2.57 37.91 -23.95
CA GLY D 182 -3.77 38.71 -23.69
C GLY D 182 -4.99 37.84 -23.51
N GLU D 183 -5.87 38.25 -22.59
CA GLU D 183 -7.05 37.46 -22.24
C GLU D 183 -6.70 35.99 -21.97
N ASN D 184 -5.71 35.76 -21.10
CA ASN D 184 -5.37 34.40 -20.69
C ASN D 184 -5.12 33.46 -21.87
N HIS D 185 -4.57 34.00 -22.95
CA HIS D 185 -4.11 33.18 -24.07
C HIS D 185 -2.60 33.07 -23.99
N HIS D 186 -2.12 31.94 -23.49
CA HIS D 186 -0.70 31.74 -23.28
C HIS D 186 0.00 31.09 -24.48
N LEU D 187 1.07 31.74 -24.94
CA LEU D 187 1.96 31.23 -25.98
C LEU D 187 2.68 29.97 -25.48
N ARG D 188 2.78 28.96 -26.33
CA ARG D 188 3.69 27.84 -26.07
C ARG D 188 4.86 27.86 -27.05
N VAL D 189 6.05 27.61 -26.52
CA VAL D 189 7.26 27.67 -27.29
C VAL D 189 8.02 26.35 -27.10
N SER D 190 8.33 25.68 -28.19
CA SER D 190 9.15 24.46 -28.22
C SER D 190 10.29 24.64 -29.23
N PHE D 191 11.28 23.77 -29.19
CA PHE D 191 12.25 23.67 -30.27
C PHE D 191 11.63 22.94 -31.44
N SER D 192 12.35 22.92 -32.55
CA SER D 192 11.82 22.40 -33.80
C SER D 192 12.91 21.68 -34.54
N LYS D 193 12.52 20.66 -35.32
CA LYS D 193 13.46 20.02 -36.24
C LYS D 193 13.29 20.60 -37.64
N SER D 194 12.32 21.49 -37.78
CA SER D 194 11.94 22.01 -39.08
C SER D 194 12.64 23.34 -39.33
N THR D 195 12.85 23.68 -40.60
CA THR D 195 13.48 24.94 -40.95
C THR D 195 12.58 25.73 -41.89
N ILE D 196 12.68 27.05 -41.83
CA ILE D 196 11.90 27.94 -42.67
C ILE D 196 12.55 28.05 -44.04
N ASN E 2 12.80 -5.71 -2.46
CA ASN E 2 12.96 -6.76 -3.49
C ASN E 2 13.08 -8.14 -2.84
N THR E 3 12.01 -8.93 -2.95
CA THR E 3 11.83 -10.04 -2.03
C THR E 3 12.19 -11.40 -2.62
N VAL E 4 12.37 -11.46 -3.94
CA VAL E 4 12.55 -12.74 -4.64
C VAL E 4 14.05 -12.98 -4.90
N LEU E 5 14.57 -14.10 -4.41
CA LEU E 5 15.93 -14.51 -4.73
C LEU E 5 15.95 -15.57 -5.85
N LEU E 6 16.97 -15.52 -6.70
CA LEU E 6 17.34 -16.64 -7.57
C LEU E 6 18.50 -17.42 -6.94
N VAL E 7 18.33 -18.73 -6.86
CA VAL E 7 19.39 -19.62 -6.39
C VAL E 7 19.75 -20.55 -7.53
N SER E 8 21.03 -20.64 -7.81
CA SER E 8 21.48 -21.51 -8.88
C SER E 8 22.58 -22.46 -8.44
N ASN E 9 22.93 -23.35 -9.36
CA ASN E 9 23.85 -24.47 -9.10
C ASN E 9 23.42 -25.39 -7.96
N LEU E 10 22.11 -25.55 -7.81
CA LEU E 10 21.56 -26.54 -6.91
C LEU E 10 21.88 -27.95 -7.41
N ASN E 11 21.81 -28.90 -6.49
CA ASN E 11 21.80 -30.29 -6.83
C ASN E 11 20.40 -30.68 -7.33
N GLU E 12 20.32 -30.85 -8.63
CA GLU E 12 19.04 -31.00 -9.31
C GLU E 12 18.31 -32.27 -8.88
N GLU E 13 19.05 -33.29 -8.47
CA GLU E 13 18.48 -34.54 -8.04
C GLU E 13 18.05 -34.51 -6.58
N MET E 14 18.81 -33.82 -5.73
CA MET E 14 18.61 -33.89 -4.28
C MET E 14 17.68 -32.78 -3.74
N VAL E 15 17.71 -31.62 -4.38
CA VAL E 15 17.01 -30.47 -3.83
C VAL E 15 15.49 -30.65 -3.82
N THR E 16 14.85 -30.04 -2.83
CA THR E 16 13.40 -30.00 -2.70
C THR E 16 12.92 -28.58 -2.31
N PRO E 17 11.61 -28.30 -2.50
CA PRO E 17 11.16 -27.00 -1.99
C PRO E 17 11.28 -26.89 -0.46
N GLN E 18 10.99 -27.99 0.25
CA GLN E 18 11.18 -28.06 1.70
C GLN E 18 12.60 -27.76 2.13
N SER E 19 13.58 -28.37 1.48
CA SER E 19 14.95 -28.14 1.89
C SER E 19 15.35 -26.67 1.72
N LEU E 20 14.86 -26.04 0.66
CA LEU E 20 15.14 -24.63 0.43
C LEU E 20 14.47 -23.77 1.48
N PHE E 21 13.26 -24.16 1.85
CA PHE E 21 12.52 -23.44 2.85
C PHE E 21 13.26 -23.41 4.17
N THR E 22 13.75 -24.56 4.60
CA THR E 22 14.43 -24.69 5.86
C THR E 22 15.75 -23.91 5.90
N LEU E 23 16.54 -24.01 4.85
CA LEU E 23 17.84 -23.38 4.84
C LEU E 23 17.69 -21.86 4.76
N PHE E 24 16.92 -21.40 3.77
CA PHE E 24 16.69 -19.99 3.62
C PHE E 24 15.90 -19.44 4.79
N GLY E 25 15.12 -20.34 5.41
CA GLY E 25 14.37 -20.05 6.64
C GLY E 25 15.20 -19.72 7.87
N VAL E 26 16.51 -19.89 7.77
CA VAL E 26 17.38 -19.46 8.81
C VAL E 26 17.44 -17.92 8.87
N TYR E 27 17.20 -17.24 7.75
CA TYR E 27 17.49 -15.80 7.64
C TYR E 27 16.27 -14.92 7.41
N GLY E 28 15.11 -15.56 7.23
CA GLY E 28 13.89 -14.85 6.86
C GLY E 28 12.73 -15.82 6.90
N ASP E 29 11.54 -15.33 6.61
CA ASP E 29 10.40 -16.19 6.45
C ASP E 29 10.12 -16.43 4.97
N VAL E 30 10.44 -17.63 4.52
CA VAL E 30 10.18 -18.05 3.15
C VAL E 30 8.68 -18.21 2.84
N GLN E 31 8.18 -17.40 1.91
CA GLN E 31 6.75 -17.44 1.58
C GLN E 31 6.41 -18.48 0.51
N ARG E 32 7.26 -18.58 -0.51
CA ARG E 32 7.00 -19.47 -1.63
C ARG E 32 8.32 -19.94 -2.18
N VAL E 33 8.32 -21.11 -2.81
CA VAL E 33 9.49 -21.66 -3.48
C VAL E 33 9.11 -22.36 -4.78
N LYS E 34 9.87 -22.07 -5.84
CA LYS E 34 9.57 -22.61 -7.15
C LYS E 34 10.86 -23.06 -7.81
N ILE E 35 11.03 -24.37 -7.88
CA ILE E 35 12.08 -24.97 -8.69
C ILE E 35 11.71 -24.85 -10.16
N LEU E 36 12.62 -24.30 -10.97
CA LEU E 36 12.28 -24.00 -12.34
C LEU E 36 12.11 -25.29 -13.15
N TYR E 37 10.95 -25.45 -13.80
CA TYR E 37 10.65 -26.64 -14.58
C TYR E 37 11.69 -26.88 -15.66
N ASN E 38 12.09 -25.81 -16.34
CA ASN E 38 13.03 -25.91 -17.45
C ASN E 38 14.48 -26.03 -16.96
N LYS E 39 14.75 -25.52 -15.75
CA LYS E 39 16.11 -25.37 -15.25
C LYS E 39 16.18 -25.85 -13.81
N LYS E 40 16.30 -27.16 -13.62
CA LYS E 40 15.99 -27.79 -12.33
C LYS E 40 17.14 -27.68 -11.32
N ASP E 41 18.21 -26.99 -11.70
CA ASP E 41 19.27 -26.64 -10.77
C ASP E 41 19.10 -25.22 -10.23
N SER E 42 17.97 -24.61 -10.55
CA SER E 42 17.70 -23.22 -10.17
C SER E 42 16.31 -23.14 -9.52
N ALA E 43 16.14 -22.17 -8.63
CA ALA E 43 14.87 -22.00 -7.94
C ALA E 43 14.66 -20.52 -7.61
N LEU E 44 13.41 -20.11 -7.52
CA LEU E 44 13.08 -18.83 -6.94
C LEU E 44 12.60 -19.02 -5.51
N ILE E 45 12.97 -18.09 -4.65
CA ILE E 45 12.58 -18.13 -3.26
C ILE E 45 12.10 -16.75 -2.83
N GLN E 46 10.86 -16.67 -2.35
CA GLN E 46 10.27 -15.38 -2.03
C GLN E 46 10.25 -15.21 -0.54
N MET E 47 10.97 -14.20 -0.05
CA MET E 47 11.06 -13.91 1.37
C MET E 47 10.00 -12.89 1.77
N ALA E 48 9.77 -12.76 3.08
CA ALA E 48 8.74 -11.86 3.59
C ALA E 48 9.07 -10.40 3.26
N ASP E 49 10.35 -10.09 3.04
CA ASP E 49 10.73 -8.71 2.80
C ASP E 49 12.16 -8.56 2.24
N GLY E 50 12.43 -7.39 1.66
CA GLY E 50 13.75 -7.11 1.08
C GLY E 50 14.91 -7.28 2.04
N ASN E 51 14.68 -7.02 3.31
CA ASN E 51 15.76 -7.12 4.29
C ASN E 51 16.15 -8.58 4.45
N GLN E 52 15.14 -9.44 4.56
CA GLN E 52 15.35 -10.88 4.63
C GLN E 52 16.00 -11.47 3.36
N SER E 53 15.53 -11.06 2.19
CA SER E 53 16.16 -11.52 0.94
C SER E 53 17.65 -11.14 0.89
N GLN E 54 17.98 -9.91 1.27
CA GLN E 54 19.38 -9.47 1.25
C GLN E 54 20.22 -10.21 2.29
N LEU E 55 19.65 -10.43 3.48
CA LEU E 55 20.27 -11.22 4.51
C LEU E 55 20.63 -12.63 4.04
N ALA E 56 19.63 -13.37 3.56
CA ALA E 56 19.84 -14.75 3.11
C ALA E 56 20.91 -14.77 2.02
N MET E 57 20.84 -13.81 1.11
CA MET E 57 21.75 -13.78 -0.02
C MET E 57 23.16 -13.53 0.49
N ASN E 58 23.32 -12.62 1.44
CA ASN E 58 24.61 -12.41 2.09
C ASN E 58 25.15 -13.72 2.65
N HIS E 59 24.31 -14.47 3.37
CA HIS E 59 24.80 -15.56 4.23
C HIS E 59 24.79 -16.92 3.54
N LEU E 60 24.11 -17.04 2.41
CA LEU E 60 23.97 -18.34 1.74
C LEU E 60 24.62 -18.41 0.35
N ASN E 61 24.89 -17.27 -0.26
CA ASN E 61 25.66 -17.25 -1.49
C ASN E 61 27.05 -17.87 -1.30
N GLY E 62 27.35 -18.84 -2.14
CA GLY E 62 28.64 -19.53 -2.08
C GLY E 62 28.73 -20.66 -1.08
N GLN E 63 27.65 -20.93 -0.36
CA GLN E 63 27.64 -22.03 0.60
C GLN E 63 27.47 -23.37 -0.11
N LYS E 64 27.78 -24.45 0.59
CA LYS E 64 27.64 -25.78 0.04
C LYS E 64 26.32 -26.43 0.47
N MET E 65 25.49 -26.78 -0.50
CA MET E 65 24.22 -27.47 -0.24
C MET E 65 24.16 -28.68 -1.18
N TYR E 66 23.85 -29.84 -0.61
CA TYR E 66 23.85 -31.12 -1.35
C TYR E 66 25.01 -31.25 -2.34
N GLY E 67 26.21 -30.99 -1.86
CA GLY E 67 27.43 -31.26 -2.60
C GLY E 67 27.78 -30.22 -3.62
N LYS E 68 26.99 -29.13 -3.69
CA LYS E 68 27.23 -28.07 -4.67
C LYS E 68 27.32 -26.69 -4.03
N ILE E 69 28.23 -25.87 -4.58
CA ILE E 69 28.39 -24.48 -4.18
C ILE E 69 27.29 -23.64 -4.83
N ILE E 70 26.30 -23.25 -4.02
CA ILE E 70 25.14 -22.53 -4.59
C ILE E 70 25.46 -21.06 -4.77
N ARG E 71 24.72 -20.44 -5.67
CA ARG E 71 24.90 -19.04 -5.98
C ARG E 71 23.54 -18.38 -5.75
N VAL E 72 23.52 -17.26 -5.03
CA VAL E 72 22.26 -16.60 -4.71
C VAL E 72 22.34 -15.13 -5.11
N THR E 73 21.36 -14.69 -5.88
CA THR E 73 21.31 -13.32 -6.37
C THR E 73 19.87 -12.84 -6.29
N LEU E 74 19.67 -11.54 -6.50
CA LEU E 74 18.32 -10.99 -6.62
C LEU E 74 17.68 -11.38 -7.94
N SER E 75 16.51 -11.99 -7.88
CA SER E 75 15.72 -12.31 -9.08
C SER E 75 15.09 -11.07 -9.71
N LYS E 76 14.91 -11.15 -11.02
CA LYS E 76 14.15 -10.14 -11.78
C LYS E 76 12.64 -10.28 -11.60
N HIS E 77 12.21 -11.31 -10.87
CA HIS E 77 10.80 -11.48 -10.51
C HIS E 77 10.43 -10.63 -9.30
N GLN E 78 9.27 -9.99 -9.38
CA GLN E 78 8.74 -9.21 -8.27
C GLN E 78 8.00 -10.12 -7.29
N THR E 79 7.42 -11.20 -7.80
CA THR E 79 6.93 -12.27 -6.93
C THR E 79 7.12 -13.64 -7.58
N VAL E 80 7.07 -14.67 -6.75
CA VAL E 80 6.96 -16.02 -7.26
C VAL E 80 5.48 -16.38 -7.47
N GLN E 81 5.15 -16.78 -8.69
CA GLN E 81 3.77 -17.09 -9.04
C GLN E 81 3.52 -18.59 -9.04
N LEU E 82 2.53 -19.00 -8.25
CA LEU E 82 2.15 -20.40 -8.14
C LEU E 82 1.17 -20.77 -9.24
N PRO E 83 1.06 -22.07 -9.55
CA PRO E 83 0.07 -22.51 -10.52
C PRO E 83 -1.28 -22.80 -9.89
N ARG E 84 -2.32 -22.90 -10.72
CA ARG E 84 -3.65 -23.24 -10.23
C ARG E 84 -3.65 -24.66 -9.69
N GLY E 91 5.78 -31.51 -8.69
CA GLY E 91 5.31 -30.49 -7.74
C GLY E 91 6.13 -29.22 -7.85
N LEU E 92 7.37 -29.27 -7.37
CA LEU E 92 8.38 -28.26 -7.70
C LEU E 92 8.11 -26.86 -7.16
N THR E 93 6.84 -26.55 -6.90
CA THR E 93 6.48 -25.28 -6.28
C THR E 93 5.82 -25.58 -4.94
N LYS E 94 6.04 -24.71 -3.96
CA LYS E 94 5.30 -24.81 -2.72
C LYS E 94 5.00 -23.45 -2.14
N ASP E 95 3.80 -23.32 -1.57
CA ASP E 95 3.38 -22.09 -0.90
C ASP E 95 3.47 -22.28 0.63
N PHE E 96 4.31 -21.50 1.29
CA PHE E 96 4.55 -21.65 2.73
C PHE E 96 3.90 -20.55 3.55
N GLY E 97 2.93 -19.86 2.98
CA GLY E 97 2.32 -18.73 3.65
C GLY E 97 1.74 -19.15 4.98
N ASN E 98 1.99 -18.36 6.02
CA ASN E 98 1.50 -18.63 7.37
C ASN E 98 2.16 -19.84 8.05
N SER E 99 3.20 -20.39 7.43
CA SER E 99 3.84 -21.56 8.01
C SER E 99 4.15 -21.39 9.50
N PRO E 100 3.80 -22.40 10.31
CA PRO E 100 4.16 -22.43 11.72
C PRO E 100 5.67 -22.54 11.93
N LEU E 101 6.41 -22.89 10.89
CA LEU E 101 7.87 -23.04 10.99
C LEU E 101 8.62 -21.75 10.66
N HIS E 102 7.90 -20.66 10.41
CA HIS E 102 8.55 -19.37 10.20
C HIS E 102 9.23 -18.96 11.49
N ARG E 103 10.54 -18.76 11.42
CA ARG E 103 11.30 -18.35 12.60
C ARG E 103 10.98 -16.93 13.04
N PHE E 104 10.54 -16.09 12.12
CA PHE E 104 10.46 -14.66 12.40
C PHE E 104 9.01 -14.16 12.34
N LYS E 105 8.13 -14.86 13.03
CA LYS E 105 6.72 -14.49 13.06
C LYS E 105 6.45 -13.46 14.15
N LYS E 106 7.30 -13.43 15.17
CA LYS E 106 7.19 -12.45 16.25
C LYS E 106 8.05 -11.23 15.98
N PRO E 107 7.49 -10.02 16.15
CA PRO E 107 8.30 -8.80 16.06
C PRO E 107 9.53 -8.84 16.98
N GLY E 108 10.63 -8.28 16.51
CA GLY E 108 11.87 -8.27 17.27
C GLY E 108 12.64 -9.57 17.18
N SER E 109 12.04 -10.58 16.56
CA SER E 109 12.58 -11.94 16.60
C SER E 109 13.93 -12.03 15.88
N LYS E 110 14.30 -10.95 15.20
CA LYS E 110 15.56 -10.90 14.44
C LYS E 110 16.77 -10.99 15.36
N ASN E 111 16.58 -10.70 16.65
CA ASN E 111 17.69 -10.79 17.62
C ASN E 111 17.70 -12.09 18.43
N PHE E 112 16.66 -12.91 18.28
CA PHE E 112 16.48 -14.05 19.17
C PHE E 112 16.32 -15.36 18.40
N GLN E 113 16.97 -15.45 17.24
CA GLN E 113 16.92 -16.66 16.44
C GLN E 113 18.34 -17.08 16.05
N ASN E 114 19.32 -16.49 16.73
CA ASN E 114 20.72 -16.89 16.56
C ASN E 114 21.17 -16.71 15.12
N ILE E 115 20.87 -15.55 14.53
CA ILE E 115 21.27 -15.27 13.15
C ILE E 115 22.78 -15.09 13.04
N PHE E 116 23.43 -16.06 12.42
CA PHE E 116 24.86 -16.02 12.19
C PHE E 116 25.13 -16.63 10.84
N PRO E 117 26.28 -16.30 10.25
CA PRO E 117 26.72 -17.00 9.05
C PRO E 117 26.86 -18.48 9.35
N PRO E 118 26.65 -19.33 8.33
CA PRO E 118 26.66 -20.75 8.61
C PRO E 118 27.94 -21.14 9.34
N SER E 119 27.85 -22.19 10.13
CA SER E 119 28.93 -22.53 11.04
C SER E 119 28.98 -24.01 11.28
N ALA E 120 30.15 -24.50 11.68
CA ALA E 120 30.34 -25.93 11.96
C ALA E 120 29.60 -26.26 13.24
N THR E 121 29.48 -25.26 14.11
CA THR E 121 28.79 -25.42 15.39
C THR E 121 27.34 -24.96 15.31
N LEU E 122 26.45 -25.85 15.75
CA LEU E 122 25.01 -25.64 15.68
C LEU E 122 24.46 -25.41 17.07
N HIS E 123 23.35 -24.66 17.15
CA HIS E 123 22.67 -24.41 18.42
C HIS E 123 21.36 -25.19 18.41
N LEU E 124 21.27 -26.13 19.34
CA LEU E 124 20.09 -26.94 19.51
C LEU E 124 19.23 -26.41 20.66
N SER E 125 17.90 -26.42 20.47
CA SER E 125 17.00 -26.09 21.56
C SER E 125 15.65 -26.79 21.47
N ASN E 126 14.84 -26.60 22.52
CA ASN E 126 13.62 -27.36 22.76
C ASN E 126 13.83 -28.86 22.96
N ILE E 127 14.91 -29.22 23.64
CA ILE E 127 15.23 -30.62 23.90
C ILE E 127 14.43 -31.09 25.12
N PRO E 128 13.62 -32.15 24.97
CA PRO E 128 12.88 -32.67 26.12
C PRO E 128 13.80 -33.32 27.15
N PRO E 129 13.29 -33.58 28.37
CA PRO E 129 14.05 -34.44 29.26
C PRO E 129 14.07 -35.83 28.65
N SER E 130 15.00 -36.66 29.07
CA SER E 130 15.00 -38.02 28.58
C SER E 130 15.77 -38.16 27.27
N VAL E 131 16.10 -37.05 26.63
CA VAL E 131 17.05 -37.11 25.53
C VAL E 131 18.46 -36.94 26.06
N ALA E 132 19.34 -37.87 25.70
CA ALA E 132 20.69 -37.90 26.23
C ALA E 132 21.73 -37.50 25.19
N GLU E 133 22.84 -36.94 25.65
CA GLU E 133 23.93 -36.53 24.77
C GLU E 133 24.12 -37.50 23.61
N GLU E 134 24.10 -38.81 23.90
CA GLU E 134 24.42 -39.83 22.91
C GLU E 134 23.32 -40.01 21.86
N ASP E 135 22.05 -39.92 22.28
CA ASP E 135 20.94 -39.89 21.34
C ASP E 135 21.23 -38.81 20.29
N LEU E 136 21.63 -37.63 20.76
CA LEU E 136 21.74 -36.47 19.90
C LEU E 136 22.94 -36.61 18.96
N ARG E 137 24.08 -37.04 19.50
CA ARG E 137 25.29 -37.29 18.72
C ARG E 137 25.02 -38.31 17.63
N THR E 138 24.17 -39.29 17.94
CA THR E 138 23.81 -40.32 16.99
C THR E 138 22.93 -39.72 15.90
N LEU E 139 21.88 -39.04 16.34
CA LEU E 139 20.94 -38.40 15.44
C LEU E 139 21.66 -37.53 14.39
N PHE E 140 22.67 -36.77 14.82
CA PHE E 140 23.36 -35.85 13.92
C PHE E 140 24.40 -36.58 13.06
N ALA E 141 25.01 -37.64 13.59
CA ALA E 141 26.00 -38.37 12.83
C ALA E 141 25.33 -39.13 11.67
N ASN E 142 24.07 -39.55 11.88
CA ASN E 142 23.29 -40.25 10.87
C ASN E 142 22.82 -39.33 9.72
N THR E 143 23.03 -38.02 9.83
CA THR E 143 22.86 -37.13 8.67
C THR E 143 23.99 -37.31 7.65
N GLY E 144 25.09 -37.90 8.09
CA GLY E 144 26.20 -38.27 7.22
C GLY E 144 27.50 -37.55 7.49
N GLY E 145 27.62 -36.97 8.68
CA GLY E 145 28.80 -36.21 9.08
C GLY E 145 29.30 -36.63 10.44
N THR E 146 30.35 -35.97 10.91
CA THR E 146 31.06 -36.39 12.10
C THR E 146 30.82 -35.38 13.21
N VAL E 147 30.30 -35.85 14.34
CA VAL E 147 30.14 -34.97 15.48
C VAL E 147 31.47 -34.83 16.19
N LYS E 148 31.99 -33.61 16.24
CA LYS E 148 33.32 -33.35 16.76
C LYS E 148 33.28 -32.91 18.22
N ALA E 149 32.15 -32.38 18.66
CA ALA E 149 31.98 -31.95 20.05
C ALA E 149 30.53 -31.66 20.36
N PHE E 150 30.20 -31.74 21.65
CA PHE E 150 28.84 -31.52 22.14
C PHE E 150 28.95 -30.91 23.53
N LYS E 151 28.02 -30.01 23.83
CA LYS E 151 27.90 -29.47 25.19
C LYS E 151 26.46 -29.03 25.49
N PHE E 152 25.88 -29.60 26.54
CA PHE E 152 24.61 -29.13 27.10
C PHE E 152 24.75 -27.78 27.79
N PHE E 153 23.69 -26.99 27.71
CA PHE E 153 23.48 -25.89 28.64
C PHE E 153 22.82 -26.39 29.92
N GLN E 154 22.90 -25.57 30.97
CA GLN E 154 22.64 -26.00 32.34
C GLN E 154 21.38 -26.87 32.45
N ASP E 155 20.27 -26.37 31.92
CA ASP E 155 18.97 -27.03 32.07
C ASP E 155 18.86 -28.28 31.20
N HIS E 156 19.78 -28.42 30.24
CA HIS E 156 19.72 -29.49 29.23
C HIS E 156 18.61 -29.25 28.21
N LYS E 157 18.04 -28.06 28.21
CA LYS E 157 17.03 -27.71 27.23
C LYS E 157 17.71 -27.21 25.95
N MET E 158 18.99 -26.88 26.07
CA MET E 158 19.75 -26.38 24.93
C MET E 158 21.17 -26.92 24.89
N ALA E 159 21.74 -26.99 23.68
CA ALA E 159 23.09 -27.52 23.51
C ALA E 159 23.78 -26.90 22.31
N LEU E 160 25.11 -26.94 22.32
CA LEU E 160 25.90 -26.79 21.11
C LEU E 160 26.34 -28.16 20.65
N LEU E 161 26.46 -28.33 19.35
CA LEU E 161 26.84 -29.62 18.79
C LEU E 161 27.62 -29.34 17.53
N GLN E 162 28.91 -29.68 17.54
CA GLN E 162 29.83 -29.22 16.52
C GLN E 162 30.00 -30.32 15.51
N MET E 163 29.76 -30.01 14.25
CA MET E 163 30.06 -30.93 13.16
C MET E 163 31.48 -30.68 12.67
N ALA E 164 31.95 -31.53 11.76
CA ALA E 164 33.33 -31.49 11.29
C ALA E 164 33.58 -30.29 10.41
N THR E 165 32.53 -29.87 9.70
CA THR E 165 32.60 -28.77 8.75
C THR E 165 31.29 -28.01 8.69
N VAL E 166 31.33 -26.83 8.10
CA VAL E 166 30.14 -26.04 7.81
C VAL E 166 29.19 -26.81 6.89
N GLU E 167 29.73 -27.35 5.80
CA GLU E 167 28.93 -28.19 4.91
C GLU E 167 28.14 -29.23 5.68
N GLU E 168 28.81 -30.00 6.52
CA GLU E 168 28.11 -30.99 7.33
C GLU E 168 27.00 -30.35 8.15
N ALA E 169 27.29 -29.20 8.75
CA ALA E 169 26.35 -28.55 9.67
C ALA E 169 25.08 -28.02 8.95
N ILE E 170 25.30 -27.50 7.75
CA ILE E 170 24.21 -27.13 6.86
C ILE E 170 23.30 -28.32 6.57
N GLN E 171 23.90 -29.50 6.42
CA GLN E 171 23.15 -30.69 6.05
C GLN E 171 22.34 -31.16 7.25
N ALA E 172 22.99 -31.22 8.40
CA ALA E 172 22.32 -31.49 9.68
C ALA E 172 21.12 -30.59 9.92
N LEU E 173 21.27 -29.28 9.71
CA LEU E 173 20.16 -28.34 9.88
C LEU E 173 18.98 -28.70 8.97
N ILE E 174 19.28 -28.85 7.69
CA ILE E 174 18.25 -29.21 6.71
C ILE E 174 17.51 -30.46 7.16
N ASP E 175 18.25 -31.46 7.62
CA ASP E 175 17.64 -32.74 7.96
C ASP E 175 16.87 -32.68 9.27
N LEU E 176 17.40 -31.97 10.26
CA LEU E 176 16.99 -32.14 11.65
C LEU E 176 16.25 -30.95 12.29
N HIS E 177 16.28 -29.79 11.65
CA HIS E 177 15.39 -28.73 12.12
C HIS E 177 13.91 -29.19 12.19
N ASN E 178 13.27 -28.93 13.32
CA ASN E 178 11.91 -29.39 13.58
C ASN E 178 11.74 -30.90 13.75
N TYR E 179 12.84 -31.63 13.94
CA TYR E 179 12.77 -33.08 14.13
C TYR E 179 11.98 -33.43 15.40
N ASN E 180 11.17 -34.47 15.32
CA ASN E 180 10.30 -34.83 16.43
C ASN E 180 11.06 -35.69 17.44
N LEU E 181 11.44 -35.09 18.55
CA LEU E 181 12.21 -35.78 19.57
C LEU E 181 11.34 -36.48 20.61
N GLY E 182 10.04 -36.59 20.36
CA GLY E 182 9.11 -37.16 21.36
C GLY E 182 8.70 -36.18 22.46
N GLU E 183 7.87 -36.64 23.40
CA GLU E 183 7.33 -35.76 24.43
C GLU E 183 6.85 -34.43 23.85
N ASN E 184 6.33 -34.46 22.63
CA ASN E 184 5.75 -33.29 21.98
C ASN E 184 6.73 -32.14 21.76
N HIS E 185 8.03 -32.42 21.84
CA HIS E 185 9.07 -31.42 21.64
C HIS E 185 9.70 -31.59 20.24
N HIS E 186 9.66 -30.53 19.45
CA HIS E 186 10.35 -30.53 18.17
C HIS E 186 11.67 -29.73 18.24
N LEU E 187 12.75 -30.40 17.87
CA LEU E 187 14.09 -29.84 17.98
C LEU E 187 14.17 -28.60 17.10
N ARG E 188 14.81 -27.56 17.62
CA ARG E 188 15.14 -26.40 16.82
C ARG E 188 16.66 -26.31 16.61
N VAL E 189 17.04 -26.10 15.35
CA VAL E 189 18.43 -26.04 14.93
C VAL E 189 18.77 -24.71 14.22
N SER E 190 19.77 -24.01 14.74
CA SER E 190 20.33 -22.78 14.15
C SER E 190 21.86 -22.85 14.11
N PHE E 191 22.49 -21.88 13.42
CA PHE E 191 23.91 -21.68 13.51
C PHE E 191 24.25 -20.96 14.81
N SER E 192 25.54 -20.87 15.13
CA SER E 192 25.97 -20.21 16.36
C SER E 192 27.28 -19.44 16.12
N LYS E 193 27.55 -18.45 16.97
CA LYS E 193 28.86 -17.82 17.00
C LYS E 193 29.72 -18.34 18.18
N SER E 194 29.14 -19.15 19.05
CA SER E 194 29.92 -19.75 20.12
C SER E 194 30.56 -21.06 19.65
N THR E 195 31.77 -21.32 20.13
CA THR E 195 32.40 -22.61 19.95
C THR E 195 32.49 -23.34 21.29
N ILE E 196 32.38 -24.66 21.24
CA ILE E 196 32.65 -25.52 22.40
C ILE E 196 34.16 -25.63 22.57
N ASN F 2 -34.69 14.25 -30.62
CA ASN F 2 -33.79 13.21 -31.17
C ASN F 2 -33.79 11.94 -30.31
N THR F 3 -34.91 11.21 -30.34
CA THR F 3 -35.13 10.11 -29.38
C THR F 3 -34.70 8.75 -29.94
N VAL F 4 -34.54 8.67 -31.26
CA VAL F 4 -34.32 7.37 -31.89
C VAL F 4 -32.85 7.11 -32.17
N LEU F 5 -32.36 5.99 -31.66
CA LEU F 5 -31.00 5.54 -31.92
C LEU F 5 -31.01 4.50 -33.06
N LEU F 6 -29.99 4.53 -33.93
CA LEU F 6 -29.72 3.45 -34.84
C LEU F 6 -28.57 2.65 -34.25
N VAL F 7 -28.75 1.35 -34.18
CA VAL F 7 -27.68 0.46 -33.69
C VAL F 7 -27.31 -0.53 -34.78
N SER F 8 -26.02 -0.68 -35.05
CA SER F 8 -25.56 -1.60 -36.10
C SER F 8 -24.49 -2.57 -35.60
N ASN F 9 -24.11 -3.48 -36.49
CA ASN F 9 -23.18 -4.57 -36.18
C ASN F 9 -23.66 -5.43 -35.04
N LEU F 10 -24.98 -5.53 -34.92
CA LEU F 10 -25.57 -6.50 -34.01
C LEU F 10 -25.23 -7.90 -34.48
N ASN F 11 -25.43 -8.86 -33.59
CA ASN F 11 -25.36 -10.25 -33.95
C ASN F 11 -26.72 -10.72 -34.47
N GLU F 12 -26.84 -10.73 -35.80
CA GLU F 12 -28.11 -11.01 -36.47
C GLU F 12 -28.83 -12.24 -35.95
N GLU F 13 -28.07 -13.28 -35.59
CA GLU F 13 -28.68 -14.55 -35.23
C GLU F 13 -29.18 -14.53 -33.79
N MET F 14 -28.46 -13.82 -32.93
CA MET F 14 -28.67 -13.88 -31.48
C MET F 14 -29.54 -12.73 -30.95
N VAL F 15 -29.49 -11.58 -31.60
CA VAL F 15 -30.21 -10.41 -31.11
C VAL F 15 -31.74 -10.53 -31.18
N THR F 16 -32.37 -10.07 -30.10
CA THR F 16 -33.82 -9.99 -29.98
C THR F 16 -34.23 -8.57 -29.55
N PRO F 17 -35.47 -8.18 -29.88
CA PRO F 17 -36.00 -6.93 -29.35
C PRO F 17 -35.84 -6.80 -27.84
N GLN F 18 -36.04 -7.90 -27.12
CA GLN F 18 -35.98 -7.89 -25.66
C GLN F 18 -34.57 -7.69 -25.14
N SER F 19 -33.58 -8.28 -25.81
CA SER F 19 -32.21 -8.10 -25.38
C SER F 19 -31.77 -6.64 -25.49
N LEU F 20 -32.21 -5.96 -26.55
CA LEU F 20 -31.92 -4.54 -26.74
C LEU F 20 -32.66 -3.65 -25.73
N PHE F 21 -33.92 -3.96 -25.47
CA PHE F 21 -34.65 -3.29 -24.41
C PHE F 21 -33.87 -3.31 -23.10
N THR F 22 -33.39 -4.49 -22.74
CA THR F 22 -32.72 -4.68 -21.48
C THR F 22 -31.37 -3.94 -21.39
N LEU F 23 -30.54 -4.08 -22.42
CA LEU F 23 -29.26 -3.39 -22.49
C LEU F 23 -29.40 -1.88 -22.57
N PHE F 24 -30.18 -1.37 -23.51
CA PHE F 24 -30.35 0.07 -23.61
C PHE F 24 -31.15 0.63 -22.44
N GLY F 25 -32.01 -0.20 -21.86
CA GLY F 25 -32.77 0.13 -20.64
C GLY F 25 -31.98 0.58 -19.43
N VAL F 26 -30.66 0.43 -19.49
CA VAL F 26 -29.77 0.75 -18.38
C VAL F 26 -29.57 2.26 -18.28
N TYR F 27 -29.69 2.95 -19.41
CA TYR F 27 -29.36 4.38 -19.54
C TYR F 27 -30.58 5.23 -19.89
N GLY F 28 -31.69 4.58 -20.22
CA GLY F 28 -32.96 5.28 -20.42
C GLY F 28 -34.13 4.31 -20.39
N ASP F 29 -35.32 4.81 -20.61
CA ASP F 29 -36.47 3.94 -20.78
C ASP F 29 -36.76 3.69 -22.24
N VAL F 30 -36.69 2.43 -22.62
CA VAL F 30 -36.84 2.07 -24.03
C VAL F 30 -38.34 1.95 -24.39
N GLN F 31 -38.79 2.74 -25.35
CA GLN F 31 -40.20 2.73 -25.70
C GLN F 31 -40.53 1.68 -26.77
N ARG F 32 -39.67 1.58 -27.79
CA ARG F 32 -39.98 0.76 -28.96
C ARG F 32 -38.68 0.28 -29.57
N VAL F 33 -38.69 -0.91 -30.16
CA VAL F 33 -37.49 -1.49 -30.80
C VAL F 33 -37.89 -2.15 -32.11
N LYS F 34 -37.25 -1.73 -33.19
CA LYS F 34 -37.47 -2.30 -34.52
C LYS F 34 -36.16 -2.81 -35.13
N ILE F 35 -35.98 -4.12 -35.10
CA ILE F 35 -34.97 -4.78 -35.93
C ILE F 35 -35.35 -4.61 -37.40
N LEU F 36 -34.43 -4.13 -38.21
CA LEU F 36 -34.75 -3.80 -39.58
C LEU F 36 -34.92 -5.06 -40.43
N TYR F 37 -36.05 -5.16 -41.13
CA TYR F 37 -36.44 -6.39 -41.80
C TYR F 37 -35.44 -6.76 -42.89
N ASN F 38 -34.84 -5.75 -43.51
CA ASN F 38 -33.90 -5.96 -44.61
C ASN F 38 -32.44 -5.87 -44.17
N LYS F 39 -32.21 -5.48 -42.93
CA LYS F 39 -30.84 -5.26 -42.45
C LYS F 39 -30.77 -5.70 -41.00
N LYS F 40 -30.87 -7.00 -40.80
CA LYS F 40 -31.22 -7.57 -39.50
C LYS F 40 -30.05 -7.61 -38.50
N ASP F 41 -28.92 -7.01 -38.87
CA ASP F 41 -27.89 -6.66 -37.88
C ASP F 41 -28.03 -5.21 -37.44
N SER F 42 -29.17 -4.60 -37.77
CA SER F 42 -29.45 -3.20 -37.42
C SER F 42 -30.81 -3.07 -36.72
N ALA F 43 -30.93 -2.12 -35.80
CA ALA F 43 -32.20 -1.86 -35.12
C ALA F 43 -32.37 -0.39 -34.84
N LEU F 44 -33.61 0.06 -34.87
CA LEU F 44 -33.99 1.34 -34.28
C LEU F 44 -34.41 1.15 -32.83
N ILE F 45 -33.98 2.06 -31.97
CA ILE F 45 -34.38 2.07 -30.57
C ILE F 45 -34.91 3.46 -30.17
N GLN F 46 -36.16 3.51 -29.71
CA GLN F 46 -36.77 4.80 -29.34
C GLN F 46 -36.71 4.98 -27.84
N MET F 47 -35.90 5.93 -27.38
CA MET F 47 -35.81 6.30 -25.96
C MET F 47 -36.88 7.33 -25.56
N ALA F 48 -37.08 7.48 -24.25
CA ALA F 48 -38.08 8.42 -23.73
C ALA F 48 -37.79 9.88 -24.11
N ASP F 49 -36.51 10.24 -24.14
CA ASP F 49 -36.12 11.58 -24.51
C ASP F 49 -34.72 11.63 -25.09
N GLY F 50 -34.35 12.79 -25.62
CA GLY F 50 -33.07 12.96 -26.29
C GLY F 50 -31.89 12.90 -25.35
N ASN F 51 -32.12 13.20 -24.09
CA ASN F 51 -31.09 13.02 -23.07
C ASN F 51 -30.77 11.53 -22.91
N GLN F 52 -31.81 10.70 -22.93
CA GLN F 52 -31.65 9.27 -22.76
C GLN F 52 -30.96 8.64 -23.98
N SER F 53 -31.29 9.13 -25.17
CA SER F 53 -30.67 8.59 -26.39
C SER F 53 -29.18 8.96 -26.45
N GLN F 54 -28.83 10.13 -25.93
CA GLN F 54 -27.43 10.57 -25.92
C GLN F 54 -26.63 9.81 -24.87
N LEU F 55 -27.22 9.56 -23.71
CA LEU F 55 -26.54 8.81 -22.65
C LEU F 55 -26.23 7.37 -23.09
N ALA F 56 -27.23 6.71 -23.64
CA ALA F 56 -27.11 5.32 -24.06
C ALA F 56 -26.07 5.20 -25.17
N MET F 57 -26.04 6.18 -26.07
CA MET F 57 -25.07 6.21 -27.17
C MET F 57 -23.63 6.36 -26.65
N ASN F 58 -23.42 7.32 -25.76
CA ASN F 58 -22.11 7.58 -25.21
C ASN F 58 -21.57 6.34 -24.49
N HIS F 59 -22.46 5.60 -23.84
CA HIS F 59 -22.04 4.52 -22.98
C HIS F 59 -22.00 3.20 -23.74
N LEU F 60 -22.79 3.05 -24.78
CA LEU F 60 -22.90 1.73 -25.43
C LEU F 60 -22.18 1.62 -26.78
N ASN F 61 -22.07 2.70 -27.54
CA ASN F 61 -21.20 2.71 -28.72
C ASN F 61 -19.86 2.09 -28.40
N GLY F 62 -19.45 1.09 -29.17
CA GLY F 62 -18.16 0.45 -28.97
C GLY F 62 -18.16 -0.66 -27.94
N GLN F 63 -19.31 -0.94 -27.35
CA GLN F 63 -19.40 -2.05 -26.42
C GLN F 63 -19.72 -3.35 -27.15
N LYS F 64 -19.36 -4.47 -26.52
CA LYS F 64 -19.62 -5.78 -27.09
C LYS F 64 -20.98 -6.33 -26.68
N MET F 65 -21.75 -6.75 -27.66
CA MET F 65 -23.01 -7.46 -27.44
C MET F 65 -23.09 -8.70 -28.33
N TYR F 66 -23.24 -9.86 -27.69
CA TYR F 66 -23.31 -11.14 -28.42
C TYR F 66 -22.11 -11.27 -29.34
N GLY F 67 -20.96 -10.90 -28.80
CA GLY F 67 -19.67 -11.09 -29.44
C GLY F 67 -19.26 -10.09 -30.51
N LYS F 68 -20.14 -9.13 -30.83
CA LYS F 68 -19.77 -8.11 -31.81
C LYS F 68 -19.83 -6.72 -31.18
N ILE F 69 -18.91 -5.86 -31.58
CA ILE F 69 -18.83 -4.49 -31.11
C ILE F 69 -19.90 -3.66 -31.80
N ILE F 70 -20.83 -3.11 -31.04
CA ILE F 70 -21.93 -2.39 -31.64
C ILE F 70 -21.59 -0.95 -31.93
N ARG F 71 -22.20 -0.44 -32.98
CA ARG F 71 -22.19 0.96 -33.30
C ARG F 71 -23.56 1.53 -32.94
N VAL F 72 -23.54 2.70 -32.31
CA VAL F 72 -24.75 3.37 -31.88
C VAL F 72 -24.68 4.82 -32.33
N THR F 73 -25.72 5.28 -33.04
CA THR F 73 -25.77 6.65 -33.57
C THR F 73 -27.18 7.17 -33.43
N LEU F 74 -27.32 8.47 -33.66
CA LEU F 74 -28.62 9.10 -33.82
C LEU F 74 -29.21 8.78 -35.19
N SER F 75 -30.41 8.21 -35.18
CA SER F 75 -31.13 7.82 -36.39
C SER F 75 -31.74 9.08 -37.05
N LYS F 76 -32.01 8.99 -38.34
CA LYS F 76 -32.79 10.04 -39.04
C LYS F 76 -34.30 9.95 -38.79
N HIS F 77 -34.75 8.84 -38.21
CA HIS F 77 -36.15 8.69 -37.81
C HIS F 77 -36.50 9.58 -36.61
N GLN F 78 -37.71 10.14 -36.66
CA GLN F 78 -38.28 10.89 -35.54
C GLN F 78 -39.02 9.98 -34.56
N THR F 79 -39.55 8.87 -35.08
CA THR F 79 -40.06 7.79 -34.23
C THR F 79 -39.96 6.43 -34.91
N VAL F 80 -40.26 5.39 -34.14
CA VAL F 80 -40.20 4.04 -34.65
C VAL F 80 -41.63 3.55 -34.80
N GLN F 81 -42.04 3.33 -36.05
CA GLN F 81 -43.39 2.92 -36.34
C GLN F 81 -43.50 1.40 -36.41
N LEU F 82 -44.57 0.87 -35.83
CA LEU F 82 -44.80 -0.57 -35.81
C LEU F 82 -45.99 -0.91 -36.70
N PRO F 83 -46.05 -2.15 -37.18
CA PRO F 83 -47.13 -2.58 -38.07
C PRO F 83 -48.43 -2.84 -37.32
N ARG F 84 -49.54 -2.96 -38.05
CA ARG F 84 -50.85 -3.17 -37.45
C ARG F 84 -50.97 -4.60 -36.93
N ASP F 89 -45.56 -9.68 -38.33
CA ASP F 89 -45.32 -10.44 -37.11
C ASP F 89 -44.34 -11.57 -37.34
N GLN F 90 -43.07 -11.22 -37.58
CA GLN F 90 -41.99 -12.19 -37.60
C GLN F 90 -41.03 -11.95 -36.44
N GLY F 91 -41.47 -11.13 -35.48
CA GLY F 91 -40.76 -10.97 -34.23
C GLY F 91 -40.13 -9.58 -34.09
N LEU F 92 -39.92 -8.92 -35.22
CA LEU F 92 -38.84 -7.93 -35.35
C LEU F 92 -39.07 -6.66 -34.54
N THR F 93 -40.33 -6.37 -34.21
CA THR F 93 -40.69 -5.12 -33.56
C THR F 93 -41.37 -5.41 -32.23
N LYS F 94 -41.20 -4.50 -31.28
CA LYS F 94 -41.92 -4.60 -30.02
C LYS F 94 -42.14 -3.21 -29.44
N ASP F 95 -43.32 -2.99 -28.88
CA ASP F 95 -43.63 -1.75 -28.17
C ASP F 95 -43.58 -2.00 -26.66
N PHE F 96 -42.73 -1.26 -25.98
CA PHE F 96 -42.55 -1.46 -24.54
C PHE F 96 -43.17 -0.33 -23.73
N GLY F 97 -44.01 0.48 -24.39
CA GLY F 97 -44.58 1.65 -23.73
C GLY F 97 -45.24 1.20 -22.44
N ASN F 98 -44.98 1.95 -21.38
CA ASN F 98 -45.56 1.74 -20.06
C ASN F 98 -44.97 0.54 -19.32
N SER F 99 -43.91 -0.06 -19.86
CA SER F 99 -43.37 -1.29 -19.26
C SER F 99 -43.11 -1.12 -17.77
N PRO F 100 -43.36 -2.20 -17.01
CA PRO F 100 -43.04 -2.27 -15.59
C PRO F 100 -41.52 -2.41 -15.33
N LEU F 101 -40.75 -2.66 -16.40
CA LEU F 101 -39.29 -2.81 -16.27
C LEU F 101 -38.53 -1.52 -16.60
N HIS F 102 -39.25 -0.46 -16.97
CA HIS F 102 -38.60 0.83 -17.10
C HIS F 102 -37.93 1.22 -15.78
N ARG F 103 -36.62 1.43 -15.82
CA ARG F 103 -35.88 1.79 -14.62
C ARG F 103 -36.21 3.20 -14.16
N PHE F 104 -36.55 4.07 -15.10
CA PHE F 104 -36.60 5.50 -14.83
C PHE F 104 -38.05 5.98 -14.82
N LYS F 105 -38.93 5.11 -14.36
CA LYS F 105 -40.35 5.42 -14.23
C LYS F 105 -40.61 6.42 -13.09
N LYS F 106 -39.77 6.40 -12.06
CA LYS F 106 -39.91 7.32 -10.92
C LYS F 106 -39.06 8.58 -11.13
N PRO F 107 -39.67 9.76 -10.95
CA PRO F 107 -38.91 11.01 -11.00
C PRO F 107 -37.78 11.05 -9.98
N GLY F 108 -36.55 11.30 -10.45
CA GLY F 108 -35.38 11.32 -9.57
C GLY F 108 -34.46 10.13 -9.78
N SER F 109 -34.93 9.16 -10.55
CA SER F 109 -34.28 7.85 -10.63
C SER F 109 -32.94 7.89 -11.40
N LYS F 110 -32.67 9.02 -12.04
CA LYS F 110 -31.43 9.21 -12.78
C LYS F 110 -30.22 9.05 -11.84
N ASN F 111 -30.45 9.21 -10.54
CA ASN F 111 -29.39 9.13 -9.55
C ASN F 111 -29.43 7.84 -8.74
N PHE F 112 -30.48 7.04 -8.93
CA PHE F 112 -30.71 5.87 -8.08
C PHE F 112 -30.86 4.59 -8.89
N GLN F 113 -30.21 4.54 -10.06
CA GLN F 113 -30.22 3.34 -10.88
C GLN F 113 -28.80 2.94 -11.28
N ASN F 114 -27.81 3.50 -10.59
CA ASN F 114 -26.41 3.17 -10.84
C ASN F 114 -25.98 3.39 -12.28
N ILE F 115 -26.25 4.58 -12.81
CA ILE F 115 -25.76 4.94 -14.15
C ILE F 115 -24.25 5.09 -14.15
N PHE F 116 -23.57 4.05 -14.60
CA PHE F 116 -22.12 4.07 -14.81
C PHE F 116 -21.84 3.46 -16.18
N PRO F 117 -20.60 3.64 -16.69
CA PRO F 117 -20.20 2.86 -17.86
C PRO F 117 -20.33 1.37 -17.59
N PRO F 118 -20.47 0.55 -18.64
CA PRO F 118 -20.48 -0.89 -18.41
C PRO F 118 -19.25 -1.30 -17.61
N SER F 119 -19.45 -2.11 -16.57
CA SER F 119 -18.38 -2.52 -15.68
C SER F 119 -18.32 -4.05 -15.62
N ALA F 120 -17.19 -4.58 -15.17
CA ALA F 120 -17.04 -6.02 -14.97
C ALA F 120 -17.76 -6.38 -13.68
N THR F 121 -17.84 -5.41 -12.78
CA THR F 121 -18.56 -5.58 -11.53
C THR F 121 -20.03 -5.17 -11.71
N LEU F 122 -20.92 -6.07 -11.29
CA LEU F 122 -22.35 -5.85 -11.36
C LEU F 122 -22.89 -5.58 -9.97
N HIS F 123 -23.86 -4.68 -9.90
CA HIS F 123 -24.60 -4.45 -8.69
C HIS F 123 -25.95 -5.16 -8.78
N LEU F 124 -26.16 -6.07 -7.83
CA LEU F 124 -27.39 -6.83 -7.67
C LEU F 124 -28.29 -6.23 -6.58
N SER F 125 -29.61 -6.30 -6.78
CA SER F 125 -30.57 -5.82 -5.79
C SER F 125 -31.89 -6.58 -5.86
N ASN F 126 -32.74 -6.31 -4.87
CA ASN F 126 -34.02 -7.01 -4.70
C ASN F 126 -33.80 -8.50 -4.44
N ILE F 127 -32.62 -8.81 -3.92
CA ILE F 127 -32.31 -10.19 -3.57
C ILE F 127 -33.22 -10.60 -2.41
N PRO F 128 -33.98 -11.68 -2.58
CA PRO F 128 -34.90 -12.04 -1.49
C PRO F 128 -34.16 -12.70 -0.34
N PRO F 129 -34.85 -12.90 0.78
CA PRO F 129 -34.17 -13.47 1.94
C PRO F 129 -33.73 -14.90 1.68
N SER F 130 -32.56 -15.27 2.19
CA SER F 130 -32.16 -16.67 2.27
C SER F 130 -31.74 -17.26 0.93
N VAL F 131 -31.23 -16.39 0.05
CA VAL F 131 -30.53 -16.85 -1.16
C VAL F 131 -29.03 -16.98 -0.86
N ALA F 132 -28.44 -18.08 -1.29
CA ALA F 132 -27.04 -18.34 -1.01
C ALA F 132 -26.12 -17.63 -2.00
N GLU F 133 -24.97 -17.16 -1.50
CA GLU F 133 -23.88 -16.71 -2.37
C GLU F 133 -23.55 -17.70 -3.46
N GLU F 134 -23.46 -18.98 -3.12
CA GLU F 134 -23.11 -20.01 -4.11
C GLU F 134 -24.11 -20.08 -5.26
N ASP F 135 -25.40 -20.04 -4.95
CA ASP F 135 -26.43 -20.04 -5.99
C ASP F 135 -26.30 -18.86 -6.97
N LEU F 136 -26.12 -17.65 -6.44
CA LEU F 136 -25.88 -16.49 -7.26
C LEU F 136 -24.61 -16.66 -8.13
N ARG F 137 -23.54 -17.15 -7.52
CA ARG F 137 -22.32 -17.43 -8.28
C ARG F 137 -22.60 -18.40 -9.43
N THR F 138 -23.31 -19.49 -9.10
CA THR F 138 -23.69 -20.47 -10.11
C THR F 138 -24.49 -19.79 -11.20
N LEU F 139 -25.48 -19.02 -10.78
CA LEU F 139 -26.42 -18.41 -11.71
C LEU F 139 -25.70 -17.54 -12.73
N PHE F 140 -24.76 -16.73 -12.26
CA PHE F 140 -24.05 -15.83 -13.17
C PHE F 140 -23.01 -16.58 -14.01
N ALA F 141 -22.35 -17.59 -13.43
CA ALA F 141 -21.47 -18.46 -14.21
C ALA F 141 -22.20 -19.14 -15.39
N ASN F 142 -23.46 -19.51 -15.17
CA ASN F 142 -24.25 -20.21 -16.17
C ASN F 142 -24.69 -19.33 -17.35
N THR F 143 -24.48 -18.02 -17.26
CA THR F 143 -24.59 -17.15 -18.42
C THR F 143 -23.35 -17.21 -19.33
N GLY F 144 -22.39 -18.07 -18.97
CA GLY F 144 -21.22 -18.34 -19.81
C GLY F 144 -19.92 -17.64 -19.44
N GLY F 145 -19.91 -16.93 -18.30
CA GLY F 145 -18.73 -16.17 -17.91
C GLY F 145 -18.13 -16.69 -16.62
N THR F 146 -17.00 -16.11 -16.21
CA THR F 146 -16.34 -16.52 -14.98
C THR F 146 -16.63 -15.52 -13.86
N VAL F 147 -17.16 -16.00 -12.74
CA VAL F 147 -17.33 -15.14 -11.58
C VAL F 147 -16.00 -15.05 -10.85
N LYS F 148 -15.48 -13.84 -10.76
CA LYS F 148 -14.18 -13.60 -10.15
C LYS F 148 -14.29 -13.11 -8.72
N ALA F 149 -15.45 -12.59 -8.32
CA ALA F 149 -15.59 -12.11 -6.96
C ALA F 149 -17.03 -11.82 -6.62
N PHE F 150 -17.36 -11.78 -5.33
CA PHE F 150 -18.73 -11.59 -4.88
C PHE F 150 -18.70 -11.03 -3.46
N LYS F 151 -19.67 -10.18 -3.13
CA LYS F 151 -19.80 -9.68 -1.75
C LYS F 151 -21.20 -9.15 -1.44
N PHE F 152 -21.89 -9.81 -0.50
CA PHE F 152 -23.16 -9.31 0.03
C PHE F 152 -22.95 -7.97 0.73
N PHE F 153 -23.92 -7.06 0.57
CA PHE F 153 -24.07 -5.93 1.47
C PHE F 153 -24.77 -6.41 2.74
N GLN F 154 -24.70 -5.60 3.79
CA GLN F 154 -24.93 -6.11 5.15
C GLN F 154 -26.18 -6.99 5.22
N ASP F 155 -27.32 -6.49 4.73
CA ASP F 155 -28.59 -7.19 4.97
C ASP F 155 -28.88 -8.24 3.90
N HIS F 156 -27.86 -8.55 3.08
CA HIS F 156 -27.98 -9.50 1.99
C HIS F 156 -29.08 -9.14 0.98
N LYS F 157 -29.47 -7.88 0.96
CA LYS F 157 -30.50 -7.41 0.03
C LYS F 157 -29.84 -7.00 -1.28
N MET F 158 -28.55 -6.73 -1.20
CA MET F 158 -27.78 -6.30 -2.35
C MET F 158 -26.44 -7.03 -2.34
N ALA F 159 -25.87 -7.19 -3.54
CA ALA F 159 -24.56 -7.80 -3.71
C ALA F 159 -23.84 -7.17 -4.88
N LEU F 160 -22.51 -7.08 -4.76
CA LEU F 160 -21.64 -6.94 -5.91
C LEU F 160 -21.13 -8.30 -6.37
N LEU F 161 -21.12 -8.51 -7.67
CA LEU F 161 -20.69 -9.78 -8.25
C LEU F 161 -19.84 -9.46 -9.47
N GLN F 162 -18.59 -9.88 -9.43
CA GLN F 162 -17.59 -9.43 -10.40
C GLN F 162 -17.37 -10.50 -11.44
N MET F 163 -17.67 -10.18 -12.70
CA MET F 163 -17.39 -11.08 -13.81
C MET F 163 -15.99 -10.75 -14.35
N ALA F 164 -15.49 -11.57 -15.28
CA ALA F 164 -14.06 -11.54 -15.64
C ALA F 164 -13.74 -10.36 -16.54
N THR F 165 -14.76 -9.91 -17.28
CA THR F 165 -14.58 -8.82 -18.21
C THR F 165 -15.87 -8.04 -18.26
N VAL F 166 -15.76 -6.83 -18.80
CA VAL F 166 -16.93 -6.01 -19.10
C VAL F 166 -17.89 -6.75 -20.03
N GLU F 167 -17.36 -7.34 -21.10
CA GLU F 167 -18.19 -8.08 -22.04
C GLU F 167 -19.04 -9.17 -21.38
N GLU F 168 -18.43 -9.98 -20.52
CA GLU F 168 -19.16 -11.00 -19.78
C GLU F 168 -20.25 -10.42 -18.89
N ALA F 169 -20.01 -9.24 -18.34
CA ALA F 169 -20.94 -8.64 -17.40
C ALA F 169 -22.13 -8.07 -18.18
N ILE F 170 -21.86 -7.58 -19.38
CA ILE F 170 -22.95 -7.15 -20.26
C ILE F 170 -23.84 -8.34 -20.58
N GLN F 171 -23.22 -9.51 -20.76
CA GLN F 171 -23.99 -10.71 -21.08
C GLN F 171 -24.86 -11.14 -19.90
N ALA F 172 -24.27 -11.09 -18.71
CA ALA F 172 -24.93 -11.50 -17.47
C ALA F 172 -26.16 -10.63 -17.26
N LEU F 173 -26.00 -9.33 -17.47
CA LEU F 173 -27.07 -8.35 -17.29
C LEU F 173 -28.23 -8.63 -18.24
N ILE F 174 -27.92 -8.86 -19.51
CA ILE F 174 -28.94 -9.14 -20.50
C ILE F 174 -29.73 -10.37 -20.09
N ASP F 175 -29.01 -11.37 -19.57
CA ASP F 175 -29.61 -12.64 -19.21
C ASP F 175 -30.38 -12.58 -17.89
N LEU F 176 -29.87 -11.82 -16.94
CA LEU F 176 -30.28 -12.00 -15.55
C LEU F 176 -31.03 -10.81 -14.90
N HIS F 177 -31.02 -9.64 -15.51
CA HIS F 177 -31.90 -8.57 -15.04
C HIS F 177 -33.36 -9.06 -15.05
N ASN F 178 -34.01 -8.94 -13.88
CA ASN F 178 -35.42 -9.32 -13.68
C ASN F 178 -35.65 -10.83 -13.67
N TYR F 179 -34.57 -11.60 -13.52
CA TYR F 179 -34.66 -13.04 -13.29
C TYR F 179 -35.55 -13.37 -12.09
N ASN F 180 -36.46 -14.32 -12.28
CA ASN F 180 -37.31 -14.80 -11.19
C ASN F 180 -36.52 -15.75 -10.29
N LEU F 181 -36.10 -15.26 -9.13
CA LEU F 181 -35.33 -16.09 -8.20
C LEU F 181 -36.26 -17.09 -7.52
N GLY F 182 -37.56 -16.78 -7.51
CA GLY F 182 -38.54 -17.64 -6.85
C GLY F 182 -39.66 -16.84 -6.24
N GLU F 183 -40.88 -17.34 -6.37
CA GLU F 183 -42.08 -16.58 -6.04
C GLU F 183 -42.29 -15.48 -7.08
N ASN F 184 -42.34 -14.24 -6.62
CA ASN F 184 -42.36 -13.09 -7.53
C ASN F 184 -41.23 -12.12 -7.20
N HIS F 185 -40.13 -12.66 -6.69
CA HIS F 185 -38.97 -11.85 -6.32
C HIS F 185 -38.01 -11.82 -7.49
N HIS F 186 -38.02 -10.73 -8.22
CA HIS F 186 -37.21 -10.57 -9.43
C HIS F 186 -35.91 -9.80 -9.16
N LEU F 187 -34.79 -10.46 -9.41
CA LEU F 187 -33.47 -9.85 -9.29
C LEU F 187 -33.35 -8.60 -10.17
N ARG F 188 -32.65 -7.59 -9.68
CA ARG F 188 -32.32 -6.41 -10.46
C ARG F 188 -30.80 -6.36 -10.67
N VAL F 189 -30.38 -6.09 -11.89
CA VAL F 189 -28.96 -6.06 -12.23
C VAL F 189 -28.54 -4.73 -12.87
N SER F 190 -27.50 -4.12 -12.30
CA SER F 190 -26.95 -2.87 -12.82
C SER F 190 -25.44 -2.98 -12.97
N PHE F 191 -24.84 -1.97 -13.59
CA PHE F 191 -23.39 -1.79 -13.58
C PHE F 191 -22.99 -1.16 -12.26
N SER F 192 -21.69 -0.95 -12.08
CA SER F 192 -21.19 -0.38 -10.83
C SER F 192 -19.86 0.34 -11.06
N LYS F 193 -19.53 1.28 -10.18
CA LYS F 193 -18.17 1.78 -10.17
C LYS F 193 -17.44 1.39 -8.88
N SER F 194 -18.16 0.75 -7.97
CA SER F 194 -17.51 0.10 -6.81
C SER F 194 -16.76 -1.15 -7.25
N THR F 195 -15.72 -1.51 -6.51
CA THR F 195 -15.05 -2.77 -6.75
C THR F 195 -15.05 -3.62 -5.48
N ILE F 196 -15.11 -4.92 -5.66
CA ILE F 196 -14.79 -5.86 -4.60
C ILE F 196 -13.27 -5.93 -4.42
N ASN G 2 -7.99 -2.11 -53.40
CA ASN G 2 -8.61 -1.34 -52.29
C ASN G 2 -7.75 -1.32 -51.03
N THR G 3 -6.60 -0.66 -51.11
CA THR G 3 -5.59 -0.77 -50.07
C THR G 3 -5.69 0.34 -49.02
N VAL G 4 -6.52 1.35 -49.32
CA VAL G 4 -6.59 2.57 -48.52
C VAL G 4 -7.81 2.48 -47.61
N LEU G 5 -7.56 2.69 -46.32
CA LEU G 5 -8.60 2.68 -45.32
C LEU G 5 -8.90 4.13 -44.91
N LEU G 6 -10.15 4.37 -44.57
CA LEU G 6 -10.59 5.64 -44.03
C LEU G 6 -10.94 5.43 -42.56
N VAL G 7 -10.23 6.11 -41.67
CA VAL G 7 -10.57 6.05 -40.25
C VAL G 7 -11.17 7.35 -39.73
N SER G 8 -12.31 7.24 -39.06
CA SER G 8 -12.97 8.43 -38.54
C SER G 8 -13.29 8.36 -37.06
N ASN G 9 -13.64 9.52 -36.51
CA ASN G 9 -13.84 9.70 -35.08
C ASN G 9 -12.58 9.53 -34.28
N LEU G 10 -11.47 10.01 -34.83
CA LEU G 10 -10.21 10.07 -34.13
C LEU G 10 -10.23 11.14 -33.05
N ASN G 11 -9.34 11.00 -32.07
CA ASN G 11 -9.04 12.07 -31.15
C ASN G 11 -8.17 13.12 -31.83
N GLU G 12 -8.83 14.18 -32.31
CA GLU G 12 -8.17 15.19 -33.11
C GLU G 12 -6.93 15.74 -32.43
N GLU G 13 -6.99 15.84 -31.11
CA GLU G 13 -5.94 16.49 -30.33
C GLU G 13 -4.72 15.60 -30.10
N MET G 14 -4.93 14.29 -30.16
CA MET G 14 -3.92 13.33 -29.73
C MET G 14 -3.27 12.60 -30.90
N VAL G 15 -4.07 12.26 -31.91
CA VAL G 15 -3.58 11.40 -32.99
C VAL G 15 -2.46 12.04 -33.82
N THR G 16 -1.47 11.23 -34.17
CA THR G 16 -0.48 11.63 -35.17
C THR G 16 -0.42 10.57 -36.29
N PRO G 17 0.34 10.86 -37.35
CA PRO G 17 0.64 9.80 -38.34
C PRO G 17 1.36 8.61 -37.70
N GLN G 18 2.35 8.87 -36.86
CA GLN G 18 3.12 7.80 -36.23
C GLN G 18 2.22 6.86 -35.40
N SER G 19 1.37 7.45 -34.57
CA SER G 19 0.51 6.64 -33.73
C SER G 19 -0.41 5.80 -34.62
N LEU G 20 -0.77 6.32 -35.79
CA LEU G 20 -1.61 5.56 -36.70
C LEU G 20 -0.87 4.45 -37.45
N PHE G 21 0.34 4.77 -37.88
CA PHE G 21 1.30 3.77 -38.32
C PHE G 21 1.43 2.62 -37.33
N THR G 22 1.60 2.95 -36.06
CA THR G 22 1.87 1.92 -35.07
C THR G 22 0.63 1.02 -34.88
N LEU G 23 -0.55 1.62 -34.77
CA LEU G 23 -1.72 0.82 -34.47
C LEU G 23 -2.14 -0.01 -35.67
N PHE G 24 -2.15 0.58 -36.87
CA PHE G 24 -2.57 -0.15 -38.06
C PHE G 24 -1.48 -1.09 -38.53
N GLY G 25 -0.27 -0.84 -38.05
CA GLY G 25 0.89 -1.68 -38.34
C GLY G 25 0.91 -2.98 -37.57
N VAL G 26 -0.11 -3.21 -36.74
CA VAL G 26 -0.29 -4.51 -36.13
C VAL G 26 -0.84 -5.52 -37.15
N TYR G 27 -1.57 -5.02 -38.15
CA TYR G 27 -2.37 -5.86 -39.03
C TYR G 27 -1.86 -5.89 -40.47
N GLY G 28 -1.03 -4.92 -40.81
CA GLY G 28 -0.41 -4.87 -42.13
C GLY G 28 0.74 -3.89 -42.12
N ASP G 29 1.37 -3.70 -43.27
CA ASP G 29 2.46 -2.78 -43.38
C ASP G 29 1.93 -1.47 -43.93
N VAL G 30 1.89 -0.48 -43.05
CA VAL G 30 1.37 0.84 -43.39
C VAL G 30 2.33 1.58 -44.30
N GLN G 31 1.88 1.90 -45.52
CA GLN G 31 2.70 2.63 -46.49
C GLN G 31 2.64 4.15 -46.29
N ARG G 32 1.45 4.68 -46.05
CA ARG G 32 1.22 6.13 -46.02
C ARG G 32 0.04 6.47 -45.10
N VAL G 33 0.21 7.53 -44.33
CA VAL G 33 -0.86 8.07 -43.50
C VAL G 33 -1.05 9.55 -43.82
N LYS G 34 -2.30 9.94 -44.04
CA LYS G 34 -2.67 11.34 -44.23
C LYS G 34 -3.81 11.65 -43.25
N ILE G 35 -3.56 12.54 -42.30
CA ILE G 35 -4.65 13.12 -41.50
C ILE G 35 -5.27 14.29 -42.27
N LEU G 36 -6.58 14.31 -42.36
CA LEU G 36 -7.26 15.20 -43.29
C LEU G 36 -7.25 16.65 -42.80
N TYR G 37 -6.73 17.55 -43.64
CA TYR G 37 -6.54 18.96 -43.25
C TYR G 37 -7.86 19.60 -42.80
N ASN G 38 -8.91 19.35 -43.56
CA ASN G 38 -10.20 19.98 -43.31
C ASN G 38 -11.04 19.19 -42.32
N LYS G 39 -10.57 18.02 -41.92
CA LYS G 39 -11.38 17.11 -41.12
C LYS G 39 -10.47 16.27 -40.23
N LYS G 40 -9.98 16.87 -39.14
CA LYS G 40 -8.82 16.35 -38.42
C LYS G 40 -9.16 15.18 -37.49
N ASP G 41 -10.44 14.84 -37.41
CA ASP G 41 -10.88 13.57 -36.80
C ASP G 41 -10.79 12.39 -37.78
N SER G 42 -10.15 12.60 -38.91
CA SER G 42 -10.16 11.63 -40.01
C SER G 42 -8.77 11.46 -40.62
N ALA G 43 -8.54 10.26 -41.15
CA ALA G 43 -7.26 9.92 -41.74
C ALA G 43 -7.42 8.85 -42.83
N LEU G 44 -6.57 8.91 -43.83
CA LEU G 44 -6.42 7.83 -44.79
C LEU G 44 -5.15 7.04 -44.46
N ILE G 45 -5.30 5.72 -44.36
CA ILE G 45 -4.16 4.81 -44.19
C ILE G 45 -4.03 3.87 -45.38
N GLN G 46 -2.92 3.96 -46.08
CA GLN G 46 -2.65 3.05 -47.19
C GLN G 46 -1.86 1.86 -46.67
N MET G 47 -2.45 0.67 -46.79
CA MET G 47 -1.75 -0.59 -46.46
C MET G 47 -0.97 -1.12 -47.67
N ALA G 48 -0.23 -2.22 -47.46
CA ALA G 48 0.58 -2.83 -48.54
C ALA G 48 -0.31 -3.51 -49.58
N ASP G 49 -1.41 -4.13 -49.15
CA ASP G 49 -2.39 -4.70 -50.06
C ASP G 49 -3.80 -4.74 -49.49
N GLY G 50 -4.76 -5.13 -50.32
CA GLY G 50 -6.15 -5.26 -49.92
C GLY G 50 -6.43 -6.32 -48.85
N ASN G 51 -5.61 -7.35 -48.73
CA ASN G 51 -5.84 -8.28 -47.65
C ASN G 51 -5.58 -7.60 -46.32
N GLN G 52 -4.47 -6.88 -46.25
CA GLN G 52 -4.09 -6.16 -45.04
C GLN G 52 -5.07 -5.07 -44.64
N SER G 53 -5.61 -4.35 -45.62
CA SER G 53 -6.63 -3.35 -45.35
C SER G 53 -7.89 -4.00 -44.75
N GLN G 54 -8.28 -5.15 -45.29
CA GLN G 54 -9.43 -5.86 -44.74
C GLN G 54 -9.17 -6.31 -43.30
N LEU G 55 -8.00 -6.90 -43.06
CA LEU G 55 -7.62 -7.35 -41.73
C LEU G 55 -7.71 -6.18 -40.74
N ALA G 56 -7.07 -5.09 -41.10
CA ALA G 56 -6.94 -3.96 -40.17
C ALA G 56 -8.31 -3.36 -39.87
N MET G 57 -9.18 -3.35 -40.88
CA MET G 57 -10.56 -2.87 -40.73
C MET G 57 -11.37 -3.81 -39.84
N ASN G 58 -11.28 -5.11 -40.14
CA ASN G 58 -11.90 -6.14 -39.33
C ASN G 58 -11.53 -6.02 -37.87
N HIS G 59 -10.23 -5.80 -37.57
CA HIS G 59 -9.79 -5.87 -36.19
C HIS G 59 -9.85 -4.52 -35.46
N LEU G 60 -9.82 -3.43 -36.21
CA LEU G 60 -9.71 -2.10 -35.58
C LEU G 60 -11.02 -1.28 -35.60
N ASN G 61 -11.93 -1.58 -36.52
CA ASN G 61 -13.20 -0.89 -36.51
C ASN G 61 -13.88 -1.08 -35.15
N GLY G 62 -14.21 0.02 -34.51
CA GLY G 62 -14.95 0.00 -33.25
C GLY G 62 -14.10 -0.15 -32.00
N GLN G 63 -12.78 0.02 -32.14
CA GLN G 63 -11.88 -0.07 -31.00
C GLN G 63 -11.66 1.33 -30.47
N LYS G 64 -11.16 1.43 -29.26
CA LYS G 64 -11.01 2.71 -28.59
C LYS G 64 -9.57 3.18 -28.71
N MET G 65 -9.38 4.32 -29.37
CA MET G 65 -8.06 4.94 -29.48
C MET G 65 -8.08 6.40 -29.02
N TYR G 66 -7.13 6.75 -28.15
CA TYR G 66 -7.13 8.05 -27.47
C TYR G 66 -8.52 8.49 -27.03
N GLY G 67 -9.26 7.56 -26.42
CA GLY G 67 -10.52 7.87 -25.78
C GLY G 67 -11.75 7.76 -26.67
N LYS G 68 -11.57 7.48 -27.97
CA LYS G 68 -12.70 7.53 -28.89
C LYS G 68 -12.86 6.21 -29.64
N ILE G 69 -14.11 5.82 -29.85
CA ILE G 69 -14.41 4.64 -30.64
C ILE G 69 -14.22 4.93 -32.12
N ILE G 70 -13.17 4.34 -32.70
CA ILE G 70 -12.82 4.63 -34.08
C ILE G 70 -13.68 3.82 -35.06
N ARG G 71 -14.05 4.46 -36.16
CA ARG G 71 -14.73 3.81 -37.27
C ARG G 71 -13.80 3.67 -38.48
N VAL G 72 -13.60 2.44 -38.94
CA VAL G 72 -12.68 2.14 -40.03
C VAL G 72 -13.46 1.50 -41.18
N THR G 73 -13.40 2.14 -42.36
CA THR G 73 -14.09 1.68 -43.57
C THR G 73 -13.11 1.77 -44.73
N LEU G 74 -13.42 1.08 -45.82
CA LEU G 74 -12.62 1.17 -47.06
C LEU G 74 -12.81 2.52 -47.75
N SER G 75 -11.69 3.21 -48.00
CA SER G 75 -11.69 4.54 -48.64
C SER G 75 -12.12 4.46 -50.11
N LYS G 76 -12.63 5.57 -50.63
CA LYS G 76 -12.87 5.69 -52.08
C LYS G 76 -11.59 6.10 -52.81
N HIS G 77 -10.52 6.32 -52.05
CA HIS G 77 -9.21 6.64 -52.63
C HIS G 77 -8.46 5.37 -53.00
N GLN G 78 -7.89 5.37 -54.21
CA GLN G 78 -7.06 4.26 -54.64
C GLN G 78 -5.66 4.37 -54.06
N THR G 79 -5.22 5.60 -53.82
CA THR G 79 -3.96 5.82 -53.15
C THR G 79 -4.03 7.01 -52.23
N VAL G 80 -3.14 7.04 -51.27
CA VAL G 80 -2.88 8.24 -50.51
C VAL G 80 -1.77 9.04 -51.17
N GLN G 81 -2.09 10.25 -51.61
CA GLN G 81 -1.14 11.06 -52.34
C GLN G 81 -0.26 11.90 -51.40
N LEU G 82 1.03 11.97 -51.73
CA LEU G 82 2.01 12.65 -50.89
C LEU G 82 2.15 14.10 -51.34
N PRO G 83 1.99 15.04 -50.40
CA PRO G 83 2.02 16.46 -50.76
C PRO G 83 3.38 16.87 -51.32
N ARG G 84 3.37 17.76 -52.31
CA ARG G 84 4.60 18.21 -52.97
C ARG G 84 5.58 18.77 -51.95
N ASP G 89 3.24 20.72 -43.59
CA ASP G 89 3.62 21.81 -42.71
C ASP G 89 3.31 21.48 -41.23
N GLN G 90 2.12 20.94 -40.99
CA GLN G 90 1.76 20.47 -39.65
C GLN G 90 2.13 19.00 -39.46
N GLY G 91 2.92 18.45 -40.38
CA GLY G 91 3.27 17.04 -40.36
C GLY G 91 2.05 16.15 -40.25
N LEU G 92 1.11 16.34 -41.18
CA LEU G 92 -0.15 15.61 -41.16
C LEU G 92 -0.11 14.43 -42.12
N THR G 93 0.96 14.35 -42.90
CA THR G 93 1.11 13.31 -43.93
C THR G 93 2.51 12.69 -43.91
N LYS G 94 2.59 11.38 -43.79
CA LYS G 94 3.89 10.71 -43.74
C LYS G 94 4.00 9.54 -44.71
N ASP G 95 5.18 9.42 -45.34
CA ASP G 95 5.49 8.24 -46.13
C ASP G 95 6.28 7.28 -45.24
N PHE G 96 5.81 6.03 -45.16
CA PHE G 96 6.50 4.99 -44.39
C PHE G 96 7.06 3.90 -45.28
N GLY G 97 7.23 4.21 -46.55
CA GLY G 97 7.71 3.21 -47.49
C GLY G 97 9.04 2.71 -46.96
N ASN G 98 9.21 1.40 -46.96
CA ASN G 98 10.47 0.78 -46.53
C ASN G 98 10.77 0.88 -45.04
N SER G 99 9.83 1.36 -44.24
CA SER G 99 10.07 1.45 -42.80
C SER G 99 10.67 0.16 -42.23
N PRO G 100 11.74 0.28 -41.43
CA PRO G 100 12.30 -0.82 -40.65
C PRO G 100 11.32 -1.38 -39.64
N LEU G 101 10.27 -0.62 -39.33
CA LEU G 101 9.32 -1.02 -38.29
C LEU G 101 8.11 -1.77 -38.87
N HIS G 102 8.13 -2.03 -40.17
CA HIS G 102 7.13 -2.88 -40.79
C HIS G 102 7.25 -4.28 -40.22
N ARG G 103 6.14 -4.84 -39.77
CA ARG G 103 6.14 -6.16 -39.18
C ARG G 103 5.98 -7.27 -40.22
N PHE G 104 5.58 -6.92 -41.43
CA PHE G 104 5.26 -7.96 -42.41
C PHE G 104 6.16 -7.86 -43.62
N LYS G 105 7.39 -7.41 -43.41
CA LYS G 105 8.35 -7.16 -44.47
C LYS G 105 9.01 -8.47 -44.96
N LYS G 106 8.96 -9.50 -44.14
CA LYS G 106 9.58 -10.80 -44.46
C LYS G 106 8.53 -11.86 -44.77
N PRO G 107 8.47 -12.32 -46.02
CA PRO G 107 7.43 -13.28 -46.40
C PRO G 107 7.52 -14.57 -45.60
N GLY G 108 6.37 -15.15 -45.24
CA GLY G 108 6.35 -16.39 -44.48
C GLY G 108 6.65 -16.22 -43.01
N SER G 109 6.93 -14.99 -42.59
CA SER G 109 7.45 -14.74 -41.24
C SER G 109 6.45 -15.18 -40.18
N LYS G 110 6.95 -15.40 -38.96
CA LYS G 110 6.12 -15.84 -37.85
C LYS G 110 5.01 -14.83 -37.56
N ASN G 111 5.23 -13.58 -37.95
CA ASN G 111 4.26 -12.54 -37.66
C ASN G 111 2.95 -12.79 -38.39
N PHE G 112 3.03 -13.33 -39.61
CA PHE G 112 1.85 -13.59 -40.42
C PHE G 112 0.92 -14.62 -39.78
N GLN G 113 1.50 -15.52 -38.98
CA GLN G 113 0.71 -16.58 -38.35
C GLN G 113 0.24 -16.19 -36.93
N ASN G 114 0.54 -14.96 -36.55
CA ASN G 114 0.29 -14.49 -35.18
C ASN G 114 -0.62 -13.27 -35.17
N ILE G 115 -1.67 -13.32 -35.99
CA ILE G 115 -2.57 -12.18 -36.15
C ILE G 115 -3.76 -12.35 -35.22
N PHE G 116 -3.71 -11.67 -34.09
CA PHE G 116 -4.74 -11.83 -33.07
C PHE G 116 -5.55 -10.56 -32.86
N PRO G 117 -6.83 -10.72 -32.50
CA PRO G 117 -7.66 -9.57 -32.17
C PRO G 117 -7.03 -8.76 -31.06
N PRO G 118 -7.39 -7.48 -30.95
CA PRO G 118 -6.97 -6.67 -29.81
C PRO G 118 -7.40 -7.31 -28.50
N SER G 119 -6.53 -7.23 -27.50
CA SER G 119 -6.78 -7.90 -26.23
C SER G 119 -6.19 -7.14 -25.05
N ALA G 120 -6.62 -7.50 -23.86
CA ALA G 120 -6.05 -6.98 -22.62
C ALA G 120 -4.61 -7.41 -22.45
N THR G 121 -4.30 -8.62 -22.92
CA THR G 121 -3.00 -9.21 -22.64
C THR G 121 -2.07 -8.93 -23.80
N LEU G 122 -0.97 -8.26 -23.48
CA LEU G 122 0.08 -7.95 -24.43
C LEU G 122 1.20 -8.98 -24.37
N HIS G 123 1.71 -9.32 -25.57
CA HIS G 123 2.89 -10.14 -25.73
C HIS G 123 4.10 -9.23 -25.97
N LEU G 124 5.10 -9.40 -25.13
CA LEU G 124 6.30 -8.58 -25.17
C LEU G 124 7.47 -9.46 -25.60
N SER G 125 8.36 -8.91 -26.39
CA SER G 125 9.52 -9.67 -26.79
C SER G 125 10.71 -8.80 -27.19
N ASN G 126 11.87 -9.43 -27.30
CA ASN G 126 13.16 -8.75 -27.36
C ASN G 126 13.50 -7.96 -26.10
N ILE G 127 13.23 -8.55 -24.92
CA ILE G 127 13.59 -7.96 -23.65
C ILE G 127 15.01 -8.37 -23.27
N PRO G 128 15.86 -7.40 -22.96
CA PRO G 128 17.23 -7.71 -22.55
C PRO G 128 17.29 -8.33 -21.14
N PRO G 129 18.48 -8.75 -20.70
CA PRO G 129 18.62 -9.45 -19.43
C PRO G 129 18.52 -8.53 -18.21
N SER G 130 18.84 -7.25 -18.40
CA SER G 130 18.90 -6.32 -17.27
C SER G 130 17.51 -6.01 -16.70
N VAL G 131 16.51 -6.09 -17.57
CA VAL G 131 15.15 -5.65 -17.21
C VAL G 131 14.50 -6.50 -16.12
N ALA G 132 14.03 -5.85 -15.05
CA ALA G 132 13.24 -6.53 -14.03
C ALA G 132 11.74 -6.47 -14.35
N GLU G 133 10.98 -7.32 -13.67
CA GLU G 133 9.53 -7.25 -13.77
C GLU G 133 8.97 -5.91 -13.29
N GLU G 134 9.44 -5.44 -12.14
CA GLU G 134 8.93 -4.19 -11.57
C GLU G 134 9.06 -3.01 -12.55
N ASP G 135 10.12 -2.99 -13.35
CA ASP G 135 10.38 -1.87 -14.24
C ASP G 135 9.52 -1.92 -15.51
N LEU G 136 9.28 -3.12 -16.01
CA LEU G 136 8.28 -3.33 -17.06
C LEU G 136 6.86 -2.97 -16.58
N ARG G 137 6.54 -3.28 -15.32
CA ARG G 137 5.22 -2.95 -14.80
C ARG G 137 5.04 -1.44 -14.71
N THR G 138 6.09 -0.77 -14.25
CA THR G 138 6.11 0.70 -14.13
C THR G 138 6.01 1.35 -15.49
N LEU G 139 6.80 0.87 -16.46
CA LEU G 139 6.75 1.40 -17.82
C LEU G 139 5.32 1.34 -18.36
N PHE G 140 4.67 0.21 -18.16
CA PHE G 140 3.34 0.00 -18.74
C PHE G 140 2.24 0.70 -17.93
N ALA G 141 2.40 0.77 -16.61
CA ALA G 141 1.53 1.64 -15.81
C ALA G 141 1.59 3.09 -16.30
N ASN G 142 2.79 3.54 -16.63
CA ASN G 142 3.03 4.94 -16.94
C ASN G 142 2.44 5.34 -18.28
N THR G 143 1.83 4.38 -18.96
CA THR G 143 1.01 4.66 -20.14
C THR G 143 -0.42 5.08 -19.79
N GLY G 144 -0.72 5.12 -18.49
CA GLY G 144 -2.00 5.62 -18.00
C GLY G 144 -2.96 4.52 -17.56
N GLY G 145 -2.57 3.28 -17.81
CA GLY G 145 -3.43 2.14 -17.51
C GLY G 145 -3.02 1.46 -16.24
N THR G 146 -3.72 0.37 -15.91
CA THR G 146 -3.33 -0.45 -14.78
C THR G 146 -2.83 -1.79 -15.26
N VAL G 147 -1.75 -2.25 -14.65
CA VAL G 147 -1.20 -3.55 -14.98
C VAL G 147 -1.72 -4.60 -13.99
N LYS G 148 -2.35 -5.64 -14.54
CA LYS G 148 -3.15 -6.55 -13.74
C LYS G 148 -2.46 -7.90 -13.57
N ALA G 149 -1.66 -8.30 -14.55
CA ALA G 149 -0.89 -9.53 -14.45
C ALA G 149 0.35 -9.44 -15.30
N PHE G 150 1.39 -10.19 -14.91
CA PHE G 150 2.64 -10.23 -15.67
C PHE G 150 3.28 -11.62 -15.55
N LYS G 151 3.92 -12.07 -16.63
CA LYS G 151 4.61 -13.37 -16.63
C LYS G 151 5.80 -13.39 -17.58
N PHE G 152 7.00 -13.59 -17.04
CA PHE G 152 8.15 -13.88 -17.89
C PHE G 152 8.00 -15.28 -18.46
N PHE G 153 8.30 -15.41 -19.74
CA PHE G 153 8.71 -16.70 -20.29
C PHE G 153 10.10 -17.05 -19.76
N GLN G 154 10.50 -18.30 -19.97
CA GLN G 154 11.69 -18.85 -19.30
C GLN G 154 12.89 -17.90 -19.32
N ASP G 155 13.43 -17.61 -20.51
CA ASP G 155 14.72 -16.91 -20.59
C ASP G 155 14.59 -15.40 -20.36
N HIS G 156 13.39 -14.94 -20.02
CA HIS G 156 13.13 -13.50 -19.82
C HIS G 156 13.38 -12.67 -21.08
N LYS G 157 13.35 -13.32 -22.25
CA LYS G 157 13.43 -12.58 -23.50
C LYS G 157 12.03 -12.12 -23.91
N MET G 158 11.02 -12.79 -23.38
CA MET G 158 9.63 -12.49 -23.72
C MET G 158 8.84 -12.42 -22.43
N ALA G 159 7.65 -11.83 -22.51
CA ALA G 159 6.74 -11.73 -21.38
C ALA G 159 5.31 -11.56 -21.88
N LEU G 160 4.37 -12.03 -21.05
CA LEU G 160 2.98 -11.57 -21.11
C LEU G 160 2.71 -10.52 -20.03
N LEU G 161 1.97 -9.49 -20.39
CA LEU G 161 1.65 -8.40 -19.48
C LEU G 161 0.21 -7.99 -19.75
N GLN G 162 -0.64 -8.10 -18.73
CA GLN G 162 -2.06 -7.89 -18.88
C GLN G 162 -2.43 -6.49 -18.38
N MET G 163 -2.98 -5.68 -19.28
CA MET G 163 -3.61 -4.43 -18.87
C MET G 163 -5.06 -4.67 -18.41
N ALA G 164 -5.67 -3.67 -17.78
CA ALA G 164 -6.99 -3.84 -17.21
C ALA G 164 -8.04 -4.03 -18.31
N THR G 165 -7.79 -3.39 -19.46
CA THR G 165 -8.74 -3.39 -20.56
C THR G 165 -8.04 -3.51 -21.92
N VAL G 166 -8.80 -3.90 -22.93
CA VAL G 166 -8.34 -3.78 -24.31
C VAL G 166 -7.89 -2.35 -24.60
N GLU G 167 -8.61 -1.38 -24.08
CA GLU G 167 -8.33 0.03 -24.38
C GLU G 167 -6.94 0.43 -23.89
N GLU G 168 -6.69 0.21 -22.60
CA GLU G 168 -5.36 0.38 -22.03
C GLU G 168 -4.25 -0.38 -22.78
N ALA G 169 -4.50 -1.59 -23.25
CA ALA G 169 -3.46 -2.33 -23.97
C ALA G 169 -3.16 -1.68 -25.33
N ILE G 170 -4.19 -1.25 -26.05
CA ILE G 170 -4.00 -0.51 -27.29
C ILE G 170 -3.16 0.75 -27.06
N GLN G 171 -3.43 1.42 -25.95
CA GLN G 171 -2.68 2.60 -25.59
C GLN G 171 -1.22 2.22 -25.32
N ALA G 172 -1.03 1.14 -24.58
CA ALA G 172 0.32 0.72 -24.22
C ALA G 172 1.13 0.35 -25.47
N LEU G 173 0.49 -0.36 -26.40
CA LEU G 173 1.15 -0.79 -27.64
C LEU G 173 1.58 0.42 -28.48
N ILE G 174 0.70 1.39 -28.62
CA ILE G 174 1.04 2.63 -29.29
C ILE G 174 2.28 3.31 -28.68
N ASP G 175 2.38 3.29 -27.36
CA ASP G 175 3.43 4.03 -26.70
C ASP G 175 4.74 3.25 -26.64
N LEU G 176 4.66 1.94 -26.45
CA LEU G 176 5.82 1.18 -26.02
C LEU G 176 6.42 0.24 -27.09
N HIS G 177 5.70 0.06 -28.19
CA HIS G 177 6.25 -0.70 -29.31
C HIS G 177 7.50 -0.01 -29.85
N ASN G 178 8.60 -0.74 -29.91
CA ASN G 178 9.92 -0.23 -30.32
C ASN G 178 10.60 0.65 -29.28
N TYR G 179 10.11 0.60 -28.06
CA TYR G 179 10.69 1.36 -26.96
C TYR G 179 12.10 0.86 -26.69
N ASN G 180 13.00 1.79 -26.43
CA ASN G 180 14.39 1.47 -26.20
C ASN G 180 14.66 1.09 -24.76
N LEU G 181 14.75 -0.21 -24.50
CA LEU G 181 14.95 -0.72 -23.14
C LEU G 181 16.42 -0.71 -22.70
N GLY G 182 17.33 -0.32 -23.60
CA GLY G 182 18.76 -0.36 -23.30
C GLY G 182 19.50 -1.46 -24.05
N GLU G 183 20.83 -1.40 -24.03
CA GLU G 183 21.64 -2.47 -24.62
C GLU G 183 21.21 -2.72 -26.07
N ASN G 184 20.93 -1.63 -26.79
CA ASN G 184 20.44 -1.72 -28.16
C ASN G 184 19.30 -2.73 -28.31
N HIS G 185 18.39 -2.75 -27.35
CA HIS G 185 17.24 -3.65 -27.39
C HIS G 185 15.94 -2.85 -27.49
N HIS G 186 15.28 -2.92 -28.65
CA HIS G 186 13.99 -2.28 -28.82
C HIS G 186 12.83 -3.22 -28.57
N LEU G 187 11.98 -2.87 -27.61
CA LEU G 187 10.86 -3.73 -27.23
C LEU G 187 9.90 -3.94 -28.42
N ARG G 188 9.37 -5.15 -28.55
CA ARG G 188 8.32 -5.43 -29.51
C ARG G 188 7.05 -5.83 -28.75
N VAL G 189 5.94 -5.18 -29.09
CA VAL G 189 4.68 -5.36 -28.40
C VAL G 189 3.64 -5.84 -29.40
N SER G 190 2.95 -6.93 -29.06
CA SER G 190 1.88 -7.49 -29.90
C SER G 190 0.70 -7.85 -29.02
N PHE G 191 -0.41 -8.20 -29.65
CA PHE G 191 -1.55 -8.77 -28.94
C PHE G 191 -1.34 -10.27 -28.75
N SER G 192 -1.71 -10.75 -27.58
CA SER G 192 -1.64 -12.18 -27.26
C SER G 192 -3.01 -12.80 -27.44
N LYS G 193 -3.05 -14.05 -27.90
CA LYS G 193 -4.24 -14.89 -27.79
C LYS G 193 -4.33 -15.58 -26.42
N SER G 194 -3.28 -15.42 -25.61
CA SER G 194 -3.14 -16.22 -24.41
C SER G 194 -3.66 -15.51 -23.16
N THR G 195 -3.69 -16.25 -22.07
CA THR G 195 -4.04 -15.69 -20.77
C THR G 195 -2.98 -16.12 -19.76
N ILE G 196 -2.66 -15.22 -18.84
CA ILE G 196 -1.74 -15.52 -17.74
C ILE G 196 -2.53 -16.20 -16.62
N ASN H 2 -20.43 -25.14 1.91
CA ASN H 2 -21.21 -25.32 3.17
C ASN H 2 -20.34 -25.07 4.40
N THR H 3 -19.28 -24.29 4.24
CA THR H 3 -18.20 -24.28 5.22
C THR H 3 -18.29 -23.15 6.23
N VAL H 4 -19.20 -22.21 5.99
CA VAL H 4 -19.27 -21.01 6.83
C VAL H 4 -20.43 -21.10 7.80
N LEU H 5 -20.13 -20.83 9.07
CA LEU H 5 -21.12 -20.75 10.12
C LEU H 5 -21.41 -19.29 10.44
N LEU H 6 -22.69 -18.98 10.61
CA LEU H 6 -23.11 -17.78 11.31
C LEU H 6 -23.35 -18.09 12.78
N VAL H 7 -22.68 -17.35 13.64
CA VAL H 7 -22.89 -17.46 15.08
C VAL H 7 -23.52 -16.15 15.57
N SER H 8 -24.65 -16.24 16.26
CA SER H 8 -25.32 -15.04 16.78
C SER H 8 -25.52 -15.13 18.29
N ASN H 9 -25.91 -14.01 18.90
CA ASN H 9 -26.12 -13.91 20.35
C ASN H 9 -24.82 -14.03 21.15
N LEU H 10 -23.72 -13.55 20.54
CA LEU H 10 -22.45 -13.44 21.23
C LEU H 10 -22.43 -12.30 22.24
N ASN H 11 -21.63 -12.48 23.27
CA ASN H 11 -21.31 -11.39 24.18
C ASN H 11 -20.38 -10.38 23.51
N GLU H 12 -20.93 -9.24 23.09
CA GLU H 12 -20.19 -8.29 22.30
C GLU H 12 -18.97 -7.73 23.03
N GLU H 13 -19.07 -7.54 24.34
CA GLU H 13 -17.96 -7.01 25.15
C GLU H 13 -16.78 -7.96 25.23
N MET H 14 -17.05 -9.26 25.20
CA MET H 14 -16.07 -10.27 25.60
C MET H 14 -15.44 -10.95 24.39
N VAL H 15 -16.25 -11.28 23.39
CA VAL H 15 -15.79 -12.11 22.29
C VAL H 15 -14.67 -11.49 21.47
N THR H 16 -13.74 -12.35 21.03
CA THR H 16 -12.71 -11.99 20.07
C THR H 16 -12.73 -13.02 18.95
N PRO H 17 -12.00 -12.75 17.86
CA PRO H 17 -11.67 -13.78 16.87
C PRO H 17 -10.97 -14.98 17.50
N GLN H 18 -10.09 -14.73 18.47
CA GLN H 18 -9.32 -15.82 19.06
C GLN H 18 -10.19 -16.79 19.88
N SER H 19 -11.11 -16.26 20.66
CA SER H 19 -11.94 -17.08 21.54
C SER H 19 -12.87 -17.94 20.70
N LEU H 20 -13.32 -17.40 19.56
CA LEU H 20 -14.11 -18.17 18.62
C LEU H 20 -13.33 -19.26 17.92
N PHE H 21 -12.17 -18.90 17.39
CA PHE H 21 -11.19 -19.85 16.94
C PHE H 21 -11.06 -21.03 17.90
N THR H 22 -10.73 -20.75 19.15
CA THR H 22 -10.49 -21.80 20.11
C THR H 22 -11.73 -22.66 20.36
N LEU H 23 -12.90 -22.03 20.52
CA LEU H 23 -14.09 -22.81 20.83
C LEU H 23 -14.54 -23.62 19.63
N PHE H 24 -14.59 -22.99 18.44
CA PHE H 24 -14.99 -23.74 17.26
C PHE H 24 -13.90 -24.70 16.79
N GLY H 25 -12.68 -24.41 17.23
CA GLY H 25 -11.53 -25.26 16.96
C GLY H 25 -11.54 -26.57 17.74
N VAL H 26 -12.46 -26.73 18.68
CA VAL H 26 -12.76 -28.05 19.23
C VAL H 26 -13.27 -29.03 18.18
N TYR H 27 -14.06 -28.53 17.22
CA TYR H 27 -14.81 -29.42 16.33
C TYR H 27 -14.34 -29.41 14.89
N GLY H 28 -13.43 -28.52 14.56
CA GLY H 28 -12.76 -28.54 13.26
C GLY H 28 -11.57 -27.60 13.22
N ASP H 29 -11.04 -27.40 12.03
CA ASP H 29 -9.97 -26.44 11.86
C ASP H 29 -10.56 -25.13 11.35
N VAL H 30 -10.54 -24.14 12.22
CA VAL H 30 -11.04 -22.80 11.90
C VAL H 30 -10.07 -22.04 10.99
N GLN H 31 -10.55 -21.72 9.78
CA GLN H 31 -9.75 -21.03 8.78
C GLN H 31 -9.76 -19.51 8.95
N ARG H 32 -10.96 -18.94 9.03
CA ARG H 32 -11.12 -17.48 9.19
C ARG H 32 -12.27 -17.19 10.15
N VAL H 33 -12.14 -16.13 10.94
CA VAL H 33 -13.26 -15.59 11.72
C VAL H 33 -13.45 -14.11 11.37
N LYS H 34 -14.70 -13.68 11.25
CA LYS H 34 -15.05 -12.27 11.05
C LYS H 34 -16.20 -11.89 11.98
N ILE H 35 -15.94 -10.98 12.91
CA ILE H 35 -17.00 -10.43 13.74
C ILE H 35 -17.63 -9.26 13.01
N LEU H 36 -18.95 -9.32 12.85
CA LEU H 36 -19.64 -8.45 11.90
C LEU H 36 -19.63 -7.02 12.42
N TYR H 37 -19.18 -6.10 11.57
CA TYR H 37 -18.91 -4.73 11.96
C TYR H 37 -20.18 -4.04 12.47
N ASN H 38 -21.27 -4.23 11.75
CA ASN H 38 -22.54 -3.57 12.09
C ASN H 38 -23.46 -4.48 12.87
N LYS H 39 -22.93 -5.59 13.38
CA LYS H 39 -23.69 -6.47 14.25
C LYS H 39 -22.72 -7.32 15.07
N LYS H 40 -22.17 -6.72 16.13
CA LYS H 40 -21.03 -7.27 16.86
C LYS H 40 -21.43 -8.40 17.83
N ASP H 41 -22.72 -8.71 17.90
CA ASP H 41 -23.18 -9.91 18.59
C ASP H 41 -23.18 -11.09 17.64
N SER H 42 -22.47 -10.95 16.52
CA SER H 42 -22.57 -11.92 15.43
C SER H 42 -21.24 -12.05 14.71
N ALA H 43 -20.98 -13.27 14.21
CA ALA H 43 -19.71 -13.58 13.56
C ALA H 43 -19.90 -14.65 12.51
N LEU H 44 -18.99 -14.66 11.54
CA LEU H 44 -18.91 -15.74 10.57
C LEU H 44 -17.61 -16.49 10.80
N ILE H 45 -17.73 -17.81 10.78
CA ILE H 45 -16.60 -18.67 11.03
C ILE H 45 -16.56 -19.67 9.89
N GLN H 46 -15.45 -19.66 9.18
CA GLN H 46 -15.24 -20.60 8.09
C GLN H 46 -14.44 -21.80 8.59
N MET H 47 -15.01 -22.99 8.48
CA MET H 47 -14.28 -24.23 8.78
C MET H 47 -13.56 -24.76 7.54
N ALA H 48 -12.71 -25.77 7.74
CA ALA H 48 -11.93 -26.37 6.67
C ALA H 48 -12.83 -27.08 5.67
N ASP H 49 -13.96 -27.60 6.15
CA ASP H 49 -14.94 -28.23 5.27
C ASP H 49 -16.29 -28.41 5.95
N GLY H 50 -17.23 -28.98 5.20
CA GLY H 50 -18.64 -28.90 5.54
C GLY H 50 -19.06 -29.92 6.57
N ASN H 51 -18.28 -31.01 6.65
CA ASN H 51 -18.39 -31.95 7.76
C ASN H 51 -18.09 -31.30 9.10
N GLN H 52 -17.09 -30.43 9.10
CA GLN H 52 -16.67 -29.76 10.32
C GLN H 52 -17.66 -28.68 10.76
N SER H 53 -18.14 -27.89 9.81
CA SER H 53 -19.19 -26.92 10.10
C SER H 53 -20.43 -27.60 10.67
N GLN H 54 -20.87 -28.72 10.12
CA GLN H 54 -22.00 -29.45 10.72
C GLN H 54 -21.67 -29.92 12.14
N LEU H 55 -20.51 -30.55 12.31
CA LEU H 55 -20.09 -30.97 13.63
C LEU H 55 -20.19 -29.82 14.63
N ALA H 56 -19.55 -28.71 14.30
CA ALA H 56 -19.40 -27.60 15.24
C ALA H 56 -20.76 -27.02 15.59
N MET H 57 -21.63 -26.92 14.59
CA MET H 57 -22.99 -26.45 14.79
C MET H 57 -23.76 -27.39 15.69
N ASN H 58 -23.64 -28.70 15.43
CA ASN H 58 -24.41 -29.68 16.16
C ASN H 58 -24.05 -29.71 17.66
N HIS H 59 -22.77 -29.47 17.95
CA HIS H 59 -22.29 -29.48 19.32
C HIS H 59 -22.36 -28.13 20.02
N LEU H 60 -22.34 -27.04 19.26
CA LEU H 60 -22.18 -25.71 19.90
C LEU H 60 -23.45 -24.84 19.90
N ASN H 61 -24.38 -25.09 18.98
CA ASN H 61 -25.67 -24.39 19.03
C ASN H 61 -26.34 -24.72 20.36
N GLY H 62 -26.76 -23.68 21.08
CA GLY H 62 -27.44 -23.85 22.36
C GLY H 62 -26.52 -23.96 23.56
N GLN H 63 -25.21 -23.81 23.37
CA GLN H 63 -24.27 -23.77 24.49
C GLN H 63 -23.97 -22.34 24.92
N LYS H 64 -23.58 -22.19 26.18
CA LYS H 64 -23.18 -20.90 26.70
C LYS H 64 -21.73 -20.54 26.40
N MET H 65 -21.54 -19.35 25.85
CA MET H 65 -20.24 -18.71 25.76
C MET H 65 -20.31 -17.25 26.27
N TYR H 66 -19.39 -16.94 27.18
CA TYR H 66 -19.34 -15.66 27.88
C TYR H 66 -20.73 -15.25 28.41
N GLY H 67 -21.46 -16.23 28.92
CA GLY H 67 -22.68 -15.96 29.68
C GLY H 67 -23.95 -16.03 28.86
N LYS H 68 -23.82 -16.05 27.53
CA LYS H 68 -25.00 -16.08 26.66
C LYS H 68 -25.05 -17.38 25.87
N ILE H 69 -26.28 -17.83 25.63
CA ILE H 69 -26.54 -18.98 24.79
C ILE H 69 -26.37 -18.59 23.32
N ILE H 70 -25.37 -19.17 22.67
CA ILE H 70 -25.13 -18.86 21.27
C ILE H 70 -26.07 -19.61 20.36
N ARG H 71 -26.34 -19.00 19.21
CA ARG H 71 -27.00 -19.69 18.13
C ARG H 71 -26.03 -19.86 16.96
N VAL H 72 -25.94 -21.09 16.48
CA VAL H 72 -25.13 -21.40 15.30
C VAL H 72 -25.99 -22.00 14.19
N THR H 73 -25.95 -21.35 13.03
CA THR H 73 -26.58 -21.89 11.82
C THR H 73 -25.59 -21.79 10.67
N LEU H 74 -25.92 -22.47 9.58
CA LEU H 74 -25.14 -22.39 8.35
C LEU H 74 -25.39 -21.05 7.65
N SER H 75 -24.29 -20.36 7.34
CA SER H 75 -24.35 -19.00 6.80
C SER H 75 -24.63 -19.05 5.30
N LYS H 76 -25.10 -17.93 4.73
CA LYS H 76 -25.34 -17.86 3.29
C LYS H 76 -24.07 -17.47 2.53
N HIS H 77 -23.03 -17.16 3.27
CA HIS H 77 -21.70 -16.89 2.69
C HIS H 77 -21.01 -18.17 2.28
N GLN H 78 -20.45 -18.15 1.07
CA GLN H 78 -19.59 -19.21 0.59
C GLN H 78 -18.19 -19.12 1.20
N THR H 79 -17.68 -17.90 1.35
CA THR H 79 -16.46 -17.71 2.08
C THR H 79 -16.53 -16.53 3.03
N VAL H 80 -15.57 -16.51 3.95
CA VAL H 80 -15.28 -15.35 4.75
C VAL H 80 -14.12 -14.59 4.12
N GLN H 81 -14.35 -13.32 3.83
CA GLN H 81 -13.43 -12.53 3.04
C GLN H 81 -12.41 -11.81 3.92
N LEU H 82 -11.14 -11.99 3.57
CA LEU H 82 -10.05 -11.27 4.22
C LEU H 82 -10.07 -9.80 3.82
N PRO H 83 -10.19 -8.90 4.81
CA PRO H 83 -10.17 -7.47 4.54
C PRO H 83 -8.83 -7.03 3.97
N ARG H 84 -8.88 -6.19 2.93
CA ARG H 84 -7.70 -5.92 2.10
C ARG H 84 -6.62 -5.17 2.88
N ASP H 89 -8.82 -3.30 10.92
CA ASP H 89 -8.50 -2.09 11.66
C ASP H 89 -8.73 -2.26 13.16
N GLN H 90 -9.87 -2.83 13.52
CA GLN H 90 -10.16 -3.11 14.92
C GLN H 90 -9.89 -4.58 15.25
N GLY H 91 -9.19 -5.26 14.37
CA GLY H 91 -8.92 -6.70 14.54
C GLY H 91 -10.19 -7.49 14.78
N LEU H 92 -11.13 -7.40 13.83
CA LEU H 92 -12.41 -8.10 13.96
C LEU H 92 -12.44 -9.34 13.06
N THR H 93 -11.64 -9.29 12.00
CA THR H 93 -11.41 -10.42 11.13
C THR H 93 -10.03 -10.98 11.43
N LYS H 94 -9.90 -12.31 11.33
CA LYS H 94 -8.60 -12.94 11.45
C LYS H 94 -8.49 -14.16 10.53
N ASP H 95 -7.37 -14.29 9.83
CA ASP H 95 -7.06 -15.48 9.06
C ASP H 95 -6.19 -16.43 9.89
N PHE H 96 -6.67 -17.66 10.08
CA PHE H 96 -5.95 -18.65 10.88
C PHE H 96 -5.39 -19.75 9.98
N GLY H 97 -5.25 -19.46 8.69
CA GLY H 97 -4.69 -20.40 7.73
C GLY H 97 -3.42 -21.04 8.26
N ASN H 98 -3.37 -22.37 8.23
CA ASN H 98 -2.14 -23.08 8.61
C ASN H 98 -1.77 -22.89 10.09
N SER H 99 -2.74 -22.51 10.93
CA SER H 99 -2.42 -22.36 12.35
C SER H 99 -1.69 -23.59 12.92
N PRO H 100 -0.68 -23.36 13.79
CA PRO H 100 -0.11 -24.42 14.62
C PRO H 100 -1.09 -25.04 15.64
N LEU H 101 -2.21 -24.39 15.90
CA LEU H 101 -3.18 -24.85 16.89
C LEU H 101 -4.42 -25.50 16.26
N HIS H 102 -4.37 -25.75 14.95
CA HIS H 102 -5.35 -26.59 14.31
C HIS H 102 -5.25 -28.02 14.84
N ARG H 103 -6.35 -28.51 15.41
CA ARG H 103 -6.40 -29.82 16.05
C ARG H 103 -6.44 -30.92 15.01
N PHE H 104 -6.92 -30.58 13.81
CA PHE H 104 -7.26 -31.59 12.82
C PHE H 104 -6.35 -31.53 11.60
N LYS H 105 -5.20 -30.88 11.78
CA LYS H 105 -4.25 -30.69 10.70
C LYS H 105 -3.52 -31.98 10.31
N LYS H 106 -3.52 -32.97 11.20
CA LYS H 106 -2.91 -34.26 10.87
C LYS H 106 -3.97 -35.25 10.41
N PRO H 107 -3.96 -35.58 9.11
CA PRO H 107 -4.86 -36.62 8.62
C PRO H 107 -4.74 -37.88 9.46
N GLY H 108 -5.89 -38.46 9.81
CA GLY H 108 -5.91 -39.65 10.65
C GLY H 108 -5.71 -39.37 12.13
N SER H 109 -5.56 -38.09 12.47
CA SER H 109 -5.26 -37.70 13.86
C SER H 109 -6.10 -38.45 14.88
N LYS H 110 -5.49 -38.78 16.02
CA LYS H 110 -6.21 -39.31 17.16
C LYS H 110 -7.31 -38.34 17.61
N ASN H 111 -7.14 -37.06 17.31
CA ASN H 111 -8.18 -36.06 17.58
C ASN H 111 -9.49 -36.38 16.87
N PHE H 112 -9.40 -36.83 15.63
CA PHE H 112 -10.58 -37.22 14.85
C PHE H 112 -11.39 -38.31 15.54
N GLN H 113 -10.71 -39.14 16.34
CA GLN H 113 -11.35 -40.27 17.01
C GLN H 113 -11.97 -39.88 18.36
N ASN H 114 -11.79 -38.63 18.77
CA ASN H 114 -12.12 -38.21 20.13
C ASN H 114 -13.01 -36.97 20.11
N ILE H 115 -13.98 -36.99 19.21
CA ILE H 115 -14.96 -35.91 19.11
C ILE H 115 -16.07 -36.15 20.12
N PHE H 116 -16.08 -35.34 21.18
CA PHE H 116 -16.98 -35.54 22.28
C PHE H 116 -17.84 -34.29 22.50
N PRO H 117 -19.09 -34.48 22.94
CA PRO H 117 -19.89 -33.32 23.24
C PRO H 117 -19.23 -32.51 24.35
N PRO H 118 -19.58 -31.22 24.46
CA PRO H 118 -19.05 -30.51 25.61
C PRO H 118 -19.44 -31.16 26.94
N SER H 119 -18.57 -31.03 27.91
CA SER H 119 -18.70 -31.74 29.17
C SER H 119 -18.14 -30.91 30.32
N ALA H 120 -18.67 -31.18 31.52
CA ALA H 120 -18.14 -30.60 32.73
C ALA H 120 -16.66 -31.01 32.95
N THR H 121 -16.29 -32.17 32.43
CA THR H 121 -14.99 -32.76 32.70
C THR H 121 -14.06 -32.54 31.52
N LEU H 122 -12.91 -31.96 31.81
CA LEU H 122 -11.93 -31.59 30.81
C LEU H 122 -10.74 -32.55 30.87
N HIS H 123 -10.17 -32.83 29.70
CA HIS H 123 -9.02 -33.71 29.59
C HIS H 123 -7.83 -32.83 29.23
N LEU H 124 -6.85 -32.84 30.11
CA LEU H 124 -5.71 -31.96 30.03
C LEU H 124 -4.54 -32.78 29.52
N SER H 125 -3.78 -32.27 28.56
CA SER H 125 -2.60 -33.00 28.09
C SER H 125 -1.41 -32.07 27.84
N ASN H 126 -0.25 -32.70 27.61
CA ASN H 126 1.03 -32.00 27.47
C ASN H 126 1.49 -31.28 28.75
N ILE H 127 1.15 -31.85 29.89
CA ILE H 127 1.51 -31.28 31.18
C ILE H 127 2.97 -31.59 31.48
N PRO H 128 3.83 -30.57 31.54
CA PRO H 128 5.26 -30.87 31.74
C PRO H 128 5.53 -31.47 33.12
N PRO H 129 6.78 -31.86 33.38
CA PRO H 129 7.26 -32.45 34.64
C PRO H 129 6.94 -31.63 35.89
N SER H 130 6.47 -32.32 36.93
CA SER H 130 6.32 -31.72 38.26
C SER H 130 5.54 -30.39 38.28
N VAL H 131 4.50 -30.30 37.45
CA VAL H 131 3.35 -29.43 37.72
C VAL H 131 2.53 -30.03 38.88
N ALA H 132 2.28 -29.21 39.89
CA ALA H 132 1.52 -29.64 41.06
C ALA H 132 0.01 -29.62 40.77
N GLU H 133 -0.70 -30.61 41.31
CA GLU H 133 -2.16 -30.62 41.29
C GLU H 133 -2.76 -29.27 41.69
N GLU H 134 -2.39 -28.77 42.87
CA GLU H 134 -2.97 -27.53 43.40
C GLU H 134 -2.76 -26.35 42.45
N ASP H 135 -1.65 -26.34 41.73
CA ASP H 135 -1.40 -25.24 40.80
C ASP H 135 -2.36 -25.30 39.61
N LEU H 136 -2.66 -26.50 39.13
CA LEU H 136 -3.64 -26.67 38.06
C LEU H 136 -5.07 -26.40 38.53
N ARG H 137 -5.37 -26.80 39.76
CA ARG H 137 -6.65 -26.45 40.40
C ARG H 137 -6.82 -24.93 40.44
N THR H 138 -5.80 -24.23 40.88
CA THR H 138 -5.85 -22.77 41.02
C THR H 138 -5.90 -22.06 39.65
N LEU H 139 -5.19 -22.60 38.66
CA LEU H 139 -5.25 -22.07 37.30
C LEU H 139 -6.69 -22.13 36.76
N PHE H 140 -7.40 -23.21 37.07
CA PHE H 140 -8.71 -23.43 36.49
C PHE H 140 -9.82 -22.77 37.28
N ALA H 141 -9.65 -22.68 38.59
CA ALA H 141 -10.49 -21.78 39.39
C ALA H 141 -10.40 -20.33 38.89
N ASN H 142 -9.18 -19.92 38.52
CA ASN H 142 -8.92 -18.54 38.17
C ASN H 142 -9.65 -18.10 36.89
N THR H 143 -10.34 -19.03 36.26
CA THR H 143 -11.24 -18.71 35.15
C THR H 143 -12.63 -18.29 35.65
N GLY H 144 -12.83 -18.33 36.96
CA GLY H 144 -14.10 -17.93 37.55
C GLY H 144 -14.99 -19.12 37.88
N GLY H 145 -14.53 -20.31 37.51
CA GLY H 145 -15.29 -21.52 37.77
C GLY H 145 -14.86 -22.20 39.03
N THR H 146 -15.56 -23.28 39.38
CA THR H 146 -15.24 -24.06 40.57
C THR H 146 -14.77 -25.44 40.14
N VAL H 147 -13.59 -25.82 40.62
CA VAL H 147 -13.02 -27.10 40.29
C VAL H 147 -13.45 -28.14 41.30
N LYS H 148 -14.25 -29.09 40.85
CA LYS H 148 -14.89 -30.04 41.75
C LYS H 148 -14.08 -31.32 41.94
N ALA H 149 -13.24 -31.66 40.98
CA ALA H 149 -12.49 -32.91 41.02
C ALA H 149 -11.29 -32.82 40.10
N PHE H 150 -10.26 -33.60 40.39
CA PHE H 150 -9.05 -33.61 39.58
C PHE H 150 -8.40 -34.97 39.71
N LYS H 151 -7.84 -35.47 38.60
CA LYS H 151 -7.21 -36.79 38.59
C LYS H 151 -6.06 -36.81 37.60
N PHE H 152 -4.84 -36.94 38.11
CA PHE H 152 -3.65 -37.17 37.28
C PHE H 152 -3.72 -38.58 36.73
N PHE H 153 -3.35 -38.76 35.47
CA PHE H 153 -3.00 -40.10 35.00
C PHE H 153 -1.60 -40.45 35.52
N GLN H 154 -1.22 -41.72 35.37
CA GLN H 154 -0.05 -42.28 36.03
C GLN H 154 1.25 -41.48 35.83
N ASP H 155 1.50 -41.01 34.61
CA ASP H 155 2.78 -40.34 34.32
C ASP H 155 2.72 -38.82 34.53
N HIS H 156 1.56 -38.33 34.92
CA HIS H 156 1.33 -36.89 35.12
C HIS H 156 1.43 -36.04 33.84
N LYS H 157 1.34 -36.67 32.68
CA LYS H 157 1.41 -35.91 31.43
C LYS H 157 0.01 -35.48 31.03
N MET H 158 -0.98 -36.02 31.72
CA MET H 158 -2.37 -35.88 31.36
C MET H 158 -3.16 -35.92 32.67
N ALA H 159 -4.38 -35.38 32.63
CA ALA H 159 -5.20 -35.24 33.82
C ALA H 159 -6.65 -35.07 33.39
N LEU H 160 -7.58 -35.48 34.25
CA LEU H 160 -8.96 -35.04 34.13
C LEU H 160 -9.24 -34.01 35.22
N LEU H 161 -9.82 -32.88 34.83
CA LEU H 161 -10.22 -31.84 35.77
C LEU H 161 -11.69 -31.49 35.55
N GLN H 162 -12.47 -31.59 36.61
CA GLN H 162 -13.92 -31.42 36.54
C GLN H 162 -14.31 -30.03 37.04
N MET H 163 -15.03 -29.26 36.22
CA MET H 163 -15.65 -28.02 36.67
C MET H 163 -17.08 -28.31 37.15
N ALA H 164 -17.71 -27.33 37.78
CA ALA H 164 -19.05 -27.53 38.35
C ALA H 164 -20.09 -27.72 37.25
N THR H 165 -19.87 -27.07 36.11
CA THR H 165 -20.83 -27.07 35.01
C THR H 165 -20.08 -27.13 33.68
N VAL H 166 -20.78 -27.58 32.64
CA VAL H 166 -20.31 -27.54 31.25
C VAL H 166 -20.01 -26.10 30.80
N GLU H 167 -20.86 -25.16 31.20
CA GLU H 167 -20.61 -23.76 30.84
C GLU H 167 -19.27 -23.32 31.42
N GLU H 168 -19.04 -23.69 32.68
CA GLU H 168 -17.75 -23.44 33.31
C GLU H 168 -16.58 -24.09 32.56
N ALA H 169 -16.78 -25.32 32.05
CA ALA H 169 -15.70 -26.01 31.34
C ALA H 169 -15.40 -25.36 29.98
N ILE H 170 -16.45 -24.96 29.28
CA ILE H 170 -16.32 -24.18 28.05
C ILE H 170 -15.47 -22.94 28.29
N GLN H 171 -15.74 -22.22 29.39
CA GLN H 171 -14.98 -21.03 29.73
C GLN H 171 -13.49 -21.36 29.95
N ALA H 172 -13.21 -22.41 30.72
CA ALA H 172 -11.83 -22.79 31.01
C ALA H 172 -11.08 -23.22 29.76
N LEU H 173 -11.75 -23.94 28.86
CA LEU H 173 -11.13 -24.37 27.60
C LEU H 173 -10.73 -23.17 26.78
N ILE H 174 -11.63 -22.21 26.65
CA ILE H 174 -11.34 -20.97 25.94
C ILE H 174 -10.15 -20.20 26.55
N ASP H 175 -10.16 -20.05 27.87
CA ASP H 175 -9.07 -19.37 28.54
C ASP H 175 -7.74 -20.15 28.52
N LEU H 176 -7.81 -21.47 28.64
CA LEU H 176 -6.61 -22.23 29.03
C LEU H 176 -6.08 -23.25 28.01
N HIS H 177 -6.77 -23.46 26.89
CA HIS H 177 -6.13 -24.21 25.80
C HIS H 177 -4.89 -23.45 25.29
N ASN H 178 -3.77 -24.17 25.18
CA ASN H 178 -2.49 -23.58 24.74
C ASN H 178 -1.85 -22.61 25.75
N TYR H 179 -2.35 -22.62 26.98
CA TYR H 179 -1.76 -21.86 28.07
C TYR H 179 -0.31 -22.30 28.34
N ASN H 180 0.63 -21.36 28.20
CA ASN H 180 2.04 -21.65 28.42
C ASN H 180 2.36 -21.86 29.89
N LEU H 181 2.63 -23.10 30.28
CA LEU H 181 2.80 -23.42 31.70
C LEU H 181 4.20 -23.03 32.17
N GLY H 182 5.03 -22.57 31.24
CA GLY H 182 6.43 -22.28 31.53
C GLY H 182 7.33 -23.10 30.64
N GLU H 183 8.45 -22.51 30.22
CA GLU H 183 9.43 -23.20 29.38
C GLU H 183 8.87 -23.48 27.99
N ASN H 184 7.91 -22.67 27.56
CA ASN H 184 7.24 -22.92 26.28
C ASN H 184 6.59 -24.31 26.29
N HIS H 185 6.00 -24.67 27.42
CA HIS H 185 5.20 -25.88 27.53
C HIS H 185 3.73 -25.50 27.57
N HIS H 186 3.01 -25.87 26.53
CA HIS H 186 1.68 -25.33 26.30
C HIS H 186 0.59 -26.37 26.53
N LEU H 187 -0.23 -26.11 27.55
CA LEU H 187 -1.31 -27.00 27.93
C LEU H 187 -2.25 -27.25 26.75
N ARG H 188 -2.78 -28.47 26.70
CA ARG H 188 -3.83 -28.81 25.76
C ARG H 188 -5.08 -29.18 26.53
N VAL H 189 -6.19 -28.58 26.14
CA VAL H 189 -7.46 -28.84 26.80
C VAL H 189 -8.51 -29.33 25.79
N SER H 190 -9.20 -30.41 26.16
CA SER H 190 -10.21 -31.05 25.34
C SER H 190 -11.39 -31.41 26.24
N PHE H 191 -12.55 -31.67 25.66
CA PHE H 191 -13.65 -32.30 26.37
C PHE H 191 -13.38 -33.80 26.54
N SER H 192 -13.92 -34.38 27.60
CA SER H 192 -13.68 -35.78 27.92
C SER H 192 -15.00 -36.55 27.90
N LYS H 193 -14.96 -37.83 27.55
CA LYS H 193 -16.11 -38.72 27.72
C LYS H 193 -16.16 -39.38 29.10
N SER H 194 -15.14 -39.16 29.92
CA SER H 194 -15.00 -39.89 31.18
C SER H 194 -15.55 -39.10 32.36
N THR H 195 -15.71 -39.79 33.49
CA THR H 195 -15.99 -39.17 34.78
C THR H 195 -14.95 -39.60 35.81
N ILE H 196 -14.42 -38.64 36.56
CA ILE H 196 -13.59 -38.94 37.72
C ILE H 196 -14.42 -39.59 38.82
ZN ZN I . -13.27 9.77 11.49
CL CL J . -15.26 10.72 10.41
ZN ZN K . -9.85 32.65 -25.55
ZN ZN L . 33.57 -9.96 39.02
CL CL M . 31.72 -9.20 37.93
ZN ZN N . 24.60 18.31 -2.36
ZN ZN O . 41.38 8.15 -0.24
ZN ZN P . 12.12 -4.91 53.07
CL CL Q . 12.58 -4.21 50.68
CL CL R . 24.94 19.18 -4.45
ZN ZN S . 12.56 -16.19 -14.34
CL CL T . 14.08 -17.24 -13.30
ZN ZN U . 10.48 -28.88 27.36
ZN ZN V . -34.45 3.96 -41.60
CL CL W . -32.81 3.15 -40.46
ZN ZN X . -23.59 -11.62 5.58
CL CL Y . -24.18 -12.45 7.55
ZN ZN Z . -41.87 -11.89 -1.25
ZN ZN AA . -11.19 11.90 -49.62
CL CL BA . -11.41 11.18 -47.62
#